data_2FVM
#
_entry.id   2FVM
#
_cell.length_a   91.141
_cell.length_b   73.027
_cell.length_c   164.105
_cell.angle_alpha   90.00
_cell.angle_beta   91.98
_cell.angle_gamma   90.00
#
_symmetry.space_group_name_H-M   'P 1 21 1'
#
loop_
_entity.id
_entity.type
_entity.pdbx_description
1 polymer dihydropyrimidinase
2 non-polymer 'ZINC ION'
3 non-polymer N-(AMINOCARBONYL)-BETA-ALANINE
4 water water
#
_entity_poly.entity_id   1
_entity_poly.type   'polypeptide(L)'
_entity_poly.pdbx_seq_one_letter_code
;PIYDLIIKNGIICTASDIYAAEIAVNNGKVQLIAASIDPSLGSEVIDAEGAFITPGGIDAHVHVDEPLKLLGDVVDTMEH
ATRSAVAGGTTTVVAFSTQDVSKKGPSALAESVKLDVDEYSEQTLYCDYGLHLILFQIEKPSVEARELLDVQLQAAYNDY
GVSSV(KCX)MFMTYPGLQISDYDIMSAMYATRKNGFTTMLHAENGDMVKWMIEALEEQGLTDAYYHGVSRPSIVEGEAT
NRAITLATTMDTPILFVHVSSPQAAEVIKQAQTKGLKVYAETCPQYALLSDAITRCHHHGEVESYGVGIDLSSISESPFT
NPDDRFIGSKYICSPPIRPEGTQKSIWKGMNNGTFTIVGSDHCSYNYYEKTSTASKHRAFDPENNKNGEFRYIPNGLPGV
CTRMPLLYDYGYLRGNLTSMMKLVEIQCTNPAKVYGMYPQKGSILPGVSDADLVIWYPDDSKKEYNSKPKLITNKLMEHN
CDYTPFEGIEIKNWPRYTIVKGKIVYKEGEILKENADGKYLKRGKSFMCTPKNEWVTEWRPKYESPGDDDDKHHHHHHHH
SGD
;
_entity_poly.pdbx_strand_id   A,B,C,D
#
# COMPACT_ATOMS: atom_id res chain seq x y z
N PRO A 1 -2.93 31.21 55.26
CA PRO A 1 -3.51 29.99 54.67
C PRO A 1 -2.43 28.97 54.32
N ILE A 2 -2.83 27.71 54.14
CA ILE A 2 -1.90 26.60 53.87
C ILE A 2 -1.41 26.52 52.42
N TYR A 3 -2.26 26.96 51.49
CA TYR A 3 -1.90 26.97 50.06
C TYR A 3 -1.89 28.38 49.50
N ASP A 4 -1.02 28.63 48.52
CA ASP A 4 -0.97 29.90 47.80
C ASP A 4 -2.23 30.13 46.93
N LEU A 5 -2.73 29.07 46.31
CA LEU A 5 -3.75 29.21 45.28
C LEU A 5 -4.69 27.99 45.19
N ILE A 6 -5.99 28.25 45.06
CA ILE A 6 -6.98 27.19 44.83
C ILE A 6 -7.80 27.50 43.59
N ILE A 7 -7.90 26.54 42.67
CA ILE A 7 -8.80 26.66 41.51
C ILE A 7 -10.08 25.82 41.71
N LYS A 8 -11.22 26.51 41.80
CA LYS A 8 -12.51 25.89 42.09
C LYS A 8 -13.45 25.88 40.88
N ASN A 9 -14.42 24.97 40.89
CA ASN A 9 -15.51 24.89 39.89
C ASN A 9 -15.07 24.69 38.43
N GLY A 10 -13.88 24.14 38.24
CA GLY A 10 -13.35 23.95 36.89
C GLY A 10 -13.41 22.51 36.43
N ILE A 11 -13.16 22.29 35.14
CA ILE A 11 -13.11 20.94 34.55
C ILE A 11 -11.68 20.60 34.10
N ILE A 12 -11.07 19.64 34.77
CA ILE A 12 -9.68 19.25 34.49
C ILE A 12 -9.56 18.44 33.20
N CYS A 13 -8.68 18.87 32.31
CA CYS A 13 -8.39 18.15 31.06
CA CYS A 13 -8.40 18.11 31.11
C CYS A 13 -6.93 17.70 31.06
N THR A 14 -6.70 16.41 30.90
CA THR A 14 -5.35 15.87 30.74
C THR A 14 -5.25 15.15 29.39
N ALA A 15 -4.13 14.48 29.14
CA ALA A 15 -3.94 13.77 27.88
C ALA A 15 -4.83 12.53 27.77
N SER A 16 -5.42 12.10 28.88
CA SER A 16 -6.28 10.91 28.86
C SER A 16 -7.58 10.96 29.69
N ASP A 17 -7.88 12.11 30.33
CA ASP A 17 -9.07 12.27 31.17
C ASP A 17 -9.70 13.66 31.12
N ILE A 18 -11.02 13.71 31.27
CA ILE A 18 -11.77 14.95 31.39
C ILE A 18 -12.73 14.78 32.58
N TYR A 19 -12.61 15.64 33.59
CA TYR A 19 -13.45 15.53 34.78
C TYR A 19 -13.45 16.79 35.65
N ALA A 20 -14.55 16.97 36.39
CA ALA A 20 -14.73 18.07 37.32
C ALA A 20 -14.04 17.77 38.64
N ALA A 21 -13.07 18.62 38.99
CA ALA A 21 -12.35 18.50 40.26
C ALA A 21 -11.68 19.83 40.55
N GLU A 22 -11.15 19.98 41.76
CA GLU A 22 -10.48 21.22 42.14
C GLU A 22 -8.99 21.00 42.47
N ILE A 23 -8.19 22.06 42.30
CA ILE A 23 -6.73 21.99 42.43
C ILE A 23 -6.20 22.98 43.47
N ALA A 24 -5.31 22.49 44.33
CA ALA A 24 -4.57 23.33 45.25
C ALA A 24 -3.11 23.44 44.80
N VAL A 25 -2.55 24.63 44.96
CA VAL A 25 -1.22 24.96 44.51
C VAL A 25 -0.45 25.63 45.64
N ASN A 26 0.80 25.20 45.83
CA ASN A 26 1.70 25.83 46.80
C ASN A 26 3.16 25.65 46.41
N ASN A 27 3.95 26.68 46.69
CA ASN A 27 5.40 26.70 46.46
C ASN A 27 5.76 26.35 45.03
N GLY A 28 4.97 26.86 44.09
CA GLY A 28 5.22 26.65 42.67
C GLY A 28 4.74 25.35 42.06
N LYS A 29 4.10 24.50 42.85
CA LYS A 29 3.70 23.17 42.38
C LYS A 29 2.25 22.81 42.66
N VAL A 30 1.73 21.88 41.86
CA VAL A 30 0.43 21.26 42.12
C VAL A 30 0.59 20.45 43.42
N GLN A 31 -0.30 20.68 44.38
CA GLN A 31 -0.21 19.99 45.68
C GLN A 31 -1.27 18.89 45.87
N LEU A 32 -2.42 19.07 45.25
CA LEU A 32 -3.61 18.29 45.60
C LEU A 32 -4.69 18.39 44.52
N ILE A 33 -5.33 17.27 44.21
CA ILE A 33 -6.57 17.27 43.45
C ILE A 33 -7.63 16.62 44.33
N ALA A 34 -8.79 17.27 44.48
CA ALA A 34 -9.94 16.73 45.22
C ALA A 34 -11.25 17.30 44.69
N ALA A 35 -12.37 16.69 45.07
CA ALA A 35 -13.70 17.14 44.65
C ALA A 35 -13.98 18.61 45.02
N SER A 36 -13.64 18.96 46.26
CA SER A 36 -13.93 20.28 46.83
C SER A 36 -12.91 20.68 47.91
N ILE A 37 -12.29 21.83 47.72
CA ILE A 37 -11.28 22.36 48.65
C ILE A 37 -11.82 23.61 49.37
N ASP A 38 -11.80 23.60 50.71
CA ASP A 38 -12.24 24.74 51.52
C ASP A 38 -11.52 26.04 51.08
N PRO A 39 -12.28 27.04 50.61
CA PRO A 39 -11.62 28.29 50.18
C PRO A 39 -10.80 29.04 51.26
N SER A 40 -11.07 28.83 52.55
CA SER A 40 -10.27 29.47 53.61
C SER A 40 -8.86 28.90 53.71
N LEU A 41 -8.59 27.82 52.97
CA LEU A 41 -7.28 27.17 52.96
C LEU A 41 -6.30 27.80 51.98
N GLY A 42 -6.80 28.69 51.12
CA GLY A 42 -5.99 29.33 50.09
C GLY A 42 -5.84 30.84 50.23
N SER A 43 -4.66 31.36 49.91
CA SER A 43 -4.42 32.82 49.95
C SER A 43 -5.18 33.49 48.82
N GLU A 44 -5.30 32.78 47.71
CA GLU A 44 -5.99 33.25 46.52
C GLU A 44 -6.89 32.15 45.97
N VAL A 45 -8.11 32.53 45.62
CA VAL A 45 -9.09 31.59 45.08
C VAL A 45 -9.60 32.07 43.73
N ILE A 46 -9.52 31.19 42.73
CA ILE A 46 -10.03 31.44 41.38
C ILE A 46 -11.24 30.55 41.09
N ASP A 47 -12.37 31.19 40.79
CA ASP A 47 -13.57 30.49 40.34
C ASP A 47 -13.52 30.35 38.82
N ALA A 48 -13.29 29.13 38.34
CA ALA A 48 -13.21 28.85 36.91
C ALA A 48 -14.55 28.85 36.17
N GLU A 49 -15.66 28.88 36.91
CA GLU A 49 -17.01 28.99 36.35
C GLU A 49 -17.34 27.93 35.30
N GLY A 50 -16.90 26.69 35.56
CA GLY A 50 -17.19 25.55 34.68
C GLY A 50 -16.29 25.41 33.46
N ALA A 51 -15.31 26.29 33.31
CA ALA A 51 -14.42 26.22 32.15
C ALA A 51 -13.43 25.08 32.28
N PHE A 52 -12.85 24.68 31.15
CA PHE A 52 -11.73 23.72 31.14
C PHE A 52 -10.47 24.32 31.79
N ILE A 53 -9.74 23.47 32.51
CA ILE A 53 -8.39 23.77 32.95
C ILE A 53 -7.47 22.79 32.25
N THR A 54 -6.48 23.31 31.53
CA THR A 54 -5.50 22.47 30.86
C THR A 54 -4.13 22.70 31.47
N PRO A 55 -3.19 21.77 31.25
CA PRO A 55 -1.81 22.10 31.59
C PRO A 55 -1.39 23.22 30.67
N GLY A 56 -0.37 23.97 31.05
CA GLY A 56 0.19 24.97 30.16
C GLY A 56 0.70 24.31 28.89
N GLY A 57 0.61 25.03 27.78
CA GLY A 57 1.16 24.56 26.51
C GLY A 57 2.69 24.51 26.54
N ILE A 58 3.25 23.55 25.80
CA ILE A 58 4.70 23.43 25.63
C ILE A 58 5.01 23.48 24.13
N ASP A 59 5.62 24.58 23.70
CA ASP A 59 5.99 24.78 22.30
C ASP A 59 7.47 24.53 22.14
N ALA A 60 7.80 23.38 21.55
CA ALA A 60 9.20 22.96 21.43
C ALA A 60 9.81 23.33 20.08
N HIS A 61 9.19 24.30 19.39
CA HIS A 61 9.72 24.80 18.16
C HIS A 61 9.56 26.33 18.03
N VAL A 62 10.40 27.04 18.78
CA VAL A 62 10.38 28.51 18.84
C VAL A 62 11.75 29.08 18.43
N HIS A 63 11.75 30.12 17.61
CA HIS A 63 13.00 30.80 17.24
C HIS A 63 13.05 32.19 17.84
N VAL A 64 14.10 32.46 18.61
CA VAL A 64 14.31 33.79 19.18
C VAL A 64 15.65 34.35 18.70
N ASP A 65 15.81 35.65 18.85
CA ASP A 65 17.08 36.28 18.51
C ASP A 65 18.22 35.68 19.34
N GLU A 66 19.26 35.22 18.65
CA GLU A 66 20.45 34.66 19.32
C GLU A 66 21.73 35.26 18.75
N PRO A 67 22.82 35.26 19.54
CA PRO A 67 24.01 36.05 19.18
C PRO A 67 24.72 35.64 17.89
N LEU A 68 24.60 34.39 17.46
CA LEU A 68 25.24 33.97 16.21
C LEU A 68 24.46 34.30 14.93
N LYS A 69 23.22 34.77 15.11
CA LYS A 69 22.34 35.28 14.02
C LYS A 69 22.20 34.29 12.86
N LEU A 70 21.95 33.02 13.19
CA LEU A 70 21.77 31.97 12.19
C LEU A 70 20.66 32.32 11.19
N LEU A 71 19.54 32.82 11.70
CA LEU A 71 18.41 33.22 10.85
C LEU A 71 18.37 34.73 10.65
N GLY A 72 19.54 35.36 10.57
CA GLY A 72 19.66 36.82 10.63
C GLY A 72 19.12 37.35 11.96
N ASP A 73 18.80 38.64 12.00
CA ASP A 73 18.17 39.23 13.19
C ASP A 73 16.68 38.91 13.23
N VAL A 74 16.24 38.45 14.40
CA VAL A 74 14.85 38.09 14.66
C VAL A 74 14.27 39.12 15.65
N VAL A 75 13.03 39.55 15.46
CA VAL A 75 12.48 40.63 16.29
C VAL A 75 12.26 40.28 17.78
N ASP A 76 11.94 39.03 18.05
CA ASP A 76 11.66 38.60 19.42
C ASP A 76 12.89 38.11 20.17
N THR A 77 13.12 38.68 21.35
CA THR A 77 14.02 38.11 22.33
C THR A 77 13.28 37.02 23.10
N MET A 78 14.00 36.32 23.97
CA MET A 78 13.37 35.36 24.86
C MET A 78 12.35 36.06 25.79
N GLU A 79 12.65 37.29 26.21
CA GLU A 79 11.68 38.13 26.94
C GLU A 79 10.36 38.29 26.17
N HIS A 80 10.44 38.70 24.90
CA HIS A 80 9.26 38.92 24.08
C HIS A 80 8.51 37.63 23.77
N ALA A 81 9.24 36.55 23.46
CA ALA A 81 8.64 35.29 23.06
C ALA A 81 7.88 34.66 24.22
N THR A 82 8.47 34.67 25.41
CA THR A 82 7.82 34.08 26.60
C THR A 82 6.62 34.90 27.05
N ARG A 83 6.71 36.23 26.94
CA ARG A 83 5.54 37.10 27.17
C ARG A 83 4.38 36.76 26.23
N SER A 84 4.69 36.60 24.95
CA SER A 84 3.73 36.23 23.92
C SER A 84 3.16 34.82 24.17
N ALA A 85 4.05 33.90 24.53
CA ALA A 85 3.66 32.54 24.87
C ALA A 85 2.59 32.55 25.97
N VAL A 86 2.91 33.21 27.08
CA VAL A 86 2.06 33.26 28.27
C VAL A 86 0.70 33.91 27.98
N ALA A 87 0.70 34.95 27.16
CA ALA A 87 -0.54 35.59 26.73
C ALA A 87 -1.42 34.64 25.88
N GLY A 88 -0.81 33.57 25.37
CA GLY A 88 -1.53 32.61 24.55
C GLY A 88 -1.66 31.23 25.16
N GLY A 89 -1.30 31.13 26.45
CA GLY A 89 -1.51 29.90 27.20
C GLY A 89 -0.39 28.88 27.14
N THR A 90 0.76 29.29 26.61
CA THR A 90 1.95 28.45 26.55
C THR A 90 2.89 28.81 27.72
N THR A 91 3.33 27.81 28.47
CA THR A 91 4.07 28.05 29.71
C THR A 91 5.52 27.49 29.72
N THR A 92 5.89 26.79 28.65
CA THR A 92 7.26 26.40 28.40
C THR A 92 7.54 26.50 26.91
N VAL A 93 8.68 27.10 26.57
CA VAL A 93 9.16 27.13 25.19
C VAL A 93 10.54 26.50 25.10
N VAL A 94 10.82 25.86 23.96
CA VAL A 94 12.16 25.35 23.69
C VAL A 94 12.65 26.00 22.39
N ALA A 95 13.73 26.77 22.51
CA ALA A 95 14.33 27.43 21.36
C ALA A 95 15.59 26.67 20.91
N PHE A 96 16.48 27.35 20.19
CA PHE A 96 17.57 26.68 19.48
C PHE A 96 18.92 27.34 19.73
N SER A 97 19.92 26.52 20.05
CA SER A 97 21.30 26.97 20.16
C SER A 97 22.11 26.65 18.90
N THR A 98 22.70 27.69 18.30
CA THR A 98 23.47 27.54 17.08
C THR A 98 24.89 27.06 17.39
N GLN A 99 25.25 25.91 16.83
CA GLN A 99 26.63 25.43 16.92
C GLN A 99 27.60 26.55 16.54
N ASP A 100 28.56 26.81 17.41
CA ASP A 100 29.56 27.86 17.20
C ASP A 100 30.84 27.25 16.65
N VAL A 101 31.05 27.37 15.33
CA VAL A 101 32.18 26.72 14.65
C VAL A 101 33.56 27.26 15.06
N SER A 102 33.55 28.36 15.82
CA SER A 102 34.80 28.93 16.34
C SER A 102 35.30 28.21 17.60
N LYS A 103 34.42 27.53 18.34
CA LYS A 103 34.84 26.75 19.52
C LYS A 103 35.29 25.34 19.12
N LYS A 104 36.39 24.88 19.69
CA LYS A 104 36.95 23.55 19.39
C LYS A 104 37.05 22.65 20.62
N GLY A 105 37.30 21.37 20.37
CA GLY A 105 37.51 20.43 21.46
C GLY A 105 36.24 19.93 22.16
N PRO A 106 36.43 19.26 23.32
CA PRO A 106 35.36 18.59 24.09
C PRO A 106 34.21 19.49 24.51
N SER A 107 34.49 20.76 24.80
CA SER A 107 33.46 21.68 25.30
C SER A 107 32.75 22.52 24.22
N ALA A 108 33.07 22.30 22.94
CA ALA A 108 32.60 23.16 21.85
C ALA A 108 31.07 23.34 21.76
N LEU A 109 30.33 22.27 22.03
CA LEU A 109 28.89 22.34 21.94
C LEU A 109 28.24 22.91 23.22
N ALA A 110 28.83 22.59 24.38
CA ALA A 110 28.43 23.19 25.65
C ALA A 110 28.61 24.71 25.63
N GLU A 111 29.75 25.15 25.11
CA GLU A 111 30.05 26.56 24.87
C GLU A 111 29.04 27.26 23.94
N SER A 112 28.44 26.51 23.01
CA SER A 112 27.41 27.05 22.11
C SER A 112 26.14 27.38 22.88
N VAL A 113 25.79 26.50 23.82
CA VAL A 113 24.59 26.69 24.64
C VAL A 113 24.80 27.85 25.62
N LYS A 114 26.02 27.97 26.14
CA LYS A 114 26.37 29.00 27.12
C LYS A 114 26.08 30.41 26.58
N LEU A 115 26.36 30.64 25.30
CA LEU A 115 26.11 31.95 24.68
C LEU A 115 24.65 32.34 24.87
N ASP A 116 23.75 31.39 24.66
CA ASP A 116 22.32 31.66 24.74
C ASP A 116 21.86 31.87 26.18
N VAL A 117 22.21 30.93 27.06
CA VAL A 117 21.87 31.02 28.48
C VAL A 117 22.32 32.36 29.09
N ASP A 118 23.58 32.72 28.85
CA ASP A 118 24.14 33.96 29.37
C ASP A 118 23.39 35.20 28.91
N GLU A 119 23.02 35.22 27.62
CA GLU A 119 22.30 36.35 27.08
C GLU A 119 20.88 36.46 27.65
N TYR A 120 20.19 35.33 27.83
CA TYR A 120 18.81 35.40 28.29
C TYR A 120 18.70 35.57 29.81
N SER A 121 19.82 35.36 30.51
CA SER A 121 19.82 35.45 31.97
C SER A 121 19.58 36.88 32.48
N GLU A 122 19.77 37.86 31.60
CA GLU A 122 19.54 39.27 31.95
C GLU A 122 18.14 39.79 31.55
N GLN A 123 17.41 39.01 30.76
CA GLN A 123 16.09 39.44 30.30
C GLN A 123 15.02 39.04 31.31
N THR A 124 13.88 39.72 31.28
CA THR A 124 12.74 39.32 32.09
C THR A 124 12.06 38.16 31.39
N LEU A 125 11.95 37.02 32.08
CA LEU A 125 11.38 35.81 31.50
C LEU A 125 10.04 35.47 32.15
N TYR A 126 8.99 35.41 31.32
CA TYR A 126 7.64 35.21 31.81
C TYR A 126 7.31 33.73 32.07
N CYS A 127 8.10 32.85 31.46
CA CYS A 127 7.99 31.40 31.71
C CYS A 127 9.33 30.72 31.44
N ASP A 128 9.44 29.45 31.81
CA ASP A 128 10.66 28.67 31.61
C ASP A 128 10.93 28.38 30.14
N TYR A 129 12.21 28.16 29.82
CA TYR A 129 12.62 27.82 28.46
C TYR A 129 13.76 26.81 28.47
N GLY A 130 13.80 26.00 27.43
CA GLY A 130 14.90 25.06 27.18
C GLY A 130 15.49 25.32 25.81
N LEU A 131 16.53 24.55 25.47
CA LEU A 131 17.22 24.71 24.20
C LEU A 131 17.52 23.39 23.49
N HIS A 132 17.26 23.37 22.18
CA HIS A 132 17.74 22.34 21.28
C HIS A 132 19.09 22.82 20.73
N LEU A 133 19.92 21.86 20.29
CA LEU A 133 21.20 22.21 19.67
C LEU A 133 21.11 21.99 18.15
N ILE A 134 21.52 23.00 17.37
CA ILE A 134 21.55 22.87 15.91
C ILE A 134 22.95 22.50 15.43
N LEU A 135 23.03 21.44 14.62
CA LEU A 135 24.31 20.94 14.08
C LEU A 135 24.37 21.03 12.54
N PHE A 136 25.38 21.71 12.03
CA PHE A 136 25.57 21.87 10.59
C PHE A 136 27.01 21.62 10.11
N GLN A 137 27.94 21.42 11.04
CA GLN A 137 29.32 21.09 10.70
C GLN A 137 29.72 19.80 11.41
N ILE A 138 29.85 18.72 10.63
CA ILE A 138 30.21 17.41 11.16
C ILE A 138 31.59 17.03 10.60
N GLU A 139 32.48 16.56 11.48
CA GLU A 139 33.85 16.20 11.10
C GLU A 139 33.88 14.91 10.27
N LYS A 140 34.84 14.81 9.36
CA LYS A 140 35.00 13.64 8.50
C LYS A 140 36.45 13.14 8.57
N PRO A 141 36.67 11.84 8.30
CA PRO A 141 35.69 10.74 8.14
C PRO A 141 35.03 10.33 9.48
N SER A 142 33.96 9.54 9.41
CA SER A 142 33.12 9.23 10.59
C SER A 142 33.80 8.53 11.78
N VAL A 143 34.55 7.46 11.50
CA VAL A 143 35.16 6.63 12.55
C VAL A 143 36.11 7.42 13.46
N GLU A 144 37.08 8.12 12.87
CA GLU A 144 38.05 8.94 13.61
C GLU A 144 37.39 10.05 14.40
N ALA A 145 36.25 10.55 13.91
CA ALA A 145 35.52 11.64 14.55
C ALA A 145 34.67 11.21 15.74
N ARG A 146 34.32 9.93 15.79
CA ARG A 146 33.28 9.44 16.72
C ARG A 146 33.50 9.88 18.17
N GLU A 147 34.71 9.70 18.69
CA GLU A 147 35.03 10.04 20.09
C GLU A 147 34.74 11.50 20.47
N LEU A 148 35.26 12.43 19.68
CA LEU A 148 35.06 13.87 19.94
C LEU A 148 33.58 14.25 19.95
N LEU A 149 32.83 13.88 18.90
CA LEU A 149 31.41 14.22 18.81
C LEU A 149 30.61 13.67 19.99
N ASP A 150 30.85 12.39 20.30
CA ASP A 150 30.27 11.68 21.42
C ASP A 150 30.60 12.42 22.73
N VAL A 151 31.89 12.71 22.95
CA VAL A 151 32.32 13.48 24.12
C VAL A 151 31.66 14.86 24.19
N GLN A 152 31.51 15.52 23.03
CA GLN A 152 30.88 16.84 22.96
C GLN A 152 29.40 16.84 23.35
N LEU A 153 28.67 15.80 22.95
CA LEU A 153 27.25 15.68 23.32
C LEU A 153 27.10 15.43 24.83
N GLN A 154 28.00 14.63 25.39
CA GLN A 154 28.02 14.38 26.83
C GLN A 154 28.22 15.66 27.62
N ALA A 155 29.17 16.49 27.19
CA ALA A 155 29.46 17.75 27.88
C ALA A 155 28.30 18.73 27.78
N ALA A 156 27.61 18.72 26.64
CA ALA A 156 26.45 19.58 26.46
C ALA A 156 25.31 19.14 27.38
N TYR A 157 25.14 17.82 27.53
CA TYR A 157 24.12 17.30 28.45
C TYR A 157 24.51 17.51 29.91
N ASN A 158 25.75 17.16 30.26
CA ASN A 158 26.20 17.23 31.66
C ASN A 158 26.18 18.66 32.21
N ASP A 159 26.55 19.62 31.38
CA ASP A 159 26.65 21.00 31.82
C ASP A 159 25.37 21.82 31.69
N TYR A 160 24.56 21.56 30.67
CA TYR A 160 23.41 22.42 30.38
C TYR A 160 22.07 21.70 30.20
N GLY A 161 22.06 20.38 30.38
CA GLY A 161 20.84 19.59 30.26
C GLY A 161 20.21 19.65 28.87
N VAL A 162 21.05 19.72 27.85
CA VAL A 162 20.60 19.66 26.45
C VAL A 162 20.65 18.19 26.01
N SER A 163 19.51 17.68 25.53
CA SER A 163 19.39 16.28 25.13
C SER A 163 18.76 16.11 23.75
N SER A 164 18.77 17.17 22.96
CA SER A 164 18.20 17.12 21.62
C SER A 164 19.09 17.81 20.58
N VAL A 165 19.13 17.22 19.40
CA VAL A 165 19.97 17.72 18.30
C VAL A 165 19.14 17.86 17.04
N MET A 167 19.07 18.84 12.86
CA MET A 167 19.80 18.90 11.60
C MET A 167 18.88 19.17 10.39
N PHE A 168 19.48 19.72 9.33
CA PHE A 168 18.74 20.14 8.13
C PHE A 168 19.17 19.35 6.88
N MET A 169 18.20 18.97 6.05
CA MET A 169 18.50 18.34 4.76
C MET A 169 18.38 19.33 3.59
N THR A 170 18.06 20.59 3.91
CA THR A 170 17.96 21.70 2.94
C THR A 170 18.55 22.99 3.54
N TYR A 171 18.53 24.09 2.78
CA TYR A 171 19.14 25.41 3.14
C TYR A 171 20.65 25.41 2.92
N PRO A 172 21.14 26.31 2.05
CA PRO A 172 22.60 26.51 1.91
C PRO A 172 23.22 26.95 3.24
N GLY A 173 24.29 26.30 3.67
CA GLY A 173 24.93 26.62 4.95
C GLY A 173 24.46 25.73 6.08
N LEU A 174 23.31 25.08 5.89
CA LEU A 174 22.73 24.21 6.92
C LEU A 174 22.58 22.76 6.46
N GLN A 175 22.28 22.55 5.17
CA GLN A 175 22.11 21.21 4.61
C GLN A 175 23.37 20.36 4.81
N ILE A 176 23.16 19.17 5.36
CA ILE A 176 24.24 18.21 5.55
C ILE A 176 23.93 16.93 4.79
N SER A 177 24.97 16.26 4.30
CA SER A 177 24.87 15.03 3.51
C SER A 177 24.32 13.88 4.34
N ASP A 178 23.84 12.83 3.66
CA ASP A 178 23.40 11.59 4.32
C ASP A 178 24.51 10.98 5.19
N TYR A 179 25.73 10.99 4.67
CA TYR A 179 26.90 10.46 5.36
C TYR A 179 27.03 11.08 6.75
N ASP A 180 27.04 12.42 6.81
CA ASP A 180 27.15 13.17 8.07
C ASP A 180 25.97 12.97 9.01
N ILE A 181 24.77 12.80 8.46
CA ILE A 181 23.61 12.49 9.29
C ILE A 181 23.81 11.16 10.04
N MET A 182 24.34 10.15 9.34
CA MET A 182 24.62 8.85 9.93
C MET A 182 25.65 8.98 11.06
N SER A 183 26.72 9.78 10.84
CA SER A 183 27.72 10.05 11.91
C SER A 183 27.07 10.64 13.16
N ALA A 184 26.17 11.60 12.96
CA ALA A 184 25.44 12.22 14.07
C ALA A 184 24.53 11.22 14.77
N MET A 185 23.78 10.46 13.98
CA MET A 185 22.89 9.44 14.52
C MET A 185 23.64 8.44 15.39
N TYR A 186 24.88 8.14 15.01
CA TYR A 186 25.73 7.23 15.75
C TYR A 186 25.92 7.77 17.16
N ALA A 187 26.28 9.04 17.27
CA ALA A 187 26.52 9.68 18.55
C ALA A 187 25.24 9.89 19.35
N THR A 188 24.15 10.29 18.69
CA THR A 188 22.92 10.61 19.43
C THR A 188 22.25 9.36 20.01
N ARG A 189 22.20 8.27 19.23
CA ARG A 189 21.67 7.01 19.72
C ARG A 189 22.44 6.56 20.96
N LYS A 190 23.77 6.60 20.87
CA LYS A 190 24.65 6.22 21.98
C LYS A 190 24.36 7.02 23.27
N ASN A 191 23.96 8.28 23.11
CA ASN A 191 23.71 9.18 24.26
C ASN A 191 22.24 9.38 24.58
N GLY A 192 21.36 8.64 23.92
CA GLY A 192 19.93 8.72 24.19
C GLY A 192 19.30 10.07 23.91
N PHE A 193 19.89 10.82 22.99
CA PHE A 193 19.41 12.14 22.57
C PHE A 193 18.16 12.03 21.72
N THR A 194 17.45 13.14 21.57
CA THR A 194 16.31 13.21 20.66
C THR A 194 16.83 13.80 19.37
N THR A 195 16.73 13.04 18.28
CA THR A 195 17.26 13.44 16.99
C THR A 195 16.16 14.05 16.14
N MET A 196 16.35 15.30 15.71
CA MET A 196 15.37 16.08 14.93
C MET A 196 15.84 16.36 13.53
N LEU A 197 14.96 16.20 12.54
CA LEU A 197 15.30 16.53 11.15
C LEU A 197 14.30 17.42 10.42
N HIS A 198 14.83 18.43 9.73
CA HIS A 198 14.07 19.16 8.72
C HIS A 198 14.30 18.43 7.39
N ALA A 199 13.26 17.75 6.90
CA ALA A 199 13.41 16.86 5.75
C ALA A 199 12.79 17.42 4.45
N GLU A 200 13.55 18.25 3.75
CA GLU A 200 13.27 18.65 2.38
C GLU A 200 14.51 18.36 1.55
N ASN A 201 14.35 17.87 0.32
CA ASN A 201 15.51 17.64 -0.54
C ASN A 201 16.13 18.97 -1.04
N GLY A 202 17.23 19.36 -0.41
CA GLY A 202 17.93 20.62 -0.72
C GLY A 202 18.37 20.79 -2.15
N ASP A 203 18.82 19.69 -2.77
CA ASP A 203 19.27 19.71 -4.17
C ASP A 203 18.12 20.02 -5.12
N MET A 204 16.97 19.39 -4.91
CA MET A 204 15.76 19.66 -5.69
C MET A 204 15.28 21.10 -5.53
N VAL A 205 15.28 21.59 -4.29
CA VAL A 205 14.92 22.99 -3.99
C VAL A 205 15.82 23.97 -4.74
N LYS A 206 17.13 23.79 -4.61
CA LYS A 206 18.14 24.64 -5.25
C LYS A 206 17.98 24.67 -6.78
N TRP A 207 17.83 23.50 -7.40
CA TRP A 207 17.69 23.37 -8.84
C TRP A 207 16.47 24.10 -9.36
N MET A 208 15.33 23.83 -8.72
CA MET A 208 14.04 24.42 -9.12
C MET A 208 13.97 25.94 -8.90
N ILE A 209 14.58 26.47 -7.84
CA ILE A 209 14.63 27.92 -7.67
C ILE A 209 15.36 28.59 -8.83
N GLU A 210 16.49 28.00 -9.24
CA GLU A 210 17.28 28.54 -10.36
C GLU A 210 16.50 28.48 -11.68
N ALA A 211 15.72 27.41 -11.87
CA ALA A 211 14.87 27.27 -13.06
C ALA A 211 13.78 28.33 -13.12
N LEU A 212 13.21 28.66 -11.97
CA LEU A 212 12.15 29.66 -11.88
C LEU A 212 12.66 31.08 -12.09
N GLU A 213 13.81 31.40 -11.46
CA GLU A 213 14.46 32.71 -11.65
C GLU A 213 14.86 32.94 -13.09
N GLU A 214 15.32 31.88 -13.78
CA GLU A 214 15.67 31.94 -15.20
C GLU A 214 14.49 32.38 -16.07
N GLN A 215 13.28 32.03 -15.63
CA GLN A 215 12.05 32.45 -16.32
C GLN A 215 11.46 33.74 -15.74
N GLY A 216 12.13 34.32 -14.75
CA GLY A 216 11.70 35.57 -14.11
C GLY A 216 10.54 35.41 -13.14
N LEU A 217 10.30 34.18 -12.69
CA LEU A 217 9.18 33.90 -11.80
C LEU A 217 9.63 33.99 -10.33
N THR A 218 9.65 35.21 -9.81
CA THR A 218 10.33 35.53 -8.57
C THR A 218 9.43 36.01 -7.42
N ASP A 219 8.16 36.26 -7.72
CA ASP A 219 7.17 36.66 -6.72
C ASP A 219 7.02 35.64 -5.58
N ALA A 220 6.58 36.11 -4.42
CA ALA A 220 6.49 35.29 -3.20
C ALA A 220 5.77 33.96 -3.41
N TYR A 221 4.75 33.94 -4.27
CA TYR A 221 3.98 32.71 -4.54
C TYR A 221 4.82 31.58 -5.12
N TYR A 222 5.87 31.91 -5.85
CA TYR A 222 6.72 30.88 -6.46
C TYR A 222 7.67 30.18 -5.48
N HIS A 223 7.64 30.60 -4.21
CA HIS A 223 8.30 29.90 -3.11
C HIS A 223 7.73 28.48 -2.98
N GLY A 224 6.41 28.39 -2.97
CA GLY A 224 5.72 27.11 -2.96
C GLY A 224 6.00 26.27 -4.18
N VAL A 225 5.99 26.90 -5.37
CA VAL A 225 6.21 26.16 -6.62
C VAL A 225 7.61 25.55 -6.71
N SER A 226 8.60 26.20 -6.10
CA SER A 226 9.99 25.74 -6.14
C SER A 226 10.23 24.44 -5.37
N ARG A 227 9.30 24.08 -4.49
CA ARG A 227 9.50 22.92 -3.60
C ARG A 227 8.17 22.22 -3.23
N PRO A 228 7.52 21.55 -4.21
CA PRO A 228 6.23 20.90 -3.97
C PRO A 228 6.33 19.72 -2.99
N SER A 229 5.19 19.22 -2.51
CA SER A 229 5.13 18.20 -1.44
C SER A 229 5.98 16.92 -1.64
N ILE A 230 6.15 16.51 -2.90
CA ILE A 230 6.96 15.37 -3.30
C ILE A 230 8.45 15.51 -2.87
N VAL A 231 8.92 16.75 -2.75
CA VAL A 231 10.28 17.05 -2.31
C VAL A 231 10.45 16.77 -0.80
N GLU A 232 9.47 17.18 0.01
CA GLU A 232 9.45 16.87 1.44
C GLU A 232 9.23 15.36 1.68
N GLY A 233 8.40 14.76 0.83
CA GLY A 233 8.16 13.31 0.87
C GLY A 233 9.40 12.47 0.62
N GLU A 234 10.13 12.77 -0.45
CA GLU A 234 11.36 12.08 -0.77
C GLU A 234 12.37 12.10 0.38
N ALA A 235 12.66 13.30 0.90
CA ALA A 235 13.70 13.48 1.93
C ALA A 235 13.30 12.83 3.24
N THR A 236 12.01 12.87 3.57
CA THR A 236 11.48 12.18 4.74
C THR A 236 11.66 10.66 4.61
N ASN A 237 11.40 10.12 3.43
CA ASN A 237 11.66 8.71 3.11
C ASN A 237 13.13 8.33 3.26
N ARG A 238 14.01 9.20 2.74
CA ARG A 238 15.45 8.99 2.85
C ARG A 238 15.91 8.97 4.32
N ALA A 239 15.41 9.92 5.11
CA ALA A 239 15.78 10.07 6.51
C ALA A 239 15.29 8.90 7.38
N ILE A 240 14.07 8.42 7.12
CA ILE A 240 13.59 7.19 7.74
C ILE A 240 14.56 6.04 7.44
N THR A 241 14.91 5.86 6.17
CA THR A 241 15.87 4.81 5.77
C THR A 241 17.19 4.90 6.56
N LEU A 242 17.74 6.10 6.73
CA LEU A 242 18.95 6.31 7.54
C LEU A 242 18.74 5.88 8.99
N ALA A 243 17.63 6.34 9.59
CA ALA A 243 17.29 6.04 10.99
C ALA A 243 17.12 4.54 11.20
N THR A 244 16.58 3.86 10.19
CA THR A 244 16.39 2.41 10.24
C THR A 244 17.73 1.68 10.24
N THR A 245 18.60 2.02 9.29
CA THR A 245 19.95 1.48 9.25
C THR A 245 20.72 1.72 10.54
N MET A 246 20.46 2.86 11.19
CA MET A 246 21.23 3.26 12.37
C MET A 246 20.52 2.99 13.71
N ASP A 247 19.35 2.34 13.65
CA ASP A 247 18.50 2.07 14.81
C ASP A 247 18.40 3.27 15.76
N THR A 248 18.08 4.41 15.18
CA THR A 248 18.07 5.66 15.92
C THR A 248 16.68 6.28 15.87
N PRO A 249 16.05 6.50 17.04
CA PRO A 249 14.80 7.26 17.10
C PRO A 249 14.93 8.62 16.41
N ILE A 250 13.88 9.04 15.72
CA ILE A 250 13.91 10.25 14.92
C ILE A 250 12.60 11.05 14.99
N LEU A 251 12.72 12.38 15.10
CA LEU A 251 11.55 13.27 15.03
C LEU A 251 11.64 14.21 13.82
N PHE A 252 10.59 14.21 13.01
CA PHE A 252 10.47 15.14 11.89
C PHE A 252 9.74 16.42 12.31
N VAL A 253 10.40 17.56 12.14
CA VAL A 253 9.81 18.85 12.48
C VAL A 253 8.91 19.39 11.36
N HIS A 254 7.94 20.24 11.74
CA HIS A 254 6.98 20.89 10.83
C HIS A 254 6.65 20.11 9.54
N VAL A 255 6.01 18.96 9.70
CA VAL A 255 5.62 18.13 8.57
C VAL A 255 4.38 18.76 7.92
N SER A 256 4.40 18.85 6.59
CA SER A 256 3.33 19.52 5.84
C SER A 256 2.91 18.76 4.59
N SER A 257 3.70 17.73 4.24
CA SER A 257 3.51 16.98 2.99
C SER A 257 2.73 15.67 3.20
N PRO A 258 1.67 15.45 2.40
CA PRO A 258 0.95 14.17 2.49
C PRO A 258 1.84 12.96 2.24
N GLN A 259 2.80 13.08 1.31
CA GLN A 259 3.73 11.98 1.01
C GLN A 259 4.66 11.71 2.17
N ALA A 260 5.08 12.76 2.88
CA ALA A 260 5.87 12.62 4.09
C ALA A 260 5.06 11.93 5.19
N ALA A 261 3.83 12.39 5.41
CA ALA A 261 2.94 11.79 6.39
C ALA A 261 2.72 10.29 6.12
N GLU A 262 2.64 9.94 4.85
CA GLU A 262 2.41 8.56 4.42
C GLU A 262 3.56 7.60 4.75
N VAL A 263 4.80 7.98 4.44
CA VAL A 263 5.97 7.16 4.82
C VAL A 263 6.21 7.16 6.33
N ILE A 264 5.86 8.26 7.01
CA ILE A 264 5.94 8.34 8.47
C ILE A 264 4.99 7.34 9.12
N LYS A 265 3.73 7.33 8.65
CA LYS A 265 2.71 6.40 9.14
C LYS A 265 3.16 4.94 8.95
N GLN A 266 3.64 4.62 7.75
CA GLN A 266 4.10 3.26 7.44
C GLN A 266 5.20 2.78 8.39
N ALA A 267 6.12 3.67 8.76
CA ALA A 267 7.18 3.33 9.71
C ALA A 267 6.64 3.11 11.12
N GLN A 268 5.73 3.99 11.54
CA GLN A 268 5.08 3.87 12.84
C GLN A 268 4.31 2.56 12.96
N THR A 269 3.65 2.15 11.88
CA THR A 269 2.92 0.89 11.80
C THR A 269 3.87 -0.30 11.99
N LYS A 270 5.06 -0.20 11.39
CA LYS A 270 6.12 -1.21 11.56
C LYS A 270 6.69 -1.23 12.99
N GLY A 271 6.42 -0.18 13.78
CA GLY A 271 6.93 -0.11 15.14
C GLY A 271 8.26 0.61 15.27
N LEU A 272 8.76 1.18 14.17
CA LEU A 272 9.98 1.99 14.20
C LEU A 272 9.73 3.24 15.03
N LYS A 273 10.74 3.70 15.77
CA LYS A 273 10.57 4.89 16.59
C LYS A 273 10.73 6.15 15.75
N VAL A 274 9.64 6.51 15.06
CA VAL A 274 9.62 7.68 14.20
C VAL A 274 8.53 8.60 14.72
N TYR A 275 8.93 9.78 15.19
CA TYR A 275 7.99 10.76 15.70
C TYR A 275 7.88 11.94 14.74
N ALA A 276 6.80 12.71 14.86
CA ALA A 276 6.57 13.83 13.97
C ALA A 276 5.88 15.01 14.64
N GLU A 277 6.15 16.19 14.10
CA GLU A 277 5.58 17.43 14.55
C GLU A 277 4.92 18.08 13.35
N THR A 278 3.80 18.78 13.59
CA THR A 278 3.23 19.68 12.60
C THR A 278 2.87 21.00 13.27
N CYS A 279 2.36 21.95 12.50
CA CYS A 279 2.12 23.31 12.99
C CYS A 279 0.75 23.82 12.53
N PRO A 280 0.10 24.70 13.33
CA PRO A 280 -1.25 25.17 12.98
C PRO A 280 -1.37 25.65 11.55
N GLN A 281 -0.39 26.40 11.05
CA GLN A 281 -0.41 26.97 9.71
C GLN A 281 -0.57 25.96 8.58
N TYR A 282 -0.14 24.72 8.80
CA TYR A 282 -0.26 23.69 7.77
C TYR A 282 -1.65 23.07 7.73
N ALA A 283 -2.45 23.30 8.77
CA ALA A 283 -3.82 22.81 8.81
C ALA A 283 -4.85 23.89 8.48
N LEU A 284 -4.44 25.16 8.60
CA LEU A 284 -5.39 26.25 8.57
C LEU A 284 -5.25 27.18 7.36
N LEU A 285 -4.06 27.20 6.76
CA LEU A 285 -3.79 28.09 5.62
C LEU A 285 -3.44 27.31 4.36
N SER A 286 -3.80 27.87 3.21
CA SER A 286 -3.40 27.32 1.92
C SER A 286 -2.65 28.40 1.11
N ASP A 287 -1.94 27.99 0.07
CA ASP A 287 -1.04 28.89 -0.66
C ASP A 287 -1.76 30.01 -1.46
N ALA A 288 -3.08 29.94 -1.53
CA ALA A 288 -3.88 31.01 -2.14
C ALA A 288 -3.65 32.36 -1.44
N ILE A 289 -3.29 32.30 -0.16
CA ILE A 289 -3.03 33.48 0.67
C ILE A 289 -1.72 34.20 0.29
N THR A 290 -0.89 33.58 -0.55
CA THR A 290 0.41 34.14 -0.93
C THR A 290 0.37 35.03 -2.20
N ARG A 291 -0.79 35.13 -2.83
CA ARG A 291 -1.00 36.02 -3.98
C ARG A 291 -2.45 36.48 -4.05
N CYS A 292 -2.69 37.59 -4.74
CA CYS A 292 -4.02 38.19 -4.75
C CYS A 292 -5.06 37.32 -5.49
N HIS A 293 -6.32 37.48 -5.08
CA HIS A 293 -7.51 36.79 -5.63
C HIS A 293 -8.66 36.82 -4.62
N GLY A 302 -13.04 24.22 3.30
CA GLY A 302 -13.91 24.50 4.43
C GLY A 302 -13.35 24.12 5.80
N VAL A 303 -12.26 23.36 5.81
CA VAL A 303 -11.64 22.86 7.06
C VAL A 303 -10.54 23.77 7.62
N GLY A 304 -10.26 24.86 6.92
CA GLY A 304 -9.33 25.87 7.40
C GLY A 304 -10.03 27.19 7.74
N ILE A 305 -9.21 28.22 7.93
CA ILE A 305 -9.70 29.58 8.15
C ILE A 305 -10.30 30.09 6.85
N ASP A 306 -11.44 30.77 6.95
CA ASP A 306 -11.96 31.54 5.83
C ASP A 306 -10.91 32.62 5.49
N LEU A 307 -10.22 32.41 4.36
CA LEU A 307 -9.05 33.22 4.01
C LEU A 307 -9.39 34.69 3.73
N SER A 308 -10.62 34.93 3.26
CA SER A 308 -11.06 36.30 2.96
C SER A 308 -11.34 37.14 4.22
N SER A 309 -11.36 36.49 5.38
CA SER A 309 -11.57 37.17 6.66
C SER A 309 -10.25 37.64 7.30
N ILE A 310 -9.11 37.17 6.78
CA ILE A 310 -7.81 37.67 7.19
C ILE A 310 -7.62 39.09 6.67
N SER A 311 -7.21 39.99 7.55
CA SER A 311 -6.94 41.39 7.22
C SER A 311 -5.50 41.57 6.76
N GLU A 312 -5.27 42.54 5.87
CA GLU A 312 -3.91 42.95 5.51
C GLU A 312 -3.16 41.85 4.75
N SER A 313 -3.81 41.32 3.71
CA SER A 313 -3.28 40.22 2.92
C SER A 313 -3.31 40.64 1.46
N PRO A 314 -2.85 39.76 0.54
CA PRO A 314 -2.98 40.04 -0.90
C PRO A 314 -4.42 40.24 -1.38
N PHE A 315 -5.38 39.67 -0.65
CA PHE A 315 -6.82 39.84 -0.95
C PHE A 315 -7.29 41.28 -0.70
N THR A 316 -6.93 41.84 0.45
CA THR A 316 -7.32 43.22 0.83
C THR A 316 -6.39 44.30 0.29
N ASN A 317 -5.11 43.97 0.11
CA ASN A 317 -4.11 44.91 -0.42
C ASN A 317 -3.45 44.39 -1.72
N PRO A 318 -4.22 44.33 -2.83
CA PRO A 318 -3.69 43.73 -4.07
C PRO A 318 -2.60 44.61 -4.73
N ASP A 319 -2.59 45.91 -4.39
CA ASP A 319 -1.56 46.87 -4.81
C ASP A 319 -0.16 46.50 -4.32
N ASP A 320 -0.08 45.94 -3.11
CA ASP A 320 1.17 45.60 -2.44
C ASP A 320 1.64 44.21 -2.89
N ARG A 321 2.58 44.19 -3.85
CA ARG A 321 3.02 42.94 -4.48
C ARG A 321 3.88 42.06 -3.58
N PHE A 322 4.37 42.64 -2.50
CA PHE A 322 5.31 41.97 -1.59
C PHE A 322 4.64 41.40 -0.33
N ILE A 323 3.35 41.65 -0.17
CA ILE A 323 2.64 41.31 1.08
C ILE A 323 2.47 39.81 1.30
N GLY A 324 2.61 39.02 0.24
CA GLY A 324 2.62 37.56 0.35
C GLY A 324 3.73 37.02 1.25
N SER A 325 4.79 37.81 1.42
CA SER A 325 5.93 37.46 2.25
C SER A 325 5.56 37.22 3.73
N LYS A 326 4.46 37.83 4.18
CA LYS A 326 3.94 37.60 5.54
C LYS A 326 3.70 36.13 5.82
N TYR A 327 3.44 35.36 4.77
CA TYR A 327 3.07 33.95 4.91
C TYR A 327 4.09 32.99 4.28
N ILE A 328 5.31 33.47 4.04
CA ILE A 328 6.37 32.62 3.51
C ILE A 328 7.14 31.93 4.64
N CYS A 329 7.12 30.60 4.62
CA CYS A 329 7.84 29.78 5.59
C CYS A 329 8.31 28.48 4.93
N SER A 330 9.09 27.69 5.67
CA SER A 330 9.66 26.44 5.16
C SER A 330 9.41 25.27 6.11
N PRO A 331 8.75 24.20 5.61
CA PRO A 331 8.27 24.06 4.24
C PRO A 331 7.12 25.02 3.94
N PRO A 332 6.81 25.24 2.64
CA PRO A 332 5.83 26.27 2.28
C PRO A 332 4.41 25.87 2.70
N ILE A 333 3.57 26.88 2.93
CA ILE A 333 2.14 26.65 3.07
C ILE A 333 1.63 26.05 1.77
N ARG A 334 0.91 24.93 1.90
CA ARG A 334 0.62 24.04 0.76
C ARG A 334 -0.64 24.38 -0.04
N PRO A 335 -0.75 23.84 -1.28
CA PRO A 335 -1.94 24.09 -2.12
C PRO A 335 -3.25 23.64 -1.48
N GLU A 336 -4.36 24.25 -1.91
CA GLU A 336 -5.70 23.86 -1.47
C GLU A 336 -5.91 22.34 -1.62
N GLY A 337 -6.53 21.74 -0.60
CA GLY A 337 -6.86 20.31 -0.62
C GLY A 337 -5.93 19.43 0.20
N THR A 338 -4.83 20.01 0.67
CA THR A 338 -3.83 19.32 1.48
C THR A 338 -4.11 19.39 2.99
N GLN A 339 -4.78 20.46 3.42
CA GLN A 339 -4.90 20.81 4.83
C GLN A 339 -5.64 19.76 5.66
N LYS A 340 -6.61 19.08 5.04
CA LYS A 340 -7.39 18.05 5.73
C LYS A 340 -6.51 16.87 6.19
N SER A 341 -5.57 16.46 5.34
CA SER A 341 -4.52 15.47 5.64
C SER A 341 -3.79 15.71 6.95
N ILE A 342 -3.57 16.99 7.25
CA ILE A 342 -2.83 17.39 8.43
C ILE A 342 -3.66 17.17 9.70
N TRP A 343 -4.97 17.48 9.61
CA TRP A 343 -5.89 17.23 10.73
C TRP A 343 -5.99 15.74 11.03
N LYS A 344 -6.13 14.94 9.98
CA LYS A 344 -6.20 13.48 10.12
C LYS A 344 -4.94 12.92 10.78
N GLY A 345 -3.79 13.48 10.40
CA GLY A 345 -2.51 13.11 11.01
C GLY A 345 -2.44 13.42 12.49
N MET A 346 -3.03 14.54 12.91
CA MET A 346 -3.11 14.91 14.32
C MET A 346 -3.98 13.94 15.11
N ASN A 347 -5.04 13.47 14.48
CA ASN A 347 -6.01 12.57 15.12
C ASN A 347 -5.56 11.11 15.16
N ASN A 348 -4.95 10.64 14.06
CA ASN A 348 -4.65 9.21 13.91
C ASN A 348 -3.28 8.74 14.48
N GLY A 349 -2.54 9.67 15.08
CA GLY A 349 -1.26 9.34 15.70
C GLY A 349 -0.01 9.61 14.88
N THR A 350 -0.17 10.10 13.64
CA THR A 350 0.97 10.45 12.80
C THR A 350 1.80 11.52 13.48
N PHE A 351 1.14 12.55 14.01
CA PHE A 351 1.83 13.63 14.68
C PHE A 351 1.80 13.48 16.20
N THR A 352 2.99 13.32 16.76
CA THR A 352 3.21 13.19 18.19
C THR A 352 2.96 14.53 18.91
N ILE A 353 3.42 15.61 18.30
CA ILE A 353 3.37 16.95 18.91
C ILE A 353 2.95 18.02 17.90
N VAL A 354 2.56 19.18 18.41
CA VAL A 354 2.28 20.35 17.57
C VAL A 354 3.10 21.54 18.12
N GLY A 355 3.90 22.15 17.27
CA GLY A 355 4.68 23.34 17.62
C GLY A 355 4.30 24.50 16.70
N SER A 356 4.91 25.67 16.90
CA SER A 356 4.53 26.83 16.09
C SER A 356 5.49 27.13 14.93
N ASP A 357 6.76 26.78 15.11
CA ASP A 357 7.83 27.25 14.22
C ASP A 357 7.83 28.78 14.21
N HIS A 358 7.61 29.35 15.41
CA HIS A 358 7.55 30.79 15.66
C HIS A 358 8.84 31.43 15.18
N CYS A 359 8.72 32.36 14.24
CA CYS A 359 9.88 32.99 13.65
C CYS A 359 9.51 34.33 13.04
N SER A 360 9.88 35.41 13.73
CA SER A 360 9.28 36.72 13.52
C SER A 360 10.16 37.77 12.84
N TYR A 361 9.63 38.36 11.78
CA TYR A 361 10.25 39.46 11.06
C TYR A 361 9.18 40.51 10.74
N ASN A 362 9.49 41.78 11.00
CA ASN A 362 8.54 42.89 10.79
C ASN A 362 8.13 43.06 9.33
N TYR A 363 6.90 43.51 9.11
CA TYR A 363 6.44 43.87 7.77
C TYR A 363 6.21 45.37 7.58
N TYR A 364 5.81 46.05 8.64
CA TYR A 364 5.44 47.47 8.55
C TYR A 364 6.56 48.46 8.87
N GLU A 365 7.75 47.94 9.15
CA GLU A 365 8.98 48.73 9.05
C GLU A 365 9.92 48.01 8.07
N LYS A 366 10.63 48.79 7.26
CA LYS A 366 11.32 48.28 6.07
C LYS A 366 12.84 48.40 6.13
N THR A 367 13.34 49.18 7.08
CA THR A 367 14.75 49.55 7.16
C THR A 367 15.62 48.58 7.98
N SER A 368 15.05 47.98 9.03
CA SER A 368 15.87 47.23 9.98
C SER A 368 16.34 45.87 9.45
N THR A 369 17.33 45.31 10.13
CA THR A 369 17.91 44.01 9.76
C THR A 369 16.97 42.85 10.09
N ALA A 370 15.86 43.15 10.77
CA ALA A 370 14.88 42.13 11.14
C ALA A 370 13.56 42.29 10.39
N SER A 371 13.60 43.05 9.29
CA SER A 371 12.44 43.29 8.45
C SER A 371 12.34 42.24 7.32
N LYS A 372 11.12 41.88 6.94
CA LYS A 372 10.88 41.07 5.75
C LYS A 372 11.47 41.75 4.49
N HIS A 373 11.46 43.08 4.50
CA HIS A 373 11.92 43.88 3.36
C HIS A 373 13.43 43.87 3.21
N ARG A 374 14.09 43.16 4.13
CA ARG A 374 15.49 42.76 4.04
C ARG A 374 15.80 42.13 2.65
N ALA A 375 14.77 41.62 1.99
CA ALA A 375 14.89 41.00 0.67
C ALA A 375 15.17 42.02 -0.44
N PHE A 376 14.96 43.29 -0.11
CA PHE A 376 15.30 44.42 -0.98
C PHE A 376 16.62 45.05 -0.52
N ASP A 377 17.69 44.75 -1.25
CA ASP A 377 19.01 45.29 -0.95
C ASP A 377 19.80 45.39 -2.25
N PRO A 378 19.51 46.43 -3.07
CA PRO A 378 20.05 46.59 -4.43
C PRO A 378 21.56 46.40 -4.55
N GLU A 379 22.32 46.74 -3.49
CA GLU A 379 23.78 46.64 -3.49
C GLU A 379 24.27 45.20 -3.40
N ASN A 380 23.52 44.36 -2.68
CA ASN A 380 23.84 42.94 -2.59
C ASN A 380 23.11 42.10 -3.61
N ASN A 381 22.75 42.72 -4.74
CA ASN A 381 22.00 42.05 -5.82
C ASN A 381 20.74 41.34 -5.31
N LYS A 382 19.97 42.06 -4.48
CA LYS A 382 18.73 41.57 -3.91
C LYS A 382 17.61 42.55 -4.25
N ASN A 383 16.60 42.08 -4.97
CA ASN A 383 15.52 42.95 -5.45
C ASN A 383 14.13 42.39 -5.19
N GLY A 384 13.96 41.73 -4.05
CA GLY A 384 12.66 41.25 -3.62
C GLY A 384 12.29 39.83 -4.02
N GLU A 385 13.21 39.13 -4.69
CA GLU A 385 12.97 37.74 -5.14
C GLU A 385 12.69 36.83 -3.95
N PHE A 386 11.80 35.85 -4.12
CA PHE A 386 11.38 35.02 -3.00
C PHE A 386 12.54 34.34 -2.27
N ARG A 387 13.60 34.05 -3.01
CA ARG A 387 14.82 33.45 -2.47
C ARG A 387 15.36 34.25 -1.27
N TYR A 388 15.18 35.57 -1.30
CA TYR A 388 15.73 36.45 -0.28
C TYR A 388 14.77 36.81 0.85
N ILE A 389 13.55 36.27 0.79
CA ILE A 389 12.56 36.56 1.82
C ILE A 389 12.86 35.74 3.06
N PRO A 390 13.02 36.42 4.22
CA PRO A 390 13.21 35.67 5.45
C PRO A 390 12.01 34.79 5.75
N ASN A 391 12.26 33.49 5.91
CA ASN A 391 11.20 32.52 6.14
C ASN A 391 10.74 32.49 7.59
N GLY A 392 9.42 32.48 7.79
CA GLY A 392 8.85 32.35 9.14
C GLY A 392 7.57 33.12 9.39
N LEU A 393 6.76 32.61 10.33
CA LEU A 393 5.57 33.29 10.84
C LEU A 393 5.64 33.41 12.36
N PRO A 394 5.15 34.54 12.92
CA PRO A 394 4.86 34.57 14.36
C PRO A 394 3.71 33.63 14.64
N GLY A 395 3.81 32.85 15.70
CA GLY A 395 2.80 31.84 16.03
C GLY A 395 2.75 31.35 17.45
N VAL A 396 3.75 31.68 18.27
CA VAL A 396 3.82 31.16 19.66
C VAL A 396 2.60 31.49 20.52
N CYS A 397 2.02 32.68 20.30
CA CYS A 397 0.83 33.10 21.03
C CYS A 397 -0.41 32.37 20.55
N THR A 398 -0.57 32.26 19.23
CA THR A 398 -1.81 31.77 18.63
C THR A 398 -1.97 30.23 18.59
N ARG A 399 -0.90 29.49 18.88
CA ARG A 399 -0.94 28.02 18.75
C ARG A 399 -2.06 27.34 19.56
N MET A 400 -2.14 27.62 20.87
CA MET A 400 -3.13 26.98 21.75
C MET A 400 -4.58 27.39 21.43
N PRO A 401 -4.87 28.70 21.37
CA PRO A 401 -6.21 29.12 21.02
C PRO A 401 -6.70 28.65 19.63
N LEU A 402 -5.82 28.66 18.62
CA LEU A 402 -6.18 28.14 17.29
C LEU A 402 -6.63 26.67 17.29
N LEU A 403 -5.97 25.84 18.09
CA LEU A 403 -6.36 24.44 18.19
C LEU A 403 -7.60 24.25 19.04
N TYR A 404 -7.73 25.04 20.09
CA TYR A 404 -8.93 25.02 20.91
C TYR A 404 -10.17 25.29 20.04
N ASP A 405 -10.09 26.37 19.26
CA ASP A 405 -11.19 26.77 18.38
C ASP A 405 -11.31 25.85 17.17
N TYR A 406 -10.40 25.96 16.21
CA TYR A 406 -10.55 25.25 14.92
C TYR A 406 -10.35 23.74 15.07
N GLY A 407 -9.70 23.32 16.15
CA GLY A 407 -9.54 21.91 16.45
C GLY A 407 -10.67 21.30 17.26
N TYR A 408 -10.73 21.64 18.55
CA TYR A 408 -11.74 21.07 19.43
C TYR A 408 -13.17 21.56 19.16
N LEU A 409 -13.39 22.88 19.21
CA LEU A 409 -14.75 23.44 19.09
C LEU A 409 -15.36 23.18 17.71
N ARG A 410 -14.56 23.31 16.66
CA ARG A 410 -15.05 23.14 15.30
C ARG A 410 -15.02 21.68 14.84
N GLY A 411 -14.43 20.82 15.68
CA GLY A 411 -14.50 19.37 15.47
C GLY A 411 -13.45 18.74 14.56
N ASN A 412 -12.36 19.46 14.28
CA ASN A 412 -11.27 18.91 13.48
C ASN A 412 -10.34 18.02 14.29
N LEU A 413 -10.26 18.28 15.60
CA LEU A 413 -9.67 17.33 16.56
C LEU A 413 -10.75 16.51 17.26
N THR A 414 -10.41 15.27 17.64
CA THR A 414 -11.42 14.36 18.19
C THR A 414 -11.88 14.74 19.59
N SER A 415 -10.99 15.32 20.40
CA SER A 415 -11.30 15.64 21.80
C SER A 415 -10.31 16.63 22.40
N MET A 416 -10.67 17.17 23.57
CA MET A 416 -9.77 18.00 24.41
C MET A 416 -8.55 17.20 24.90
N MET A 417 -8.74 15.90 25.12
CA MET A 417 -7.65 15.01 25.52
C MET A 417 -6.55 14.93 24.47
N LYS A 418 -6.95 14.80 23.20
CA LYS A 418 -6.03 14.79 22.08
C LYS A 418 -5.31 16.13 21.93
N LEU A 419 -6.05 17.22 22.14
CA LEU A 419 -5.45 18.54 22.21
C LEU A 419 -4.34 18.62 23.27
N VAL A 420 -4.63 18.19 24.50
CA VAL A 420 -3.64 18.24 25.59
C VAL A 420 -2.43 17.36 25.24
N GLU A 421 -2.70 16.14 24.76
CA GLU A 421 -1.67 15.17 24.40
C GLU A 421 -0.59 15.77 23.48
N ILE A 422 -1.04 16.40 22.40
CA ILE A 422 -0.11 16.87 21.38
C ILE A 422 0.46 18.28 21.65
N GLN A 423 -0.25 19.07 22.46
CA GLN A 423 0.14 20.45 22.76
C GLN A 423 0.94 20.61 24.05
N CYS A 424 0.76 19.67 24.99
CA CYS A 424 1.34 19.78 26.33
C CYS A 424 2.16 18.57 26.76
N THR A 425 1.51 17.40 26.85
CA THR A 425 2.12 16.25 27.49
C THR A 425 3.19 15.56 26.63
N ASN A 426 2.87 15.22 25.38
CA ASN A 426 3.86 14.63 24.47
C ASN A 426 5.12 15.47 24.23
N PRO A 427 4.99 16.80 24.02
CA PRO A 427 6.19 17.64 23.98
C PRO A 427 7.11 17.50 25.22
N ALA A 428 6.54 17.45 26.43
CA ALA A 428 7.32 17.26 27.65
C ALA A 428 8.04 15.90 27.66
N LYS A 429 7.31 14.85 27.25
CA LYS A 429 7.83 13.49 27.26
C LYS A 429 8.94 13.31 26.24
N VAL A 430 8.74 13.80 25.02
CA VAL A 430 9.69 13.58 23.94
C VAL A 430 10.99 14.39 24.09
N TYR A 431 10.92 15.51 24.82
CA TYR A 431 12.12 16.34 25.05
C TYR A 431 12.63 16.36 26.50
N GLY A 432 12.29 15.33 27.27
CA GLY A 432 12.86 15.13 28.60
C GLY A 432 12.55 16.17 29.67
N MET A 433 11.33 16.72 29.63
CA MET A 433 10.88 17.66 30.65
C MET A 433 9.76 17.06 31.49
N TYR A 434 9.51 15.77 31.30
CA TYR A 434 8.46 15.05 31.98
C TYR A 434 9.05 14.30 33.19
N PRO A 435 8.37 14.31 34.36
CA PRO A 435 7.05 14.83 34.73
C PRO A 435 7.01 16.25 35.29
N GLN A 436 8.16 16.92 35.40
CA GLN A 436 8.20 18.32 35.86
C GLN A 436 7.19 19.21 35.11
N LYS A 437 7.08 18.98 33.81
CA LYS A 437 6.20 19.75 32.92
C LYS A 437 5.24 18.84 32.16
N GLY A 438 4.15 19.42 31.68
CA GLY A 438 3.27 18.70 30.76
C GLY A 438 1.94 18.19 31.29
N SER A 439 1.84 17.98 32.60
CA SER A 439 0.62 17.45 33.20
C SER A 439 0.21 18.17 34.49
N ILE A 440 -0.72 17.56 35.24
CA ILE A 440 -1.26 18.12 36.47
C ILE A 440 -1.14 17.05 37.56
N LEU A 441 0.08 16.89 38.08
CA LEU A 441 0.40 15.79 39.00
C LEU A 441 0.77 16.32 40.40
N PRO A 442 -0.11 16.08 41.38
CA PRO A 442 0.12 16.57 42.74
C PRO A 442 1.47 16.16 43.30
N GLY A 443 2.21 17.12 43.85
CA GLY A 443 3.52 16.89 44.45
C GLY A 443 4.65 16.83 43.44
N VAL A 444 4.30 16.75 42.15
CA VAL A 444 5.28 16.54 41.08
C VAL A 444 5.34 17.69 40.05
N SER A 445 4.18 18.09 39.53
CA SER A 445 4.12 19.08 38.45
C SER A 445 4.41 20.50 38.92
N ASP A 446 5.25 21.23 38.19
CA ASP A 446 5.26 22.67 38.28
C ASP A 446 3.84 23.14 38.01
N ALA A 447 3.34 24.09 38.81
CA ALA A 447 1.97 24.57 38.64
C ALA A 447 1.84 25.49 37.42
N ASP A 448 1.90 24.87 36.24
CA ASP A 448 1.77 25.55 34.95
C ASP A 448 0.42 25.20 34.34
N LEU A 449 -0.52 26.14 34.41
CA LEU A 449 -1.90 25.86 34.13
C LEU A 449 -2.58 27.00 33.37
N VAL A 450 -3.58 26.64 32.56
CA VAL A 450 -4.41 27.59 31.84
C VAL A 450 -5.87 27.35 32.24
N ILE A 451 -6.56 28.43 32.56
CA ILE A 451 -8.00 28.40 32.79
C ILE A 451 -8.63 29.16 31.61
N TRP A 452 -9.47 28.46 30.85
CA TRP A 452 -10.13 29.07 29.69
C TRP A 452 -11.42 29.77 30.13
N TYR A 453 -12.14 30.38 29.18
CA TYR A 453 -13.47 30.91 29.44
C TYR A 453 -14.47 29.78 29.26
N PRO A 454 -15.64 29.86 29.95
CA PRO A 454 -16.62 28.80 29.72
C PRO A 454 -17.22 28.91 28.33
N ASP A 455 -17.32 27.77 27.64
CA ASP A 455 -17.85 27.74 26.26
C ASP A 455 -19.35 27.97 26.14
N ASP A 456 -20.14 27.40 27.03
CA ASP A 456 -21.60 27.43 26.89
C ASP A 456 -22.28 28.53 27.70
N SER A 457 -21.57 29.64 27.94
CA SER A 457 -22.11 30.67 28.83
C SER A 457 -22.82 31.78 28.08
N LYS A 458 -23.90 32.30 28.68
CA LYS A 458 -24.56 33.49 28.16
C LYS A 458 -23.97 34.76 28.77
N LYS A 459 -23.15 34.59 29.82
CA LYS A 459 -22.51 35.72 30.51
C LYS A 459 -21.55 36.44 29.60
N GLU A 460 -21.52 37.76 29.71
CA GLU A 460 -20.61 38.62 28.98
C GLU A 460 -19.26 38.69 29.68
N TYR A 461 -18.18 38.50 28.91
CA TYR A 461 -16.83 38.73 29.43
C TYR A 461 -16.14 39.79 28.59
N ASN A 462 -16.09 40.99 29.15
CA ASN A 462 -15.50 42.17 28.48
C ASN A 462 -14.05 41.92 28.06
N SER A 463 -13.35 41.07 28.80
CA SER A 463 -11.95 40.79 28.56
C SER A 463 -11.71 39.69 27.50
N LYS A 464 -12.74 38.93 27.17
CA LYS A 464 -12.60 37.85 26.19
C LYS A 464 -12.56 38.42 24.78
N PRO A 465 -11.47 38.17 24.04
CA PRO A 465 -11.37 38.74 22.70
C PRO A 465 -12.19 37.97 21.67
N LYS A 466 -12.71 38.68 20.67
CA LYS A 466 -13.50 38.08 19.58
C LYS A 466 -12.63 37.81 18.35
N LEU A 467 -11.64 38.66 18.15
CA LEU A 467 -10.77 38.58 16.99
C LEU A 467 -9.32 38.51 17.44
N ILE A 468 -8.47 37.93 16.60
CA ILE A 468 -7.03 38.01 16.78
C ILE A 468 -6.52 39.35 16.22
N THR A 469 -5.83 40.11 17.06
CA THR A 469 -5.17 41.36 16.65
C THR A 469 -3.68 41.29 17.01
N ASN A 470 -2.88 42.18 16.45
CA ASN A 470 -1.47 42.26 16.79
C ASN A 470 -1.23 42.62 18.27
N LYS A 471 -2.00 43.60 18.77
CA LYS A 471 -1.91 44.05 20.16
C LYS A 471 -2.10 42.90 21.17
N LEU A 472 -3.02 42.00 20.87
CA LEU A 472 -3.30 40.81 21.68
C LEU A 472 -2.12 39.83 21.77
N MET A 473 -1.19 39.92 20.82
CA MET A 473 -0.06 38.98 20.76
C MET A 473 0.98 39.21 21.87
N GLU A 474 1.02 40.43 22.40
CA GLU A 474 2.02 40.81 23.42
C GLU A 474 3.48 40.51 23.01
N HIS A 475 3.74 40.56 21.71
CA HIS A 475 5.08 40.27 21.17
C HIS A 475 5.77 41.53 20.65
N ASN A 476 6.93 41.39 20.03
CA ASN A 476 7.69 42.53 19.51
C ASN A 476 7.56 42.68 17.99
N CYS A 477 6.73 41.84 17.36
CA CYS A 477 6.54 41.91 15.92
C CYS A 477 5.39 42.88 15.61
N ASP A 478 5.38 43.44 14.40
CA ASP A 478 4.33 44.41 14.07
C ASP A 478 3.15 43.82 13.26
N TYR A 479 3.12 42.49 13.14
CA TYR A 479 2.02 41.78 12.48
C TYR A 479 1.87 40.36 13.02
N THR A 480 0.66 39.83 12.85
CA THR A 480 0.39 38.39 12.94
C THR A 480 -0.37 37.96 11.69
N PRO A 481 -0.02 36.80 11.11
CA PRO A 481 -0.68 36.38 9.86
C PRO A 481 -2.16 36.05 10.05
N PHE A 482 -2.58 35.84 11.31
CA PHE A 482 -3.98 35.53 11.63
C PHE A 482 -4.81 36.77 12.01
N GLU A 483 -4.23 37.95 11.84
CA GLU A 483 -4.91 39.23 12.06
C GLU A 483 -6.32 39.24 11.49
N GLY A 484 -7.29 39.64 12.31
CA GLY A 484 -8.67 39.85 11.85
C GLY A 484 -9.64 38.67 11.96
N ILE A 485 -9.12 37.46 12.14
CA ILE A 485 -9.99 36.28 12.17
C ILE A 485 -10.67 36.08 13.52
N GLU A 486 -11.88 35.53 13.48
CA GLU A 486 -12.64 35.18 14.67
C GLU A 486 -11.92 34.11 15.48
N ILE A 487 -11.94 34.27 16.80
CA ILE A 487 -11.38 33.31 17.73
C ILE A 487 -12.39 33.10 18.87
N LYS A 488 -12.75 31.85 19.12
CA LYS A 488 -13.91 31.59 19.95
C LYS A 488 -13.65 31.25 21.43
N ASN A 489 -12.36 31.15 21.78
CA ASN A 489 -11.92 31.09 23.17
C ASN A 489 -10.47 31.60 23.28
N TRP A 490 -10.05 31.86 24.51
CA TRP A 490 -8.72 32.42 24.79
C TRP A 490 -8.43 32.16 26.27
N PRO A 491 -7.15 32.00 26.63
CA PRO A 491 -6.77 31.96 28.05
C PRO A 491 -7.32 33.12 28.89
N ARG A 492 -8.01 32.78 29.98
CA ARG A 492 -8.53 33.76 30.93
C ARG A 492 -7.52 33.92 32.06
N TYR A 493 -6.86 32.82 32.42
CA TYR A 493 -5.74 32.86 33.36
C TYR A 493 -4.63 32.00 32.80
N THR A 494 -3.41 32.51 32.85
CA THR A 494 -2.24 31.67 32.61
C THR A 494 -1.42 31.67 33.90
N ILE A 495 -1.31 30.50 34.52
CA ILE A 495 -0.55 30.34 35.75
C ILE A 495 0.79 29.69 35.42
N VAL A 496 1.86 30.32 35.90
CA VAL A 496 3.22 29.85 35.65
C VAL A 496 3.90 29.62 37.00
N LYS A 497 4.21 28.36 37.29
CA LYS A 497 4.84 27.97 38.55
C LYS A 497 4.08 28.55 39.75
N GLY A 498 2.76 28.37 39.75
CA GLY A 498 1.91 28.73 40.88
C GLY A 498 1.58 30.19 41.04
N LYS A 499 2.01 31.01 40.07
CA LYS A 499 1.72 32.44 40.09
C LYS A 499 0.95 32.85 38.84
N ILE A 500 0.00 33.78 39.01
CA ILE A 500 -0.78 34.34 37.90
C ILE A 500 0.06 35.34 37.11
N VAL A 501 0.33 35.01 35.86
CA VAL A 501 1.15 35.85 35.00
C VAL A 501 0.32 36.51 33.88
N TYR A 502 -0.81 35.91 33.54
CA TYR A 502 -1.75 36.49 32.61
C TYR A 502 -3.16 36.40 33.19
N LYS A 503 -3.83 37.53 33.33
CA LYS A 503 -5.20 37.57 33.81
C LYS A 503 -6.05 38.48 32.95
N GLU A 504 -6.99 37.88 32.21
CA GLU A 504 -8.05 38.62 31.50
C GLU A 504 -7.51 39.76 30.63
N GLY A 505 -6.52 39.43 29.82
CA GLY A 505 -5.94 40.38 28.86
C GLY A 505 -4.70 41.11 29.35
N GLU A 506 -4.44 41.02 30.66
CA GLU A 506 -3.32 41.74 31.28
C GLU A 506 -2.17 40.81 31.67
N ILE A 507 -0.96 41.22 31.30
CA ILE A 507 0.26 40.55 31.77
C ILE A 507 0.61 41.14 33.15
N LEU A 508 0.98 40.28 34.08
CA LEU A 508 1.43 40.70 35.41
C LEU A 508 2.95 40.52 35.54
N LYS A 509 3.71 41.52 35.06
CA LYS A 509 5.17 41.47 35.02
C LYS A 509 5.83 41.13 36.36
N GLU A 510 5.22 41.55 37.47
CA GLU A 510 5.79 41.32 38.80
C GLU A 510 5.80 39.84 39.22
N ASN A 511 5.03 39.02 38.52
CA ASN A 511 5.03 37.57 38.74
C ASN A 511 5.85 36.78 37.71
N ALA A 512 6.61 37.50 36.88
CA ALA A 512 7.49 36.85 35.90
C ALA A 512 8.76 36.35 36.58
N ASP A 513 8.95 35.04 36.62
CA ASP A 513 10.14 34.45 37.24
C ASP A 513 10.68 33.22 36.49
N GLY A 514 10.61 33.28 35.16
CA GLY A 514 11.03 32.17 34.32
C GLY A 514 12.52 31.88 34.38
N LYS A 515 12.88 30.62 34.18
CA LYS A 515 14.27 30.18 34.26
C LYS A 515 14.64 29.23 33.15
N TYR A 516 15.94 29.16 32.85
CA TYR A 516 16.45 28.15 31.94
C TYR A 516 16.23 26.76 32.51
N LEU A 517 15.85 25.84 31.64
CA LEU A 517 15.46 24.51 32.04
C LEU A 517 16.50 23.46 31.63
N LYS A 518 17.07 22.78 32.62
CA LYS A 518 17.91 21.62 32.34
C LYS A 518 17.01 20.42 32.11
N ARG A 519 17.17 19.77 30.96
CA ARG A 519 16.28 18.66 30.57
C ARG A 519 16.98 17.31 30.72
N GLY A 520 16.20 16.25 30.92
CA GLY A 520 16.74 14.89 31.01
C GLY A 520 16.73 14.14 29.67
N LYS A 521 17.01 12.84 29.73
CA LYS A 521 16.91 11.95 28.58
C LYS A 521 15.47 11.50 28.44
N SER A 522 14.96 11.50 27.22
CA SER A 522 13.57 11.11 26.98
C SER A 522 13.42 9.60 27.02
N PHE A 523 12.40 9.12 27.73
CA PHE A 523 12.12 7.69 27.79
C PHE A 523 11.58 7.18 26.43
N MET A 524 11.17 8.10 25.56
CA MET A 524 10.66 7.73 24.24
C MET A 524 11.77 7.51 23.21
N CYS A 525 13.00 7.91 23.56
CA CYS A 525 14.11 7.90 22.64
C CYS A 525 15.21 6.88 22.95
N THR A 526 14.92 5.93 23.84
CA THR A 526 15.75 4.73 23.96
C THR A 526 15.58 3.95 22.65
N PRO A 527 16.63 3.23 22.21
CA PRO A 527 16.55 2.58 20.91
C PRO A 527 15.69 1.30 20.89
N LYS A 528 15.20 0.94 19.73
CA LYS A 528 14.42 -0.29 19.54
C LYS A 528 15.28 -1.54 19.56
N ASN A 529 16.58 -1.39 19.29
CA ASN A 529 17.51 -2.53 19.20
C ASN A 529 17.17 -3.48 18.06
N GLU A 530 16.82 -2.90 16.93
CA GLU A 530 16.40 -3.64 15.75
C GLU A 530 17.28 -3.20 14.60
N TRP A 531 17.80 -4.17 13.84
CA TRP A 531 18.77 -3.86 12.80
C TRP A 531 18.45 -4.51 11.46
N VAL A 532 18.97 -3.92 10.39
CA VAL A 532 18.77 -4.40 9.02
C VAL A 532 19.73 -5.55 8.67
N THR A 533 20.95 -5.50 9.20
CA THR A 533 21.95 -6.57 9.00
C THR A 533 22.55 -7.02 10.32
N GLU A 534 23.53 -7.91 10.26
CA GLU A 534 24.23 -8.39 11.45
C GLU A 534 25.17 -7.37 12.10
N TRP A 535 25.46 -6.26 11.43
CA TRP A 535 26.31 -5.21 12.00
C TRP A 535 25.73 -4.57 13.27
N ARG A 536 26.61 -4.32 14.25
CA ARG A 536 26.28 -3.59 15.49
C ARG A 536 27.36 -2.53 15.76
N PRO A 537 26.97 -1.38 16.36
CA PRO A 537 27.98 -0.39 16.77
C PRO A 537 28.96 -0.97 17.79
N LYS A 538 30.22 -0.55 17.70
CA LYS A 538 31.27 -1.05 18.59
C LYS A 538 30.86 -1.13 20.06
N TYR A 539 30.20 -0.08 20.57
CA TYR A 539 29.90 0.04 22.00
C TYR A 539 28.89 -0.98 22.53
N GLU A 540 28.35 -1.79 21.63
CA GLU A 540 27.39 -2.83 21.95
C GLU A 540 27.96 -4.24 21.72
N PRO B 1 19.75 -20.78 -56.41
CA PRO B 1 18.46 -20.82 -55.74
C PRO B 1 18.05 -19.43 -55.24
N ILE B 2 16.75 -19.22 -54.98
CA ILE B 2 16.23 -17.88 -54.71
C ILE B 2 16.53 -17.33 -53.31
N TYR B 3 16.62 -18.22 -52.33
CA TYR B 3 16.96 -17.85 -50.95
C TYR B 3 18.28 -18.47 -50.49
N ASP B 4 18.98 -17.77 -49.60
CA ASP B 4 20.21 -18.31 -49.01
C ASP B 4 19.93 -19.46 -48.05
N LEU B 5 18.84 -19.34 -47.30
CA LEU B 5 18.59 -20.25 -46.18
C LEU B 5 17.10 -20.44 -45.91
N ILE B 6 16.72 -21.69 -45.62
CA ILE B 6 15.34 -22.03 -45.26
C ILE B 6 15.34 -22.84 -43.95
N ILE B 7 14.55 -22.42 -42.97
CA ILE B 7 14.36 -23.20 -41.74
C ILE B 7 13.01 -23.91 -41.75
N LYS B 8 13.06 -25.24 -41.76
CA LYS B 8 11.88 -26.09 -41.88
C LYS B 8 11.58 -26.85 -40.58
N ASN B 9 10.32 -27.27 -40.43
CA ASN B 9 9.84 -28.08 -39.30
C ASN B 9 10.03 -27.51 -37.88
N GLY B 10 10.12 -26.19 -37.77
CA GLY B 10 10.34 -25.54 -36.47
C GLY B 10 9.12 -24.86 -35.92
N ILE B 11 9.18 -24.45 -34.64
CA ILE B 11 8.09 -23.69 -34.02
C ILE B 11 8.55 -22.27 -33.70
N ILE B 12 7.94 -21.29 -34.37
CA ILE B 12 8.29 -19.88 -34.21
C ILE B 12 7.75 -19.34 -32.90
N CYS B 13 8.63 -18.70 -32.13
CA CYS B 13 8.27 -18.03 -30.88
CA CYS B 13 8.24 -18.02 -30.91
C CYS B 13 8.56 -16.54 -31.00
N THR B 14 7.57 -15.70 -30.75
CA THR B 14 7.75 -14.24 -30.73
C THR B 14 7.30 -13.72 -29.38
N ALA B 15 7.29 -12.40 -29.20
CA ALA B 15 6.90 -11.81 -27.93
C ALA B 15 5.41 -11.98 -27.64
N SER B 16 4.65 -12.39 -28.66
CA SER B 16 3.18 -12.53 -28.53
C SER B 16 2.55 -13.77 -29.19
N ASP B 17 3.35 -14.61 -29.85
CA ASP B 17 2.82 -15.79 -30.58
C ASP B 17 3.74 -17.01 -30.53
N ILE B 18 3.14 -18.20 -30.51
CA ILE B 18 3.86 -19.46 -30.66
C ILE B 18 3.12 -20.29 -31.72
N TYR B 19 3.81 -20.67 -32.79
CA TYR B 19 3.19 -21.43 -33.88
C TYR B 19 4.19 -22.11 -34.81
N ALA B 20 3.72 -23.19 -35.42
CA ALA B 20 4.50 -23.97 -36.39
C ALA B 20 4.45 -23.33 -37.77
N ALA B 21 5.60 -22.91 -38.26
CA ALA B 21 5.71 -22.33 -39.59
C ALA B 21 7.16 -22.37 -40.04
N GLU B 22 7.41 -22.01 -41.29
CA GLU B 22 8.75 -22.08 -41.85
C GLU B 22 9.22 -20.70 -42.34
N ILE B 23 10.54 -20.50 -42.32
CA ILE B 23 11.15 -19.20 -42.59
C ILE B 23 12.15 -19.29 -43.75
N ALA B 24 12.07 -18.33 -44.67
CA ALA B 24 13.10 -18.13 -45.69
C ALA B 24 13.89 -16.85 -45.43
N VAL B 25 15.19 -16.93 -45.73
CA VAL B 25 16.14 -15.89 -45.43
C VAL B 25 16.97 -15.61 -46.67
N ASN B 26 17.17 -14.33 -46.96
CA ASN B 26 18.03 -13.92 -48.06
C ASN B 26 18.59 -12.53 -47.80
N ASN B 27 19.85 -12.34 -48.20
CA ASN B 27 20.52 -11.05 -48.16
C ASN B 27 20.57 -10.48 -46.74
N GLY B 28 20.78 -11.36 -45.78
CA GLY B 28 20.89 -10.97 -44.38
C GLY B 28 19.58 -10.72 -43.63
N LYS B 29 18.45 -10.92 -44.29
CA LYS B 29 17.16 -10.59 -43.69
C LYS B 29 16.11 -11.69 -43.79
N VAL B 30 15.13 -11.66 -42.89
CA VAL B 30 13.97 -12.53 -42.98
C VAL B 30 13.19 -12.08 -44.22
N GLN B 31 12.83 -13.03 -45.08
CA GLN B 31 12.15 -12.72 -46.34
C GLN B 31 10.69 -13.13 -46.38
N LEU B 32 10.37 -14.20 -45.68
CA LEU B 32 9.08 -14.86 -45.83
C LEU B 32 8.78 -15.80 -44.66
N ILE B 33 7.52 -15.80 -44.22
CA ILE B 33 7.01 -16.83 -43.33
C ILE B 33 5.83 -17.52 -44.05
N ALA B 34 5.88 -18.85 -44.13
CA ALA B 34 4.80 -19.65 -44.70
C ALA B 34 4.72 -21.05 -44.07
N ALA B 35 3.61 -21.74 -44.29
CA ALA B 35 3.40 -23.09 -43.76
C ALA B 35 4.51 -24.06 -44.17
N SER B 36 4.83 -24.02 -45.45
CA SER B 36 5.78 -24.95 -46.06
C SER B 36 6.50 -24.31 -47.24
N ILE B 37 7.83 -24.33 -47.21
CA ILE B 37 8.65 -23.75 -48.27
C ILE B 37 9.43 -24.86 -49.00
N ASP B 38 9.27 -24.92 -50.33
CA ASP B 38 9.97 -25.93 -51.16
C ASP B 38 11.50 -25.88 -50.95
N PRO B 39 12.09 -27.02 -50.48
CA PRO B 39 13.53 -27.06 -50.17
C PRO B 39 14.46 -26.69 -51.34
N SER B 40 14.01 -26.92 -52.57
CA SER B 40 14.81 -26.58 -53.75
C SER B 40 14.97 -25.07 -53.98
N LEU B 41 14.25 -24.27 -53.19
CA LEU B 41 14.31 -22.81 -53.31
C LEU B 41 15.42 -22.20 -52.46
N GLY B 42 16.06 -23.00 -51.61
CA GLY B 42 17.11 -22.54 -50.71
C GLY B 42 18.47 -23.16 -50.97
N SER B 43 19.53 -22.36 -50.81
CA SER B 43 20.90 -22.87 -50.96
C SER B 43 21.28 -23.77 -49.78
N GLU B 44 20.72 -23.45 -48.62
CA GLU B 44 20.93 -24.20 -47.40
C GLU B 44 19.58 -24.44 -46.72
N VAL B 45 19.37 -25.67 -46.27
CA VAL B 45 18.13 -26.06 -45.58
C VAL B 45 18.46 -26.62 -44.20
N ILE B 46 17.86 -26.03 -43.15
CA ILE B 46 17.99 -26.51 -41.77
C ILE B 46 16.67 -27.12 -41.31
N ASP B 47 16.72 -28.39 -40.92
CA ASP B 47 15.60 -29.09 -40.31
C ASP B 47 15.64 -28.89 -38.78
N ALA B 48 14.70 -28.09 -38.27
CA ALA B 48 14.61 -27.77 -36.84
C ALA B 48 14.14 -28.92 -35.94
N GLU B 49 13.58 -29.95 -36.57
CA GLU B 49 13.06 -31.15 -35.89
C GLU B 49 12.09 -30.86 -34.74
N GLY B 50 11.20 -29.89 -34.95
CA GLY B 50 10.18 -29.53 -33.96
C GLY B 50 10.60 -28.59 -32.84
N ALA B 51 11.86 -28.16 -32.87
CA ALA B 51 12.38 -27.26 -31.84
C ALA B 51 11.81 -25.84 -31.96
N PHE B 52 11.89 -25.06 -30.89
CA PHE B 52 11.56 -23.64 -30.96
C PHE B 52 12.60 -22.87 -31.77
N ILE B 53 12.14 -21.88 -32.54
CA ILE B 53 12.99 -20.86 -33.15
C ILE B 53 12.66 -19.52 -32.47
N THR B 54 13.66 -18.88 -31.90
CA THR B 54 13.45 -17.59 -31.27
C THR B 54 14.24 -16.51 -32.03
N PRO B 55 13.85 -15.23 -31.89
CA PRO B 55 14.76 -14.19 -32.35
C PRO B 55 16.05 -14.31 -31.56
N GLY B 56 17.14 -13.80 -32.09
CA GLY B 56 18.38 -13.73 -31.32
C GLY B 56 18.17 -12.89 -30.07
N GLY B 57 18.88 -13.23 -29.01
CA GLY B 57 18.86 -12.43 -27.79
C GLY B 57 19.56 -11.09 -27.97
N ILE B 58 19.09 -10.08 -27.23
CA ILE B 58 19.68 -8.75 -27.22
C ILE B 58 20.01 -8.39 -25.78
N ASP B 59 21.31 -8.32 -25.50
CA ASP B 59 21.81 -8.03 -24.16
C ASP B 59 22.34 -6.61 -24.13
N ALA B 60 21.57 -5.75 -23.47
CA ALA B 60 21.84 -4.32 -23.50
C ALA B 60 22.63 -3.87 -22.27
N HIS B 61 23.25 -4.83 -21.59
CA HIS B 61 24.07 -4.51 -20.44
C HIS B 61 25.34 -5.37 -20.40
N VAL B 62 26.28 -5.04 -21.27
CA VAL B 62 27.54 -5.77 -21.39
C VAL B 62 28.71 -4.81 -21.18
N HIS B 63 29.71 -5.23 -20.40
CA HIS B 63 30.93 -4.46 -20.24
C HIS B 63 32.12 -5.13 -20.91
N VAL B 64 32.81 -4.36 -21.74
CA VAL B 64 33.93 -4.82 -22.53
C VAL B 64 35.11 -3.93 -22.20
N ASP B 65 36.33 -4.43 -22.43
CA ASP B 65 37.52 -3.61 -22.26
C ASP B 65 37.47 -2.40 -23.18
N GLU B 66 37.64 -1.22 -22.59
CA GLU B 66 37.59 0.05 -23.32
C GLU B 66 38.79 0.93 -22.95
N PRO B 67 39.22 1.82 -23.88
CA PRO B 67 40.50 2.53 -23.75
C PRO B 67 40.65 3.42 -22.49
N LEU B 68 39.55 3.92 -21.96
CA LEU B 68 39.62 4.77 -20.76
C LEU B 68 39.68 4.02 -19.44
N LYS B 69 39.47 2.70 -19.50
CA LYS B 69 39.69 1.79 -18.36
C LYS B 69 38.86 2.20 -17.13
N LEU B 70 37.58 2.54 -17.36
CA LEU B 70 36.70 2.96 -16.28
C LEU B 70 36.57 1.89 -15.19
N LEU B 71 36.43 0.63 -15.60
CA LEU B 71 36.33 -0.47 -14.63
C LEU B 71 37.65 -1.24 -14.52
N GLY B 72 38.76 -0.51 -14.63
CA GLY B 72 40.09 -1.12 -14.79
C GLY B 72 40.15 -1.92 -16.09
N ASP B 73 41.13 -2.83 -16.17
CA ASP B 73 41.24 -3.73 -17.32
C ASP B 73 40.23 -4.87 -17.19
N VAL B 74 39.48 -5.12 -18.26
CA VAL B 74 38.50 -6.20 -18.34
C VAL B 74 39.03 -7.26 -19.32
N VAL B 75 38.82 -8.54 -19.04
CA VAL B 75 39.44 -9.61 -19.89
C VAL B 75 38.86 -9.71 -21.31
N ASP B 76 37.57 -9.43 -21.46
CA ASP B 76 36.90 -9.56 -22.75
C ASP B 76 36.96 -8.29 -23.60
N THR B 77 37.43 -8.44 -24.83
CA THR B 77 37.28 -7.42 -25.85
C THR B 77 35.89 -7.58 -26.47
N MET B 78 35.52 -6.68 -27.38
CA MET B 78 34.27 -6.83 -28.12
C MET B 78 34.29 -8.11 -28.97
N GLU B 79 35.47 -8.48 -29.49
CA GLU B 79 35.65 -9.78 -30.17
C GLU B 79 35.24 -10.95 -29.27
N HIS B 80 35.79 -11.00 -28.06
CA HIS B 80 35.52 -12.09 -27.12
C HIS B 80 34.07 -12.11 -26.66
N ALA B 81 33.51 -10.94 -26.38
CA ALA B 81 32.16 -10.85 -25.85
C ALA B 81 31.12 -11.26 -26.86
N THR B 82 31.30 -10.83 -28.12
CA THR B 82 30.37 -11.19 -29.21
C THR B 82 30.49 -12.67 -29.58
N ARG B 83 31.70 -13.22 -29.55
CA ARG B 83 31.88 -14.67 -29.71
C ARG B 83 31.10 -15.45 -28.64
N SER B 84 31.24 -15.03 -27.38
CA SER B 84 30.58 -15.64 -26.24
C SER B 84 29.06 -15.47 -26.33
N ALA B 85 28.63 -14.26 -26.68
CA ALA B 85 27.23 -13.97 -26.91
C ALA B 85 26.60 -14.97 -27.88
N VAL B 86 27.19 -15.07 -29.08
CA VAL B 86 26.70 -15.95 -30.15
C VAL B 86 26.65 -17.43 -29.75
N ALA B 87 27.67 -17.89 -29.02
CA ALA B 87 27.70 -19.26 -28.52
C ALA B 87 26.57 -19.52 -27.52
N GLY B 88 25.99 -18.46 -26.96
CA GLY B 88 24.87 -18.57 -26.04
C GLY B 88 23.53 -18.05 -26.58
N GLY B 89 23.47 -17.78 -27.88
CA GLY B 89 22.20 -17.39 -28.50
C GLY B 89 21.87 -15.90 -28.49
N THR B 90 22.84 -15.07 -28.14
CA THR B 90 22.66 -13.62 -28.16
C THR B 90 23.29 -13.04 -29.42
N THR B 91 22.53 -12.23 -30.16
CA THR B 91 22.95 -11.80 -31.49
C THR B 91 23.16 -10.27 -31.60
N THR B 92 22.84 -9.55 -30.53
CA THR B 92 23.14 -8.12 -30.42
C THR B 92 23.55 -7.80 -28.97
N VAL B 93 24.66 -7.09 -28.81
CA VAL B 93 25.05 -6.59 -27.49
C VAL B 93 25.18 -5.07 -27.51
N VAL B 94 24.86 -4.45 -26.38
CA VAL B 94 25.08 -3.01 -26.21
C VAL B 94 26.03 -2.82 -25.02
N ALA B 95 27.21 -2.24 -25.30
CA ALA B 95 28.20 -1.95 -24.26
C ALA B 95 28.17 -0.47 -23.88
N PHE B 96 29.24 0.01 -23.26
CA PHE B 96 29.26 1.35 -22.67
C PHE B 96 30.45 2.19 -23.14
N SER B 97 30.15 3.44 -23.51
CA SER B 97 31.18 4.44 -23.82
C SER B 97 31.44 5.36 -22.62
N THR B 98 32.69 5.43 -22.17
CA THR B 98 33.05 6.27 -21.03
C THR B 98 33.30 7.72 -21.44
N GLN B 99 32.53 8.63 -20.85
CA GLN B 99 32.75 10.07 -21.04
C GLN B 99 34.22 10.41 -20.84
N ASP B 100 34.81 11.08 -21.83
CA ASP B 100 36.21 11.44 -21.79
C ASP B 100 36.35 12.90 -21.33
N VAL B 101 36.70 13.10 -20.06
CA VAL B 101 36.73 14.46 -19.50
C VAL B 101 37.82 15.36 -20.08
N SER B 102 38.71 14.79 -20.89
CA SER B 102 39.73 15.56 -21.58
C SER B 102 39.17 16.23 -22.85
N LYS B 103 38.02 15.76 -23.31
CA LYS B 103 37.37 16.36 -24.48
C LYS B 103 36.47 17.52 -24.04
N LYS B 104 36.54 18.62 -24.79
CA LYS B 104 35.77 19.84 -24.50
C LYS B 104 34.86 20.21 -25.67
N GLY B 105 33.90 21.11 -25.42
CA GLY B 105 33.05 21.66 -26.47
C GLY B 105 31.91 20.76 -26.96
N PRO B 106 31.24 21.18 -28.04
CA PRO B 106 30.08 20.50 -28.65
C PRO B 106 30.30 19.03 -29.04
N SER B 107 31.53 18.66 -29.43
CA SER B 107 31.81 17.29 -29.89
C SER B 107 32.28 16.31 -28.80
N ALA B 108 32.37 16.80 -27.55
CA ALA B 108 33.01 16.07 -26.44
C ALA B 108 32.49 14.65 -26.17
N LEU B 109 31.18 14.46 -26.29
CA LEU B 109 30.60 13.16 -26.07
C LEU B 109 30.61 12.25 -27.31
N ALA B 110 30.50 12.85 -28.50
CA ALA B 110 30.66 12.09 -29.75
C ALA B 110 32.09 11.56 -29.86
N GLU B 111 33.07 12.39 -29.47
CA GLU B 111 34.47 11.99 -29.41
C GLU B 111 34.73 10.84 -28.40
N SER B 112 33.89 10.71 -27.38
CA SER B 112 33.97 9.60 -26.41
C SER B 112 33.56 8.28 -27.04
N VAL B 113 32.55 8.34 -27.90
CA VAL B 113 32.03 7.17 -28.59
C VAL B 113 33.04 6.71 -29.65
N LYS B 114 33.66 7.68 -30.32
CA LYS B 114 34.63 7.42 -31.38
C LYS B 114 35.78 6.52 -30.92
N LEU B 115 36.26 6.75 -29.70
CA LEU B 115 37.36 5.97 -29.14
C LEU B 115 37.02 4.48 -29.15
N ASP B 116 35.77 4.17 -28.79
CA ASP B 116 35.29 2.79 -28.73
C ASP B 116 35.08 2.17 -30.13
N VAL B 117 34.36 2.87 -30.99
CA VAL B 117 34.13 2.43 -32.38
C VAL B 117 35.45 2.13 -33.11
N ASP B 118 36.38 3.09 -33.05
CA ASP B 118 37.69 2.96 -33.70
C ASP B 118 38.45 1.73 -33.23
N GLU B 119 38.43 1.50 -31.92
CA GLU B 119 39.11 0.35 -31.35
C GLU B 119 38.49 -0.98 -31.78
N TYR B 120 37.16 -1.05 -31.81
CA TYR B 120 36.47 -2.32 -32.13
C TYR B 120 36.39 -2.60 -33.62
N SER B 121 36.65 -1.59 -34.45
CA SER B 121 36.59 -1.72 -35.91
C SER B 121 37.69 -2.66 -36.47
N GLU B 122 38.71 -2.95 -35.65
CA GLU B 122 39.82 -3.79 -36.06
C GLU B 122 39.69 -5.23 -35.53
N GLN B 123 38.73 -5.45 -34.63
CA GLN B 123 38.50 -6.76 -34.05
C GLN B 123 37.56 -7.59 -34.92
N THR B 124 37.63 -8.90 -34.81
CA THR B 124 36.66 -9.76 -35.47
C THR B 124 35.38 -9.75 -34.65
N LEU B 125 34.28 -9.31 -35.26
CA LEU B 125 33.01 -9.25 -34.53
C LEU B 125 32.02 -10.30 -35.01
N TYR B 126 31.55 -11.12 -34.07
CA TYR B 126 30.69 -12.24 -34.38
C TYR B 126 29.21 -11.84 -34.50
N CYS B 127 28.87 -10.68 -33.96
CA CYS B 127 27.54 -10.11 -34.09
C CYS B 127 27.59 -8.59 -33.93
N ASP B 128 26.48 -7.92 -34.22
CA ASP B 128 26.40 -6.46 -34.12
C ASP B 128 26.45 -5.97 -32.68
N TYR B 129 26.88 -4.72 -32.50
CA TYR B 129 26.93 -4.12 -31.16
C TYR B 129 26.60 -2.64 -31.22
N GLY B 130 26.03 -2.14 -30.13
CA GLY B 130 25.78 -0.71 -29.94
C GLY B 130 26.43 -0.21 -28.65
N LEU B 131 26.29 1.09 -28.39
CA LEU B 131 26.89 1.68 -27.19
C LEU B 131 25.98 2.64 -26.44
N HIS B 132 25.94 2.48 -25.12
CA HIS B 132 25.38 3.49 -24.20
C HIS B 132 26.49 4.48 -23.86
N LEU B 133 26.11 5.69 -23.46
CA LEU B 133 27.07 6.66 -22.98
C LEU B 133 27.00 6.78 -21.45
N ILE B 134 28.16 6.70 -20.79
CA ILE B 134 28.22 6.89 -19.33
C ILE B 134 28.60 8.33 -18.99
N LEU B 135 27.81 8.95 -18.12
CA LEU B 135 28.05 10.34 -17.70
C LEU B 135 28.33 10.45 -16.18
N PHE B 136 29.45 11.06 -15.84
CA PHE B 136 29.81 11.27 -14.43
C PHE B 136 30.33 12.67 -14.09
N GLN B 137 30.55 13.51 -15.11
CA GLN B 137 30.92 14.91 -14.91
C GLN B 137 29.91 15.83 -15.58
N ILE B 138 29.14 16.53 -14.76
CA ILE B 138 28.07 17.41 -15.22
C ILE B 138 28.43 18.84 -14.81
N GLU B 139 28.35 19.79 -15.75
CA GLU B 139 28.73 21.19 -15.48
C GLU B 139 27.71 21.87 -14.57
N LYS B 140 28.18 22.83 -13.78
CA LYS B 140 27.33 23.60 -12.87
C LYS B 140 27.56 25.09 -13.07
N PRO B 141 26.58 25.94 -12.73
CA PRO B 141 25.19 25.64 -12.37
C PRO B 141 24.34 25.19 -13.57
N SER B 142 23.18 24.62 -13.27
CA SER B 142 22.35 23.97 -14.27
C SER B 142 21.96 24.84 -15.45
N VAL B 143 21.46 26.04 -15.16
CA VAL B 143 20.89 26.90 -16.17
C VAL B 143 21.91 27.31 -17.24
N GLU B 144 23.05 27.83 -16.80
CA GLU B 144 24.12 28.26 -17.72
C GLU B 144 24.71 27.10 -18.52
N ALA B 145 24.65 25.89 -17.96
CA ALA B 145 25.21 24.70 -18.60
C ALA B 145 24.28 24.07 -19.65
N ARG B 146 22.98 24.38 -19.56
CA ARG B 146 21.95 23.68 -20.34
C ARG B 146 22.27 23.53 -21.82
N GLU B 147 22.59 24.65 -22.47
CA GLU B 147 22.86 24.66 -23.92
C GLU B 147 23.94 23.69 -24.39
N LEU B 148 25.10 23.72 -23.72
CA LEU B 148 26.21 22.86 -24.09
C LEU B 148 25.84 21.38 -23.96
N LEU B 149 25.29 20.98 -22.82
CA LEU B 149 24.92 19.58 -22.59
C LEU B 149 23.94 19.05 -23.65
N ASP B 150 22.94 19.85 -23.99
CA ASP B 150 21.95 19.57 -25.03
C ASP B 150 22.61 19.40 -26.42
N VAL B 151 23.45 20.37 -26.78
CA VAL B 151 24.19 20.33 -28.03
C VAL B 151 25.09 19.07 -28.14
N GLN B 152 25.71 18.67 -27.03
CA GLN B 152 26.59 17.50 -26.96
C GLN B 152 25.86 16.17 -27.19
N LEU B 153 24.64 16.05 -26.65
CA LEU B 153 23.85 14.84 -26.86
C LEU B 153 23.39 14.74 -28.32
N GLN B 154 23.03 15.88 -28.90
CA GLN B 154 22.66 15.97 -30.32
C GLN B 154 23.80 15.43 -31.21
N ALA B 155 25.01 15.90 -30.94
CA ALA B 155 26.20 15.51 -31.69
C ALA B 155 26.50 14.02 -31.55
N ALA B 156 26.27 13.48 -30.36
CA ALA B 156 26.48 12.05 -30.13
C ALA B 156 25.46 11.20 -30.88
N TYR B 157 24.22 11.68 -30.92
CA TYR B 157 23.16 11.01 -31.70
C TYR B 157 23.38 11.14 -33.21
N ASN B 158 23.65 12.37 -33.67
CA ASN B 158 23.76 12.64 -35.11
C ASN B 158 24.93 11.90 -35.75
N ASP B 159 26.04 11.81 -35.03
CA ASP B 159 27.27 11.24 -35.55
C ASP B 159 27.37 9.71 -35.37
N TYR B 160 26.87 9.20 -34.23
CA TYR B 160 27.10 7.80 -33.86
C TYR B 160 25.86 7.00 -33.48
N GLY B 161 24.68 7.61 -33.59
CA GLY B 161 23.44 6.90 -33.29
C GLY B 161 23.32 6.44 -31.85
N VAL B 162 23.92 7.20 -30.93
CA VAL B 162 23.81 6.95 -29.49
C VAL B 162 22.60 7.72 -28.96
N SER B 163 21.66 6.98 -28.35
CA SER B 163 20.43 7.60 -27.86
C SER B 163 20.13 7.21 -26.40
N SER B 164 21.15 6.74 -25.69
CA SER B 164 20.98 6.35 -24.30
C SER B 164 22.12 6.85 -23.41
N VAL B 165 21.75 7.22 -22.19
CA VAL B 165 22.69 7.80 -21.23
C VAL B 165 22.58 7.12 -19.88
N MET B 167 23.83 6.89 -15.78
CA MET B 167 24.39 7.58 -14.61
C MET B 167 24.33 6.71 -13.36
N PHE B 168 25.19 7.02 -12.39
CA PHE B 168 25.34 6.25 -11.15
C PHE B 168 25.00 7.09 -9.91
N MET B 169 24.31 6.48 -8.96
CA MET B 169 24.04 7.14 -7.68
C MET B 169 24.99 6.65 -6.56
N THR B 170 25.89 5.74 -6.91
CA THR B 170 26.95 5.22 -6.01
C THR B 170 28.28 5.07 -6.77
N TYR B 171 29.32 4.56 -6.08
CA TYR B 171 30.71 4.40 -6.57
C TYR B 171 31.45 5.73 -6.54
N PRO B 172 32.57 5.79 -5.79
CA PRO B 172 33.41 7.01 -5.82
C PRO B 172 33.99 7.24 -7.21
N GLY B 173 33.84 8.46 -7.72
CA GLY B 173 34.28 8.79 -9.08
C GLY B 173 33.15 8.72 -10.10
N LEU B 174 32.06 8.03 -9.75
CA LEU B 174 30.90 7.90 -10.65
C LEU B 174 29.62 8.49 -10.06
N GLN B 175 29.46 8.40 -8.74
CA GLN B 175 28.30 8.97 -8.04
C GLN B 175 28.11 10.43 -8.37
N ILE B 176 26.92 10.80 -8.82
CA ILE B 176 26.58 12.20 -9.01
C ILE B 176 25.37 12.60 -8.16
N SER B 177 25.34 13.88 -7.78
CA SER B 177 24.29 14.44 -6.93
C SER B 177 22.94 14.46 -7.62
N ASP B 178 21.87 14.61 -6.83
CA ASP B 178 20.49 14.73 -7.34
C ASP B 178 20.37 15.93 -8.27
N TYR B 179 21.00 17.03 -7.87
CA TYR B 179 21.06 18.26 -8.64
C TYR B 179 21.54 18.00 -10.09
N ASP B 180 22.68 17.32 -10.23
CA ASP B 180 23.25 16.98 -11.54
C ASP B 180 22.42 16.00 -12.36
N ILE B 181 21.75 15.07 -11.69
CA ILE B 181 20.84 14.15 -12.36
C ILE B 181 19.70 14.93 -13.04
N MET B 182 19.14 15.91 -12.32
CA MET B 182 18.07 16.75 -12.86
C MET B 182 18.54 17.51 -14.11
N SER B 183 19.75 18.08 -14.05
CA SER B 183 20.38 18.73 -15.22
C SER B 183 20.45 17.80 -16.43
N ALA B 184 20.91 16.57 -16.21
CA ALA B 184 20.99 15.56 -17.27
C ALA B 184 19.59 15.20 -17.80
N MET B 185 18.65 14.95 -16.89
CA MET B 185 17.28 14.64 -17.27
C MET B 185 16.66 15.73 -18.15
N TYR B 186 17.03 16.96 -17.87
CA TYR B 186 16.53 18.11 -18.63
C TYR B 186 16.94 17.96 -20.10
N ALA B 187 18.20 17.61 -20.31
CA ALA B 187 18.77 17.41 -21.63
C ALA B 187 18.24 16.16 -22.33
N THR B 188 18.17 15.04 -21.59
CA THR B 188 17.78 13.76 -22.22
C THR B 188 16.30 13.75 -22.63
N ARG B 189 15.42 14.30 -21.79
CA ARG B 189 14.00 14.44 -22.12
C ARG B 189 13.85 15.21 -23.43
N LYS B 190 14.52 16.36 -23.50
CA LYS B 190 14.46 17.24 -24.66
C LYS B 190 14.89 16.53 -25.96
N ASN B 191 15.83 15.59 -25.84
CA ASN B 191 16.35 14.86 -27.00
C ASN B 191 15.79 13.45 -27.19
N GLY B 192 14.79 13.08 -26.39
CA GLY B 192 14.17 11.75 -26.48
C GLY B 192 15.11 10.57 -26.23
N PHE B 193 16.14 10.80 -25.41
CA PHE B 193 17.11 9.76 -25.03
C PHE B 193 16.51 8.77 -24.05
N THR B 194 17.15 7.62 -23.91
CA THR B 194 16.77 6.67 -22.87
C THR B 194 17.68 6.94 -21.69
N THR B 195 17.08 7.30 -20.56
CA THR B 195 17.84 7.63 -19.36
C THR B 195 17.94 6.41 -18.42
N MET B 196 19.17 6.04 -18.08
CA MET B 196 19.47 4.83 -17.29
C MET B 196 20.09 5.20 -15.95
N LEU B 197 19.66 4.56 -14.88
CA LEU B 197 20.25 4.79 -13.56
C LEU B 197 20.63 3.53 -12.79
N HIS B 198 21.82 3.57 -12.20
CA HIS B 198 22.21 2.61 -11.16
C HIS B 198 21.83 3.24 -9.81
N ALA B 199 20.80 2.70 -9.18
CA ALA B 199 20.25 3.34 -7.99
C ALA B 199 20.59 2.61 -6.69
N GLU B 200 21.76 2.92 -6.13
CA GLU B 200 22.10 2.58 -4.74
C GLU B 200 22.53 3.86 -4.05
N ASN B 201 22.20 4.03 -2.78
CA ASN B 201 22.62 5.23 -2.05
C ASN B 201 24.12 5.18 -1.71
N GLY B 202 24.91 5.95 -2.47
CA GLY B 202 26.38 5.95 -2.33
C GLY B 202 26.90 6.36 -0.97
N ASP B 203 26.22 7.31 -0.32
CA ASP B 203 26.57 7.78 1.03
C ASP B 203 26.41 6.67 2.07
N MET B 204 25.30 5.93 2.01
CA MET B 204 25.06 4.82 2.93
C MET B 204 26.07 3.69 2.73
N VAL B 205 26.36 3.37 1.46
CA VAL B 205 27.38 2.37 1.09
C VAL B 205 28.76 2.74 1.69
N LYS B 206 29.20 3.96 1.43
CA LYS B 206 30.49 4.47 1.93
C LYS B 206 30.61 4.42 3.46
N TRP B 207 29.58 4.88 4.17
CA TRP B 207 29.60 4.92 5.63
C TRP B 207 29.67 3.52 6.21
N MET B 208 28.84 2.62 5.70
CA MET B 208 28.79 1.26 6.20
C MET B 208 30.06 0.44 5.90
N ILE B 209 30.70 0.67 4.75
CA ILE B 209 31.97 0.01 4.46
C ILE B 209 33.01 0.39 5.51
N GLU B 210 33.07 1.68 5.83
CA GLU B 210 34.01 2.19 6.82
C GLU B 210 33.75 1.61 8.20
N ALA B 211 32.47 1.48 8.56
CA ALA B 211 32.07 0.89 9.83
C ALA B 211 32.49 -0.59 9.94
N LEU B 212 32.37 -1.32 8.83
CA LEU B 212 32.74 -2.75 8.79
C LEU B 212 34.26 -2.96 8.87
N GLU B 213 34.99 -2.15 8.10
CA GLU B 213 36.45 -2.17 8.10
C GLU B 213 37.03 -1.86 9.49
N GLU B 214 36.40 -0.93 10.20
CA GLU B 214 36.79 -0.59 11.58
C GLU B 214 36.69 -1.77 12.53
N GLN B 215 35.75 -2.67 12.28
CA GLN B 215 35.65 -3.90 13.07
C GLN B 215 36.43 -5.09 12.48
N GLY B 216 37.15 -4.83 11.38
CA GLY B 216 37.95 -5.87 10.71
C GLY B 216 37.16 -6.87 9.88
N LEU B 217 35.91 -6.51 9.52
CA LEU B 217 35.04 -7.40 8.77
C LEU B 217 35.18 -7.13 7.27
N THR B 218 36.20 -7.76 6.68
CA THR B 218 36.68 -7.39 5.35
C THR B 218 36.55 -8.50 4.27
N ASP B 219 36.20 -9.71 4.70
CA ASP B 219 35.94 -10.84 3.79
C ASP B 219 34.88 -10.53 2.73
N ALA B 220 34.95 -11.23 1.59
CA ALA B 220 34.06 -11.00 0.46
C ALA B 220 32.57 -10.97 0.83
N TYR B 221 32.18 -11.78 1.81
CA TYR B 221 30.78 -11.87 2.26
C TYR B 221 30.23 -10.53 2.77
N TYR B 222 31.08 -9.73 3.36
CA TYR B 222 30.66 -8.45 3.92
C TYR B 222 30.41 -7.34 2.89
N HIS B 223 30.61 -7.66 1.62
CA HIS B 223 30.20 -6.80 0.51
C HIS B 223 28.67 -6.64 0.52
N GLY B 224 27.95 -7.76 0.65
CA GLY B 224 26.50 -7.74 0.80
C GLY B 224 26.05 -7.00 2.05
N VAL B 225 26.72 -7.26 3.17
CA VAL B 225 26.36 -6.65 4.47
C VAL B 225 26.48 -5.12 4.44
N SER B 226 27.43 -4.61 3.66
CA SER B 226 27.69 -3.16 3.56
C SER B 226 26.59 -2.36 2.87
N ARG B 227 25.70 -3.05 2.15
CA ARG B 227 24.71 -2.39 1.30
C ARG B 227 23.42 -3.23 1.12
N PRO B 228 22.64 -3.42 2.20
CA PRO B 228 21.42 -4.24 2.18
C PRO B 228 20.34 -3.65 1.26
N SER B 229 19.29 -4.43 0.96
CA SER B 229 18.27 -4.08 -0.05
C SER B 229 17.61 -2.71 0.11
N ILE B 230 17.46 -2.28 1.36
CA ILE B 230 16.88 -1.00 1.74
C ILE B 230 17.66 0.21 1.16
N VAL B 231 18.95 0.02 0.90
CA VAL B 231 19.82 1.03 0.31
C VAL B 231 19.51 1.23 -1.18
N GLU B 232 19.31 0.11 -1.90
CA GLU B 232 18.87 0.16 -3.30
C GLU B 232 17.43 0.70 -3.40
N GLY B 233 16.60 0.31 -2.45
CA GLY B 233 15.21 0.78 -2.38
C GLY B 233 15.08 2.29 -2.23
N GLU B 234 15.79 2.87 -1.25
CA GLU B 234 15.80 4.31 -1.03
C GLU B 234 16.16 5.08 -2.29
N ALA B 235 17.30 4.72 -2.89
CA ALA B 235 17.84 5.45 -4.04
C ALA B 235 16.93 5.34 -5.25
N THR B 236 16.31 4.19 -5.45
CA THR B 236 15.35 3.99 -6.53
C THR B 236 14.13 4.88 -6.34
N ASN B 237 13.66 4.99 -5.09
CA ASN B 237 12.56 5.90 -4.75
C ASN B 237 12.93 7.36 -5.00
N ARG B 238 14.16 7.72 -4.67
CA ARG B 238 14.66 9.08 -4.86
C ARG B 238 14.74 9.42 -6.35
N ALA B 239 15.20 8.45 -7.14
CA ALA B 239 15.35 8.60 -8.60
C ALA B 239 14.00 8.68 -9.34
N ILE B 240 13.02 7.88 -8.91
CA ILE B 240 11.66 8.01 -9.42
C ILE B 240 11.14 9.44 -9.15
N THR B 241 11.28 9.92 -7.91
CA THR B 241 10.88 11.30 -7.54
C THR B 241 11.48 12.36 -8.48
N LEU B 242 12.77 12.24 -8.75
CA LEU B 242 13.42 13.15 -9.69
C LEU B 242 12.80 13.06 -11.09
N ALA B 243 12.61 11.83 -11.59
CA ALA B 243 12.02 11.58 -12.92
C ALA B 243 10.63 12.17 -13.05
N THR B 244 9.86 12.07 -11.96
CA THR B 244 8.50 12.63 -11.90
C THR B 244 8.51 14.16 -11.98
N THR B 245 9.34 14.80 -11.15
CA THR B 245 9.50 16.25 -11.22
C THR B 245 9.93 16.71 -12.61
N MET B 246 10.75 15.90 -13.28
CA MET B 246 11.34 16.27 -14.57
C MET B 246 10.59 15.71 -15.80
N ASP B 247 9.49 15.00 -15.56
CA ASP B 247 8.71 14.32 -16.62
C ASP B 247 9.60 13.57 -17.62
N THR B 248 10.53 12.79 -17.09
CA THR B 248 11.55 12.15 -17.90
C THR B 248 11.44 10.64 -17.74
N PRO B 249 11.23 9.90 -18.86
CA PRO B 249 11.27 8.44 -18.86
C PRO B 249 12.57 7.94 -18.26
N ILE B 250 12.52 6.87 -17.47
CA ILE B 250 13.69 6.36 -16.78
C ILE B 250 13.76 4.81 -16.75
N LEU B 251 14.97 4.28 -16.93
CA LEU B 251 15.20 2.85 -16.80
C LEU B 251 16.19 2.55 -15.67
N PHE B 252 15.77 1.65 -14.76
CA PHE B 252 16.66 1.18 -13.70
C PHE B 252 17.38 -0.11 -14.11
N VAL B 253 18.71 -0.07 -14.07
CA VAL B 253 19.54 -1.23 -14.43
C VAL B 253 19.69 -2.20 -13.24
N HIS B 254 19.91 -3.47 -13.59
CA HIS B 254 20.16 -4.56 -12.63
C HIS B 254 19.46 -4.40 -11.27
N VAL B 255 18.13 -4.40 -11.29
CA VAL B 255 17.34 -4.29 -10.07
C VAL B 255 17.39 -5.65 -9.32
N SER B 256 17.65 -5.58 -8.01
CA SER B 256 17.78 -6.79 -7.19
C SER B 256 17.05 -6.70 -5.86
N SER B 257 16.57 -5.50 -5.53
CA SER B 257 15.99 -5.21 -4.22
C SER B 257 14.46 -5.25 -4.25
N PRO B 258 13.85 -6.03 -3.33
CA PRO B 258 12.37 -6.07 -3.27
C PRO B 258 11.76 -4.69 -3.04
N GLN B 259 12.42 -3.84 -2.24
CA GLN B 259 11.94 -2.48 -1.95
C GLN B 259 11.98 -1.61 -3.19
N ALA B 260 13.01 -1.82 -4.00
CA ALA B 260 13.16 -1.13 -5.29
C ALA B 260 12.06 -1.56 -6.26
N ALA B 261 11.86 -2.87 -6.41
CA ALA B 261 10.78 -3.39 -7.24
C ALA B 261 9.39 -2.89 -6.82
N GLU B 262 9.17 -2.72 -5.51
CA GLU B 262 7.92 -2.18 -4.95
C GLU B 262 7.60 -0.75 -5.41
N VAL B 263 8.56 0.17 -5.24
CA VAL B 263 8.34 1.55 -5.69
C VAL B 263 8.30 1.67 -7.22
N ILE B 264 9.04 0.81 -7.94
CA ILE B 264 8.96 0.75 -9.41
C ILE B 264 7.57 0.31 -9.89
N LYS B 265 7.05 -0.76 -9.29
CA LYS B 265 5.70 -1.22 -9.60
C LYS B 265 4.65 -0.14 -9.36
N GLN B 266 4.73 0.54 -8.21
CA GLN B 266 3.75 1.61 -7.87
C GLN B 266 3.74 2.74 -8.90
N ALA B 267 4.93 3.10 -9.38
CA ALA B 267 5.06 4.12 -10.44
C ALA B 267 4.45 3.66 -11.77
N GLN B 268 4.71 2.40 -12.13
CA GLN B 268 4.15 1.81 -13.35
C GLN B 268 2.63 1.75 -13.30
N THR B 269 2.09 1.43 -12.12
CA THR B 269 0.64 1.41 -11.90
C THR B 269 0.03 2.81 -12.10
N LYS B 270 0.75 3.85 -11.64
CA LYS B 270 0.36 5.25 -11.86
C LYS B 270 0.46 5.67 -13.33
N GLY B 271 1.17 4.89 -14.14
CA GLY B 271 1.32 5.19 -15.56
C GLY B 271 2.56 6.03 -15.88
N LEU B 272 3.40 6.29 -14.88
CA LEU B 272 4.68 6.97 -15.12
C LEU B 272 5.56 6.06 -15.97
N LYS B 273 6.39 6.67 -16.81
CA LYS B 273 7.25 5.88 -17.69
C LYS B 273 8.52 5.48 -16.95
N VAL B 274 8.39 4.42 -16.16
CA VAL B 274 9.51 3.88 -15.41
C VAL B 274 9.72 2.44 -15.87
N TYR B 275 10.88 2.19 -16.46
CA TYR B 275 11.23 0.86 -16.93
C TYR B 275 12.32 0.27 -16.04
N ALA B 276 12.47 -1.06 -16.10
CA ALA B 276 13.43 -1.75 -15.25
C ALA B 276 14.07 -2.98 -15.91
N GLU B 277 15.30 -3.23 -15.52
CA GLU B 277 16.07 -4.38 -15.95
C GLU B 277 16.45 -5.20 -14.73
N THR B 278 16.45 -6.52 -14.87
CA THR B 278 17.10 -7.40 -13.89
C THR B 278 18.05 -8.35 -14.62
N CYS B 279 18.73 -9.20 -13.85
CA CYS B 279 19.76 -10.11 -14.37
C CYS B 279 19.59 -11.53 -13.83
N PRO B 280 19.97 -12.56 -14.62
CA PRO B 280 19.76 -13.94 -14.17
C PRO B 280 20.28 -14.22 -12.75
N GLN B 281 21.46 -13.69 -12.42
CA GLN B 281 22.09 -13.94 -11.11
C GLN B 281 21.27 -13.47 -9.91
N TYR B 282 20.37 -12.51 -10.11
CA TYR B 282 19.52 -12.04 -9.01
C TYR B 282 18.31 -12.94 -8.78
N ALA B 283 18.03 -13.82 -9.74
CA ALA B 283 16.94 -14.80 -9.60
C ALA B 283 17.45 -16.20 -9.22
N LEU B 284 18.73 -16.45 -9.44
CA LEU B 284 19.24 -17.82 -9.39
C LEU B 284 20.27 -18.04 -8.28
N LEU B 285 20.89 -16.97 -7.79
CA LEU B 285 21.91 -17.10 -6.76
C LEU B 285 21.55 -16.34 -5.48
N SER B 286 21.99 -16.85 -4.34
CA SER B 286 21.83 -16.15 -3.07
C SER B 286 23.21 -15.94 -2.43
N ASP B 287 23.32 -15.03 -1.47
CA ASP B 287 24.63 -14.68 -0.88
C ASP B 287 25.32 -15.79 -0.05
N ALA B 288 24.65 -16.91 0.17
CA ALA B 288 25.27 -18.08 0.80
C ALA B 288 26.48 -18.58 -0.02
N ILE B 289 26.45 -18.33 -1.34
CA ILE B 289 27.54 -18.72 -2.23
C ILE B 289 28.83 -17.88 -2.05
N THR B 290 28.77 -16.78 -1.30
CA THR B 290 29.93 -15.91 -1.09
C THR B 290 30.80 -16.28 0.13
N ARG B 291 30.40 -17.32 0.86
CA ARG B 291 31.18 -17.82 2.01
C ARG B 291 30.92 -19.30 2.26
N CYS B 292 31.77 -19.87 3.12
CA CYS B 292 31.66 -21.24 3.66
C CYS B 292 30.28 -21.53 4.24
N HIS B 293 29.90 -22.81 4.23
CA HIS B 293 28.71 -23.31 4.95
C HIS B 293 28.72 -24.83 4.95
N GLY B 302 14.08 -24.07 -2.85
CA GLY B 302 14.72 -23.11 -3.75
C GLY B 302 14.18 -23.14 -5.17
N VAL B 303 13.98 -21.95 -5.74
CA VAL B 303 13.48 -21.77 -7.12
C VAL B 303 14.60 -21.32 -8.06
N GLY B 304 15.83 -21.35 -7.56
CA GLY B 304 17.01 -21.08 -8.38
C GLY B 304 17.87 -22.32 -8.56
N ILE B 305 19.18 -22.10 -8.51
CA ILE B 305 20.16 -23.15 -8.71
C ILE B 305 20.46 -23.83 -7.38
N ASP B 306 20.50 -25.16 -7.39
CA ASP B 306 21.04 -25.92 -6.28
C ASP B 306 22.51 -25.52 -6.12
N LEU B 307 22.79 -24.73 -5.09
CA LEU B 307 24.10 -24.08 -4.94
C LEU B 307 25.24 -25.07 -4.70
N SER B 308 24.92 -26.21 -4.11
CA SER B 308 25.92 -27.25 -3.83
C SER B 308 26.40 -27.96 -5.11
N SER B 309 25.70 -27.74 -6.22
CA SER B 309 26.07 -28.34 -7.51
C SER B 309 27.03 -27.45 -8.33
N ILE B 310 27.22 -26.21 -7.90
CA ILE B 310 28.22 -25.34 -8.49
C ILE B 310 29.60 -25.85 -8.07
N SER B 311 30.49 -26.02 -9.03
CA SER B 311 31.86 -26.40 -8.71
C SER B 311 32.79 -25.20 -8.56
N GLU B 312 33.85 -25.38 -7.77
CA GLU B 312 34.88 -24.37 -7.56
C GLU B 312 34.31 -23.12 -6.85
N SER B 313 33.67 -23.36 -5.71
CA SER B 313 33.07 -22.30 -4.90
C SER B 313 33.55 -22.44 -3.46
N PRO B 314 33.11 -21.54 -2.54
CA PRO B 314 33.45 -21.72 -1.12
C PRO B 314 33.00 -23.05 -0.51
N PHE B 315 31.99 -23.68 -1.11
CA PHE B 315 31.48 -24.97 -0.68
C PHE B 315 32.49 -26.09 -0.95
N THR B 316 33.03 -26.14 -2.17
CA THR B 316 34.00 -27.16 -2.58
C THR B 316 35.44 -26.83 -2.21
N ASN B 317 35.76 -25.53 -2.14
CA ASN B 317 37.10 -25.06 -1.80
C ASN B 317 37.13 -24.16 -0.54
N PRO B 318 36.81 -24.73 0.64
CA PRO B 318 36.69 -23.89 1.85
C PRO B 318 38.03 -23.33 2.35
N ASP B 319 39.11 -23.98 1.91
CA ASP B 319 40.51 -23.56 2.11
C ASP B 319 40.79 -22.16 1.52
N ASP B 320 40.20 -21.90 0.36
CA ASP B 320 40.43 -20.66 -0.39
C ASP B 320 39.49 -19.54 0.07
N ARG B 321 40.04 -18.67 0.93
CA ARG B 321 39.32 -17.60 1.62
C ARG B 321 38.78 -16.52 0.67
N PHE B 322 39.40 -16.43 -0.50
CA PHE B 322 39.13 -15.34 -1.43
C PHE B 322 38.18 -15.73 -2.57
N ILE B 323 37.78 -17.01 -2.61
CA ILE B 323 37.01 -17.54 -3.75
C ILE B 323 35.59 -16.96 -3.88
N GLY B 324 35.09 -16.39 -2.78
CA GLY B 324 33.82 -15.69 -2.78
C GLY B 324 33.76 -14.53 -3.77
N SER B 325 34.94 -14.00 -4.11
CA SER B 325 35.07 -12.88 -5.04
C SER B 325 34.54 -13.20 -6.45
N LYS B 326 34.52 -14.48 -6.82
CA LYS B 326 33.91 -14.93 -8.07
C LYS B 326 32.48 -14.44 -8.25
N TYR B 327 31.79 -14.19 -7.13
CA TYR B 327 30.37 -13.83 -7.16
C TYR B 327 30.09 -12.45 -6.57
N ILE B 328 31.11 -11.60 -6.49
CA ILE B 328 30.93 -10.22 -6.02
C ILE B 328 30.56 -9.27 -7.18
N CYS B 329 29.38 -8.68 -7.08
CA CYS B 329 28.88 -7.75 -8.08
C CYS B 329 28.08 -6.64 -7.40
N SER B 330 27.70 -5.61 -8.16
CA SER B 330 26.91 -4.49 -7.63
C SER B 330 25.65 -4.23 -8.47
N PRO B 331 24.47 -4.26 -7.84
CA PRO B 331 24.27 -4.53 -6.41
C PRO B 331 24.61 -5.98 -6.05
N PRO B 332 24.85 -6.26 -4.76
CA PRO B 332 25.26 -7.61 -4.38
C PRO B 332 24.19 -8.66 -4.61
N ILE B 333 24.63 -9.90 -4.84
CA ILE B 333 23.76 -11.07 -4.79
C ILE B 333 23.13 -11.12 -3.39
N ARG B 334 21.80 -11.26 -3.35
CA ARG B 334 21.02 -10.97 -2.13
C ARG B 334 20.81 -12.19 -1.23
N PRO B 335 20.43 -11.95 0.05
CA PRO B 335 20.15 -13.05 0.99
C PRO B 335 19.09 -14.04 0.49
N GLU B 336 19.12 -15.25 1.06
CA GLU B 336 18.10 -16.27 0.82
C GLU B 336 16.68 -15.73 1.05
N GLY B 337 15.77 -16.05 0.13
CA GLY B 337 14.35 -15.65 0.26
C GLY B 337 13.93 -14.47 -0.62
N THR B 338 14.92 -13.81 -1.22
CA THR B 338 14.73 -12.64 -2.08
C THR B 338 14.47 -13.02 -3.55
N GLN B 339 15.05 -14.15 -3.97
CA GLN B 339 15.12 -14.53 -5.39
C GLN B 339 13.76 -14.72 -6.05
N LYS B 340 12.78 -15.23 -5.31
CA LYS B 340 11.45 -15.45 -5.85
C LYS B 340 10.77 -14.15 -6.33
N SER B 341 10.99 -13.06 -5.60
CA SER B 341 10.40 -11.76 -5.95
C SER B 341 10.94 -11.20 -7.28
N ILE B 342 12.14 -11.65 -7.66
CA ILE B 342 12.72 -11.28 -8.95
C ILE B 342 12.01 -12.00 -10.11
N TRP B 343 11.69 -13.29 -9.92
CA TRP B 343 10.92 -14.06 -10.90
C TRP B 343 9.53 -13.46 -11.09
N LYS B 344 8.84 -13.14 -9.99
CA LYS B 344 7.52 -12.58 -10.12
C LYS B 344 7.54 -11.21 -10.80
N GLY B 345 8.62 -10.44 -10.57
CA GLY B 345 8.86 -9.19 -11.27
C GLY B 345 9.00 -9.35 -12.79
N MET B 346 9.69 -10.41 -13.22
CA MET B 346 9.81 -10.74 -14.65
C MET B 346 8.45 -11.08 -15.27
N ASN B 347 7.61 -11.76 -14.51
CA ASN B 347 6.29 -12.16 -15.00
C ASN B 347 5.22 -11.08 -14.96
N ASN B 348 5.21 -10.27 -13.90
CA ASN B 348 4.12 -9.31 -13.67
C ASN B 348 4.27 -7.95 -14.36
N GLY B 349 5.35 -7.78 -15.12
CA GLY B 349 5.62 -6.53 -15.83
C GLY B 349 6.56 -5.52 -15.17
N THR B 350 7.07 -5.82 -13.96
CA THR B 350 8.01 -4.91 -13.29
C THR B 350 9.27 -4.76 -14.12
N PHE B 351 9.80 -5.87 -14.61
CA PHE B 351 11.00 -5.83 -15.45
C PHE B 351 10.66 -5.88 -16.94
N THR B 352 11.05 -4.80 -17.61
CA THR B 352 10.88 -4.62 -19.04
C THR B 352 11.83 -5.53 -19.81
N ILE B 353 13.06 -5.63 -19.32
CA ILE B 353 14.11 -6.38 -20.01
C ILE B 353 14.96 -7.17 -19.02
N VAL B 354 15.73 -8.13 -19.53
CA VAL B 354 16.73 -8.86 -18.75
C VAL B 354 18.07 -8.74 -19.45
N GLY B 355 19.09 -8.28 -18.72
CA GLY B 355 20.45 -8.19 -19.24
C GLY B 355 21.38 -9.04 -18.39
N SER B 356 22.67 -9.10 -18.72
CA SER B 356 23.59 -9.93 -17.95
C SER B 356 24.42 -9.15 -16.92
N ASP B 357 24.73 -7.89 -17.22
CA ASP B 357 25.73 -7.13 -16.46
C ASP B 357 27.07 -7.85 -16.56
N HIS B 358 27.33 -8.37 -17.77
CA HIS B 358 28.53 -9.13 -18.09
C HIS B 358 29.77 -8.27 -17.79
N CYS B 359 30.61 -8.77 -16.88
CA CYS B 359 31.80 -8.01 -16.49
C CYS B 359 32.85 -8.95 -15.94
N SER B 360 33.90 -9.20 -16.74
CA SER B 360 34.78 -10.33 -16.52
C SER B 360 36.19 -10.02 -16.02
N TYR B 361 36.56 -10.67 -14.93
CA TYR B 361 37.92 -10.64 -14.37
C TYR B 361 38.35 -12.06 -14.01
N ASN B 362 39.58 -12.42 -14.36
CA ASN B 362 40.09 -13.77 -14.13
C ASN B 362 40.20 -14.11 -12.64
N TYR B 363 40.09 -15.39 -12.33
CA TYR B 363 40.34 -15.85 -10.97
C TYR B 363 41.53 -16.79 -10.88
N TYR B 364 41.83 -17.53 -11.93
CA TYR B 364 42.88 -18.54 -11.88
C TYR B 364 44.26 -18.06 -12.38
N GLU B 365 44.34 -16.79 -12.76
CA GLU B 365 45.63 -16.08 -12.83
C GLU B 365 45.54 -14.86 -11.90
N LYS B 366 46.65 -14.56 -11.23
CA LYS B 366 46.66 -13.65 -10.09
C LYS B 366 47.47 -12.36 -10.33
N THR B 367 48.28 -12.36 -11.37
CA THR B 367 49.25 -11.29 -11.61
C THR B 367 48.73 -10.12 -12.46
N SER B 368 47.82 -10.38 -13.40
CA SER B 368 47.47 -9.38 -14.40
C SER B 368 46.58 -8.27 -13.83
N THR B 369 46.49 -7.17 -14.57
CA THR B 369 45.65 -6.05 -14.16
C THR B 369 44.16 -6.34 -14.34
N ALA B 370 43.82 -7.47 -14.94
CA ALA B 370 42.42 -7.85 -15.12
C ALA B 370 42.01 -9.05 -14.25
N SER B 371 42.82 -9.32 -13.22
CA SER B 371 42.57 -10.38 -12.25
C SER B 371 41.73 -9.89 -11.07
N LYS B 372 40.89 -10.78 -10.53
CA LYS B 372 40.19 -10.50 -9.26
C LYS B 372 41.19 -10.25 -8.13
N HIS B 373 42.35 -10.87 -8.23
CA HIS B 373 43.38 -10.79 -7.19
C HIS B 373 44.11 -9.45 -7.21
N ARG B 374 43.71 -8.60 -8.15
CA ARG B 374 44.06 -7.19 -8.18
C ARG B 374 43.77 -6.52 -6.82
N ALA B 375 42.91 -7.14 -6.01
CA ALA B 375 42.60 -6.64 -4.66
C ALA B 375 43.75 -6.82 -3.67
N PHE B 376 44.72 -7.65 -4.03
CA PHE B 376 45.96 -7.80 -3.26
C PHE B 376 47.07 -7.00 -3.92
N ASP B 377 47.39 -5.86 -3.31
CA ASP B 377 48.42 -4.95 -3.81
C ASP B 377 49.03 -4.25 -2.60
N PRO B 378 49.90 -4.96 -1.83
CA PRO B 378 50.36 -4.46 -0.52
C PRO B 378 51.00 -3.07 -0.52
N GLU B 379 51.59 -2.63 -1.63
CA GLU B 379 52.30 -1.35 -1.62
C GLU B 379 51.37 -0.15 -1.78
N ASN B 380 50.18 -0.40 -2.30
CA ASN B 380 49.11 0.63 -2.37
C ASN B 380 48.04 0.43 -1.30
N ASN B 381 48.43 -0.21 -0.19
CA ASN B 381 47.54 -0.47 0.95
C ASN B 381 46.29 -1.29 0.59
N LYS B 382 46.46 -2.35 -0.22
CA LYS B 382 45.35 -3.26 -0.55
C LYS B 382 45.73 -4.68 -0.17
N ASN B 383 44.92 -5.30 0.67
CA ASN B 383 45.24 -6.62 1.21
C ASN B 383 44.07 -7.60 1.14
N GLY B 384 43.28 -7.48 0.09
CA GLY B 384 42.20 -8.43 -0.19
C GLY B 384 40.83 -8.05 0.34
N GLU B 385 40.73 -6.86 0.94
CA GLU B 385 39.48 -6.34 1.49
C GLU B 385 38.41 -6.26 0.40
N PHE B 386 37.15 -6.53 0.76
CA PHE B 386 36.08 -6.57 -0.24
C PHE B 386 35.98 -5.29 -1.08
N ARG B 387 36.28 -4.17 -0.43
CA ARG B 387 36.33 -2.85 -1.04
C ARG B 387 37.11 -2.84 -2.35
N TYR B 388 38.19 -3.62 -2.40
CA TYR B 388 39.11 -3.63 -3.53
C TYR B 388 38.84 -4.75 -4.56
N ILE B 389 37.80 -5.54 -4.34
CA ILE B 389 37.45 -6.61 -5.27
C ILE B 389 36.76 -6.02 -6.49
N PRO B 390 37.32 -6.26 -7.70
CA PRO B 390 36.62 -5.85 -8.92
C PRO B 390 35.26 -6.51 -9.01
N ASN B 391 34.22 -5.68 -9.13
CA ASN B 391 32.84 -6.14 -9.16
C ASN B 391 32.43 -6.64 -10.54
N GLY B 392 31.77 -7.79 -10.59
CA GLY B 392 31.24 -8.32 -11.84
C GLY B 392 31.29 -9.83 -12.02
N LEU B 393 30.38 -10.33 -12.85
CA LEU B 393 30.30 -11.74 -13.23
C LEU B 393 30.27 -11.84 -14.76
N PRO B 394 30.97 -12.85 -15.34
CA PRO B 394 30.71 -13.19 -16.74
C PRO B 394 29.32 -13.80 -16.84
N GLY B 395 28.57 -13.41 -17.87
CA GLY B 395 27.19 -13.86 -18.02
C GLY B 395 26.56 -13.74 -19.39
N VAL B 396 27.25 -13.08 -20.34
CA VAL B 396 26.65 -12.85 -21.66
C VAL B 396 26.28 -14.13 -22.41
N CYS B 397 27.07 -15.19 -22.23
CA CYS B 397 26.80 -16.48 -22.86
C CYS B 397 25.63 -17.20 -22.18
N THR B 398 25.62 -17.21 -20.86
CA THR B 398 24.64 -18.01 -20.11
C THR B 398 23.22 -17.41 -19.96
N ARG B 399 23.06 -16.13 -20.28
CA ARG B 399 21.78 -15.44 -20.11
C ARG B 399 20.58 -16.15 -20.75
N MET B 400 20.64 -16.42 -22.05
CA MET B 400 19.50 -17.04 -22.76
C MET B 400 19.21 -18.49 -22.32
N PRO B 401 20.24 -19.36 -22.30
CA PRO B 401 20.00 -20.74 -21.84
C PRO B 401 19.53 -20.85 -20.38
N LEU B 402 20.08 -20.04 -19.48
CA LEU B 402 19.60 -19.99 -18.08
C LEU B 402 18.09 -19.68 -17.95
N LEU B 403 17.59 -18.76 -18.77
CA LEU B 403 16.16 -18.42 -18.75
C LEU B 403 15.31 -19.46 -19.44
N TYR B 404 15.84 -20.06 -20.50
CA TYR B 404 15.17 -21.16 -21.18
C TYR B 404 14.90 -22.28 -20.20
N ASP B 405 15.95 -22.73 -19.53
CA ASP B 405 15.90 -23.81 -18.56
C ASP B 405 15.14 -23.38 -17.29
N TYR B 406 15.77 -22.57 -16.43
CA TYR B 406 15.23 -22.27 -15.10
C TYR B 406 13.98 -21.40 -15.15
N GLY B 407 13.79 -20.69 -16.27
CA GLY B 407 12.61 -19.87 -16.47
C GLY B 407 11.47 -20.64 -17.12
N TYR B 408 11.61 -20.95 -18.40
CA TYR B 408 10.55 -21.60 -19.17
C TYR B 408 10.30 -23.06 -18.78
N LEU B 409 11.32 -23.92 -18.91
CA LEU B 409 11.17 -25.36 -18.67
C LEU B 409 10.84 -25.70 -17.20
N ARG B 410 11.43 -24.96 -16.26
CA ARG B 410 11.20 -25.24 -14.85
C ARG B 410 10.03 -24.45 -14.29
N GLY B 411 9.47 -23.57 -15.11
CA GLY B 411 8.19 -22.93 -14.80
C GLY B 411 8.21 -21.63 -14.00
N ASN B 412 9.38 -21.03 -13.86
CA ASN B 412 9.49 -19.76 -13.13
C ASN B 412 9.10 -18.55 -13.98
N LEU B 413 9.18 -18.72 -15.31
CA LEU B 413 8.60 -17.79 -16.27
C LEU B 413 7.28 -18.37 -16.83
N THR B 414 6.30 -17.52 -17.13
CA THR B 414 4.97 -18.02 -17.53
C THR B 414 4.93 -18.71 -18.89
N SER B 415 5.75 -18.26 -19.83
CA SER B 415 5.78 -18.83 -21.19
C SER B 415 7.03 -18.43 -21.99
N MET B 416 7.18 -19.05 -23.15
CA MET B 416 8.21 -18.72 -24.13
C MET B 416 8.06 -17.30 -24.69
N MET B 417 6.83 -16.84 -24.78
CA MET B 417 6.53 -15.49 -25.26
C MET B 417 7.06 -14.42 -24.32
N LYS B 418 6.93 -14.63 -23.01
CA LYS B 418 7.46 -13.73 -21.99
C LYS B 418 8.98 -13.75 -22.03
N LEU B 419 9.55 -14.92 -22.26
CA LEU B 419 10.99 -15.06 -22.46
C LEU B 419 11.48 -14.19 -23.62
N VAL B 420 10.84 -14.34 -24.79
CA VAL B 420 11.24 -13.55 -25.96
C VAL B 420 11.05 -12.06 -25.70
N GLU B 421 9.91 -11.69 -25.11
CA GLU B 421 9.58 -10.30 -24.82
C GLU B 421 10.69 -9.57 -24.05
N ILE B 422 11.18 -10.18 -22.97
CA ILE B 422 12.13 -9.52 -22.09
C ILE B 422 13.61 -9.72 -22.49
N GLN B 423 13.88 -10.78 -23.26
CA GLN B 423 15.24 -11.12 -23.71
C GLN B 423 15.61 -10.57 -25.07
N CYS B 424 14.59 -10.34 -25.91
CA CYS B 424 14.81 -10.01 -27.32
C CYS B 424 14.11 -8.73 -27.80
N THR B 425 12.78 -8.73 -27.76
CA THR B 425 11.99 -7.65 -28.37
C THR B 425 11.99 -6.35 -27.58
N ASN B 426 11.68 -6.41 -26.28
CA ASN B 426 11.72 -5.20 -25.42
C ASN B 426 13.07 -4.48 -25.38
N PRO B 427 14.21 -5.22 -25.26
CA PRO B 427 15.51 -4.54 -25.39
C PRO B 427 15.67 -3.75 -26.70
N ALA B 428 15.25 -4.34 -27.83
CA ALA B 428 15.31 -3.62 -29.11
C ALA B 428 14.44 -2.35 -29.11
N LYS B 429 13.24 -2.45 -28.56
CA LYS B 429 12.30 -1.33 -28.53
C LYS B 429 12.77 -0.20 -27.64
N VAL B 430 13.24 -0.54 -26.44
CA VAL B 430 13.59 0.47 -25.45
C VAL B 430 14.92 1.20 -25.77
N TYR B 431 15.79 0.55 -26.56
CA TYR B 431 17.05 1.16 -26.97
C TYR B 431 17.15 1.53 -28.46
N GLY B 432 16.01 1.66 -29.13
CA GLY B 432 15.95 2.18 -30.51
C GLY B 432 16.59 1.34 -31.60
N MET B 433 16.48 0.02 -31.47
CA MET B 433 16.99 -0.92 -32.48
C MET B 433 15.84 -1.65 -33.17
N TYR B 434 14.64 -1.22 -32.89
CA TYR B 434 13.43 -1.85 -33.40
C TYR B 434 12.92 -1.05 -34.59
N PRO B 435 12.45 -1.71 -35.68
CA PRO B 435 12.28 -3.14 -35.92
C PRO B 435 13.43 -3.90 -36.61
N GLN B 436 14.56 -3.24 -36.88
CA GLN B 436 15.73 -3.93 -37.43
C GLN B 436 16.10 -5.18 -36.62
N LYS B 437 15.96 -5.08 -35.31
CA LYS B 437 16.37 -6.12 -34.39
C LYS B 437 15.21 -6.49 -33.47
N GLY B 438 15.23 -7.70 -32.92
CA GLY B 438 14.29 -8.07 -31.87
C GLY B 438 13.15 -9.02 -32.21
N SER B 439 12.78 -9.08 -33.49
CA SER B 439 11.67 -9.94 -33.92
C SER B 439 11.98 -10.78 -35.17
N ILE B 440 10.93 -11.32 -35.77
CA ILE B 440 11.03 -12.11 -37.00
C ILE B 440 10.02 -11.56 -38.02
N LEU B 441 10.39 -10.45 -38.67
CA LEU B 441 9.49 -9.72 -39.56
C LEU B 441 9.98 -9.74 -41.00
N PRO B 442 9.25 -10.43 -41.88
CA PRO B 442 9.65 -10.56 -43.28
C PRO B 442 9.86 -9.23 -43.97
N GLY B 443 11.00 -9.09 -44.63
CA GLY B 443 11.37 -7.86 -45.34
C GLY B 443 11.95 -6.77 -44.45
N VAL B 444 11.82 -6.93 -43.13
CA VAL B 444 12.27 -5.89 -42.18
C VAL B 444 13.39 -6.34 -41.22
N SER B 445 13.25 -7.53 -40.63
CA SER B 445 14.18 -7.99 -39.61
C SER B 445 15.51 -8.45 -40.18
N ASP B 446 16.62 -8.03 -39.55
CA ASP B 446 17.88 -8.73 -39.75
C ASP B 446 17.62 -10.19 -39.39
N ALA B 447 18.14 -11.13 -40.19
CA ALA B 447 17.95 -12.55 -39.89
C ALA B 447 18.82 -13.01 -38.72
N ASP B 448 18.44 -12.57 -37.52
CA ASP B 448 19.10 -12.94 -36.26
C ASP B 448 18.23 -13.93 -35.52
N LEU B 449 18.62 -15.20 -35.56
CA LEU B 449 17.73 -16.28 -35.13
C LEU B 449 18.48 -17.35 -34.35
N VAL B 450 17.77 -18.00 -33.43
CA VAL B 450 18.29 -19.14 -32.69
C VAL B 450 17.36 -20.32 -32.91
N ILE B 451 17.95 -21.47 -33.23
CA ILE B 451 17.22 -22.72 -33.27
C ILE B 451 17.74 -23.56 -32.10
N TRP B 452 16.82 -23.92 -31.20
CA TRP B 452 17.14 -24.70 -30.01
C TRP B 452 17.10 -26.19 -30.36
N TYR B 453 17.40 -27.05 -29.38
CA TYR B 453 17.20 -28.48 -29.53
C TYR B 453 15.76 -28.80 -29.18
N PRO B 454 15.19 -29.88 -29.74
CA PRO B 454 13.82 -30.27 -29.33
C PRO B 454 13.79 -30.73 -27.87
N ASP B 455 12.80 -30.28 -27.12
CA ASP B 455 12.68 -30.59 -25.69
C ASP B 455 12.20 -32.02 -25.39
N ASP B 456 11.23 -32.51 -26.17
CA ASP B 456 10.59 -33.79 -25.84
C ASP B 456 11.12 -34.98 -26.64
N SER B 457 12.38 -34.91 -27.06
CA SER B 457 12.93 -35.92 -27.95
C SER B 457 13.67 -37.02 -27.21
N LYS B 458 13.57 -38.24 -27.72
CA LYS B 458 14.34 -39.37 -27.21
C LYS B 458 15.65 -39.52 -27.97
N LYS B 459 15.78 -38.80 -29.09
CA LYS B 459 16.99 -38.82 -29.91
C LYS B 459 18.18 -38.22 -29.17
N GLU B 460 19.34 -38.84 -29.34
CA GLU B 460 20.61 -38.42 -28.77
C GLU B 460 21.22 -37.31 -29.62
N TYR B 461 21.66 -36.23 -28.96
CA TYR B 461 22.42 -35.19 -29.63
C TYR B 461 23.78 -35.04 -28.95
N ASN B 462 24.80 -35.63 -29.57
CA ASN B 462 26.18 -35.61 -29.09
C ASN B 462 26.68 -34.20 -28.77
N SER B 463 26.16 -33.24 -29.53
CA SER B 463 26.60 -31.85 -29.48
C SER B 463 25.93 -31.05 -28.35
N LYS B 464 24.81 -31.57 -27.84
CA LYS B 464 24.04 -30.89 -26.81
C LYS B 464 24.74 -31.03 -25.46
N PRO B 465 25.12 -29.89 -24.84
CA PRO B 465 25.79 -29.97 -23.56
C PRO B 465 24.83 -30.27 -22.41
N LYS B 466 25.34 -30.96 -21.40
CA LYS B 466 24.54 -31.29 -20.21
C LYS B 466 24.83 -30.36 -19.05
N LEU B 467 26.07 -29.88 -18.99
CA LEU B 467 26.53 -28.98 -17.93
C LEU B 467 27.11 -27.72 -18.54
N ILE B 468 27.10 -26.64 -17.76
CA ILE B 468 27.84 -25.44 -18.11
C ILE B 468 29.32 -25.60 -17.67
N THR B 469 30.22 -25.37 -18.62
CA THR B 469 31.66 -25.40 -18.36
C THR B 469 32.28 -24.11 -18.90
N ASN B 470 33.49 -23.80 -18.47
CA ASN B 470 34.19 -22.64 -18.98
C ASN B 470 34.47 -22.68 -20.49
N LYS B 471 34.91 -23.85 -20.98
CA LYS B 471 35.18 -24.04 -22.41
C LYS B 471 33.96 -23.74 -23.29
N LEU B 472 32.79 -24.13 -22.82
CA LEU B 472 31.52 -23.86 -23.50
C LEU B 472 31.19 -22.35 -23.65
N MET B 473 31.81 -21.50 -22.83
CA MET B 473 31.52 -20.07 -22.85
C MET B 473 32.09 -19.35 -24.07
N GLU B 474 33.15 -19.90 -24.67
CA GLU B 474 33.81 -19.30 -25.83
C GLU B 474 34.27 -17.86 -25.56
N HIS B 475 34.62 -17.58 -24.30
CA HIS B 475 35.06 -16.23 -23.88
C HIS B 475 36.55 -16.20 -23.54
N ASN B 476 37.03 -15.07 -23.03
CA ASN B 476 38.44 -14.91 -22.67
C ASN B 476 38.70 -15.01 -21.16
N CYS B 477 37.64 -15.25 -20.39
CA CYS B 477 37.77 -15.40 -18.94
C CYS B 477 38.11 -16.85 -18.58
N ASP B 478 38.71 -17.05 -17.41
CA ASP B 478 39.09 -18.41 -17.00
C ASP B 478 38.10 -19.09 -16.06
N TYR B 479 36.95 -18.44 -15.84
CA TYR B 479 35.88 -19.03 -15.02
C TYR B 479 34.51 -18.52 -15.45
N THR B 480 33.49 -19.32 -15.15
CA THR B 480 32.10 -18.86 -15.12
C THR B 480 31.52 -19.24 -13.75
N PRO B 481 30.75 -18.34 -13.13
CA PRO B 481 30.17 -18.64 -11.82
C PRO B 481 29.16 -19.81 -11.83
N PHE B 482 28.65 -20.14 -13.01
CA PHE B 482 27.69 -21.25 -13.16
C PHE B 482 28.34 -22.59 -13.51
N GLU B 483 29.67 -22.65 -13.45
CA GLU B 483 30.43 -23.87 -13.72
C GLU B 483 29.84 -25.08 -12.99
N GLY B 484 29.63 -26.16 -13.73
CA GLY B 484 29.22 -27.44 -13.14
C GLY B 484 27.73 -27.73 -13.06
N ILE B 485 26.89 -26.72 -13.25
CA ILE B 485 25.45 -26.90 -13.10
C ILE B 485 24.79 -27.49 -14.35
N GLU B 486 23.73 -28.26 -14.13
CA GLU B 486 22.93 -28.83 -15.22
C GLU B 486 22.25 -27.75 -16.05
N ILE B 487 22.26 -27.94 -17.37
CA ILE B 487 21.59 -27.03 -18.30
C ILE B 487 20.80 -27.89 -19.31
N LYS B 488 19.51 -27.61 -19.44
CA LYS B 488 18.61 -28.58 -20.09
C LYS B 488 18.32 -28.29 -21.56
N ASN B 489 18.78 -27.15 -22.04
CA ASN B 489 18.80 -26.83 -23.47
C ASN B 489 19.90 -25.81 -23.77
N TRP B 490 20.21 -25.64 -25.05
CA TRP B 490 21.29 -24.80 -25.50
C TRP B 490 21.05 -24.51 -26.99
N PRO B 491 21.45 -23.32 -27.48
CA PRO B 491 21.45 -23.06 -28.92
C PRO B 491 22.12 -24.15 -29.77
N ARG B 492 21.38 -24.67 -30.74
CA ARG B 492 21.89 -25.65 -31.70
C ARG B 492 22.38 -24.92 -32.95
N TYR B 493 21.69 -23.84 -33.32
CA TYR B 493 22.15 -22.93 -34.38
C TYR B 493 21.99 -21.50 -33.91
N THR B 494 23.02 -20.70 -34.08
CA THR B 494 22.85 -19.26 -33.94
C THR B 494 23.10 -18.63 -35.30
N ILE B 495 22.06 -17.99 -35.82
CA ILE B 495 22.09 -17.34 -37.12
C ILE B 495 22.21 -15.83 -36.90
N VAL B 496 23.23 -15.24 -37.52
CA VAL B 496 23.48 -13.80 -37.41
C VAL B 496 23.47 -13.19 -38.80
N LYS B 497 22.48 -12.32 -39.05
CA LYS B 497 22.35 -11.65 -40.35
C LYS B 497 22.34 -12.67 -41.50
N GLY B 498 21.54 -13.73 -41.34
CA GLY B 498 21.33 -14.73 -42.39
C GLY B 498 22.45 -15.73 -42.60
N LYS B 499 23.46 -15.69 -41.75
CA LYS B 499 24.56 -16.64 -41.83
C LYS B 499 24.70 -17.42 -40.53
N ILE B 500 25.03 -18.71 -40.64
CA ILE B 500 25.27 -19.58 -39.49
C ILE B 500 26.63 -19.29 -38.87
N VAL B 501 26.62 -18.83 -37.62
CA VAL B 501 27.84 -18.43 -36.90
C VAL B 501 28.16 -19.41 -35.76
N TYR B 502 27.13 -20.09 -35.28
CA TYR B 502 27.29 -21.16 -34.28
C TYR B 502 26.48 -22.37 -34.71
N LYS B 503 27.14 -23.51 -34.84
CA LYS B 503 26.44 -24.75 -35.17
C LYS B 503 26.95 -25.88 -34.29
N GLU B 504 26.05 -26.37 -33.43
CA GLU B 504 26.27 -27.59 -32.64
C GLU B 504 27.62 -27.62 -31.89
N GLY B 505 27.90 -26.53 -31.16
CA GLY B 505 29.11 -26.43 -30.35
C GLY B 505 30.27 -25.71 -31.01
N GLU B 506 30.15 -25.49 -32.32
CA GLU B 506 31.25 -24.94 -33.12
C GLU B 506 30.96 -23.52 -33.57
N ILE B 507 31.93 -22.63 -33.35
CA ILE B 507 31.87 -21.29 -33.91
C ILE B 507 32.41 -21.33 -35.34
N LEU B 508 31.73 -20.64 -36.25
CA LEU B 508 32.18 -20.54 -37.64
C LEU B 508 32.72 -19.14 -37.93
N LYS B 509 34.01 -18.92 -37.62
CA LYS B 509 34.64 -17.61 -37.75
C LYS B 509 34.49 -16.96 -39.13
N GLU B 510 34.43 -17.79 -40.18
CA GLU B 510 34.33 -17.33 -41.58
C GLU B 510 33.04 -16.55 -41.85
N ASN B 511 32.02 -16.81 -41.03
CA ASN B 511 30.73 -16.11 -41.16
C ASN B 511 30.57 -14.94 -40.17
N ALA B 512 31.64 -14.59 -39.46
CA ALA B 512 31.61 -13.43 -38.55
C ALA B 512 31.71 -12.12 -39.32
N ASP B 513 30.63 -11.33 -39.32
CA ASP B 513 30.61 -10.06 -40.03
C ASP B 513 29.86 -8.96 -39.25
N GLY B 514 30.04 -8.96 -37.93
CA GLY B 514 29.38 -7.99 -37.06
C GLY B 514 29.82 -6.55 -37.29
N LYS B 515 28.91 -5.62 -37.06
CA LYS B 515 29.16 -4.19 -37.26
C LYS B 515 28.62 -3.32 -36.14
N TYR B 516 29.21 -2.13 -35.97
CA TYR B 516 28.67 -1.15 -35.06
C TYR B 516 27.28 -0.73 -35.52
N LEU B 517 26.38 -0.58 -34.55
CA LEU B 517 24.99 -0.30 -34.81
C LEU B 517 24.60 1.14 -34.43
N LYS B 518 24.18 1.93 -35.43
CA LYS B 518 23.62 3.25 -35.14
C LYS B 518 22.15 3.09 -34.77
N ARG B 519 21.78 3.57 -33.58
CA ARG B 519 20.44 3.35 -33.07
C ARG B 519 19.57 4.60 -33.21
N GLY B 520 18.25 4.40 -33.24
CA GLY B 520 17.30 5.52 -33.30
C GLY B 520 16.81 5.98 -31.94
N LYS B 521 15.81 6.85 -31.96
CA LYS B 521 15.11 7.27 -30.75
C LYS B 521 14.05 6.22 -30.43
N SER B 522 13.95 5.84 -29.16
CA SER B 522 12.97 4.85 -28.74
C SER B 522 11.56 5.44 -28.67
N PHE B 523 10.59 4.76 -29.28
CA PHE B 523 9.21 5.18 -29.17
C PHE B 523 8.64 5.03 -27.74
N MET B 524 9.36 4.29 -26.89
CA MET B 524 8.95 4.12 -25.49
C MET B 524 9.38 5.26 -24.58
N CYS B 525 10.28 6.12 -25.09
CA CYS B 525 10.87 7.17 -24.28
C CYS B 525 10.47 8.61 -24.64
N THR B 526 9.43 8.75 -25.45
CA THR B 526 8.75 10.04 -25.58
C THR B 526 8.13 10.35 -24.20
N PRO B 527 8.04 11.65 -23.84
CA PRO B 527 7.58 11.96 -22.47
C PRO B 527 6.06 11.84 -22.30
N LYS B 528 5.64 11.65 -21.05
CA LYS B 528 4.23 11.57 -20.70
C LYS B 528 3.51 12.93 -20.77
N ASN B 529 4.30 14.01 -20.66
CA ASN B 529 3.76 15.38 -20.58
C ASN B 529 2.89 15.61 -19.35
N GLU B 530 3.37 15.10 -18.22
CA GLU B 530 2.66 15.16 -16.95
C GLU B 530 3.57 15.80 -15.93
N TRP B 531 3.06 16.77 -15.19
CA TRP B 531 3.89 17.54 -14.27
C TRP B 531 3.31 17.66 -12.88
N VAL B 532 4.19 17.90 -11.91
CA VAL B 532 3.86 18.04 -10.49
C VAL B 532 3.32 19.46 -10.19
N THR B 533 3.91 20.46 -10.83
CA THR B 533 3.49 21.87 -10.68
C THR B 533 3.21 22.53 -12.03
N GLU B 534 2.93 23.83 -12.01
CA GLU B 534 2.67 24.60 -13.22
C GLU B 534 3.93 24.89 -14.05
N TRP B 535 5.11 24.62 -13.49
CA TRP B 535 6.37 24.82 -14.22
C TRP B 535 6.51 23.91 -15.45
N ARG B 536 7.02 24.49 -16.54
CA ARG B 536 7.38 23.76 -17.76
C ARG B 536 8.78 24.21 -18.21
N PRO B 537 9.56 23.28 -18.82
CA PRO B 537 10.84 23.67 -19.41
C PRO B 537 10.68 24.73 -20.49
N LYS B 538 11.65 25.63 -20.59
CA LYS B 538 11.59 26.73 -21.55
C LYS B 538 11.17 26.32 -22.96
N TYR B 539 11.70 25.19 -23.45
CA TYR B 539 11.51 24.80 -24.85
C TYR B 539 10.10 24.31 -25.25
N GLU B 540 9.25 24.04 -24.27
CA GLU B 540 7.89 23.53 -24.52
C GLU B 540 7.07 24.47 -25.43
N PRO C 1 -11.35 8.71 61.97
CA PRO C 1 -10.66 9.28 60.82
C PRO C 1 -11.63 9.62 59.70
N ILE C 2 -11.10 10.19 58.62
CA ILE C 2 -11.96 10.73 57.56
C ILE C 2 -12.00 9.92 56.27
N TYR C 3 -10.97 9.10 56.04
CA TYR C 3 -10.94 8.21 54.88
C TYR C 3 -10.94 6.75 55.29
N ASP C 4 -11.56 5.89 54.48
CA ASP C 4 -11.54 4.45 54.71
C ASP C 4 -10.17 3.83 54.47
N LEU C 5 -9.46 4.35 53.46
CA LEU C 5 -8.23 3.73 52.98
C LEU C 5 -7.25 4.75 52.38
N ILE C 6 -5.97 4.62 52.73
CA ILE C 6 -4.89 5.39 52.12
C ILE C 6 -3.85 4.46 51.53
N ILE C 7 -3.44 4.72 50.28
CA ILE C 7 -2.35 3.98 49.64
C ILE C 7 -1.10 4.86 49.57
N LYS C 8 -0.05 4.43 50.27
CA LYS C 8 1.18 5.22 50.42
C LYS C 8 2.35 4.58 49.69
N ASN C 9 3.37 5.40 49.39
CA ASN C 9 4.65 4.96 48.78
C ASN C 9 4.56 4.22 47.44
N GLY C 10 3.48 4.46 46.69
CA GLY C 10 3.28 3.78 45.41
C GLY C 10 3.50 4.67 44.21
N ILE C 11 3.53 4.05 43.03
CA ILE C 11 3.70 4.80 41.79
C ILE C 11 2.42 4.67 40.92
N ILE C 12 1.74 5.80 40.73
CA ILE C 12 0.48 5.83 40.00
C ILE C 12 0.70 5.75 38.48
N CYS C 13 0.04 4.80 37.83
CA CYS C 13 0.09 4.63 36.37
CA CYS C 13 0.10 4.68 36.38
C CYS C 13 -1.28 4.85 35.78
N THR C 14 -1.38 5.77 34.82
CA THR C 14 -2.63 6.02 34.10
C THR C 14 -2.37 5.78 32.61
N ALA C 15 -3.38 6.00 31.78
CA ALA C 15 -3.22 5.84 30.34
C ALA C 15 -2.24 6.85 29.73
N SER C 16 -1.90 7.90 30.47
CA SER C 16 -1.01 8.96 29.95
C SER C 16 0.07 9.51 30.92
N ASP C 17 0.15 8.98 32.13
CA ASP C 17 1.07 9.47 33.17
C ASP C 17 1.62 8.37 34.07
N ILE C 18 2.88 8.53 34.49
CA ILE C 18 3.50 7.68 35.51
C ILE C 18 4.17 8.60 36.52
N TYR C 19 3.82 8.47 37.79
CA TYR C 19 4.39 9.32 38.84
C TYR C 19 4.15 8.81 40.25
N ALA C 20 5.02 9.21 41.17
CA ALA C 20 4.91 8.90 42.60
C ALA C 20 3.94 9.83 43.32
N ALA C 21 2.86 9.28 43.84
CA ALA C 21 1.92 10.05 44.63
C ALA C 21 1.10 9.10 45.50
N GLU C 22 0.28 9.68 46.38
CA GLU C 22 -0.52 8.91 47.32
C GLU C 22 -2.02 9.12 47.10
N ILE C 23 -2.81 8.10 47.40
CA ILE C 23 -4.25 8.09 47.12
C ILE C 23 -5.06 7.86 48.39
N ALA C 24 -6.09 8.68 48.60
CA ALA C 24 -7.09 8.46 49.66
C ALA C 24 -8.42 8.01 49.06
N VAL C 25 -9.08 7.08 49.75
CA VAL C 25 -10.30 6.47 49.29
C VAL C 25 -11.35 6.57 50.38
N ASN C 26 -12.57 6.87 49.97
CA ASN C 26 -13.69 6.97 50.89
C ASN C 26 -15.00 6.70 50.17
N ASN C 27 -15.92 5.99 50.84
CA ASN C 27 -17.26 5.72 50.34
C ASN C 27 -17.26 5.13 48.92
N GLY C 28 -16.32 4.21 48.69
CA GLY C 28 -16.25 3.48 47.43
C GLY C 28 -15.56 4.21 46.29
N LYS C 29 -15.04 5.40 46.55
CA LYS C 29 -14.48 6.24 45.50
C LYS C 29 -13.11 6.82 45.80
N VAL C 30 -12.36 7.11 44.75
CA VAL C 30 -11.12 7.89 44.86
C VAL C 30 -11.53 9.27 45.35
N GLN C 31 -10.89 9.77 46.41
CA GLN C 31 -11.23 11.09 46.95
C GLN C 31 -10.15 12.15 46.77
N LEU C 32 -8.90 11.72 46.68
CA LEU C 32 -7.77 12.65 46.74
C LEU C 32 -6.51 12.02 46.17
N ILE C 33 -5.75 12.82 45.42
CA ILE C 33 -4.36 12.50 45.09
C ILE C 33 -3.48 13.63 45.64
N ALA C 34 -2.43 13.25 46.37
CA ALA C 34 -1.45 14.20 46.92
C ALA C 34 -0.09 13.54 47.17
N ALA C 35 0.95 14.37 47.35
CA ALA C 35 2.33 13.89 47.59
C ALA C 35 2.42 12.93 48.77
N SER C 36 1.83 13.37 49.88
CA SER C 36 1.90 12.69 51.15
C SER C 36 0.61 12.91 51.97
N ILE C 37 -0.03 11.82 52.39
CA ILE C 37 -1.23 11.92 53.21
C ILE C 37 -0.97 11.32 54.59
N ASP C 38 -1.26 12.12 55.61
CA ASP C 38 -1.16 11.74 57.02
C ASP C 38 -1.84 10.39 57.31
N PRO C 39 -1.06 9.38 57.74
CA PRO C 39 -1.60 8.03 57.98
C PRO C 39 -2.75 7.98 58.99
N SER C 40 -2.78 8.93 59.93
CA SER C 40 -3.83 8.96 60.95
C SER C 40 -5.20 9.40 60.41
N LEU C 41 -5.24 9.82 59.15
CA LEU C 41 -6.50 10.20 58.51
C LEU C 41 -7.24 9.03 57.86
N GLY C 42 -6.61 7.86 57.83
CA GLY C 42 -7.22 6.67 57.24
C GLY C 42 -7.48 5.55 58.24
N SER C 43 -8.57 4.82 58.06
CA SER C 43 -8.87 3.65 58.90
C SER C 43 -7.93 2.50 58.56
N GLU C 44 -7.53 2.41 57.29
CA GLU C 44 -6.60 1.40 56.82
C GLU C 44 -5.54 2.06 55.94
N VAL C 45 -4.28 1.68 56.16
CA VAL C 45 -3.15 2.18 55.39
C VAL C 45 -2.44 1.02 54.68
N ILE C 46 -2.25 1.15 53.38
CA ILE C 46 -1.51 0.16 52.58
C ILE C 46 -0.19 0.79 52.10
N ASP C 47 0.92 0.16 52.48
CA ASP C 47 2.24 0.54 52.01
C ASP C 47 2.57 -0.22 50.71
N ALA C 48 2.59 0.51 49.59
CA ALA C 48 2.83 -0.10 48.28
C ALA C 48 4.29 -0.47 48.02
N GLU C 49 5.19 0.04 48.86
CA GLU C 49 6.63 -0.27 48.80
C GLU C 49 7.26 -0.03 47.40
N GLY C 50 6.87 1.07 46.76
CA GLY C 50 7.42 1.45 45.46
C GLY C 50 6.80 0.80 44.24
N ALA C 51 5.83 -0.08 44.44
CA ALA C 51 5.17 -0.79 43.35
C ALA C 51 4.28 0.13 42.52
N PHE C 52 3.96 -0.30 41.30
CA PHE C 52 2.98 0.43 40.47
C PHE C 52 1.58 0.23 41.03
N ILE C 53 0.77 1.28 40.94
CA ILE C 53 -0.67 1.23 41.20
C ILE C 53 -1.34 1.50 39.86
N THR C 54 -2.18 0.57 39.39
CA THR C 54 -2.93 0.78 38.16
C THR C 54 -4.43 0.83 38.46
N PRO C 55 -5.22 1.41 37.55
CA PRO C 55 -6.66 1.19 37.66
C PRO C 55 -6.93 -0.30 37.55
N GLY C 56 -8.05 -0.77 38.06
CA GLY C 56 -8.44 -2.16 37.84
C GLY C 56 -8.63 -2.41 36.36
N GLY C 57 -8.34 -3.63 35.92
CA GLY C 57 -8.54 -4.03 34.52
C GLY C 57 -10.03 -4.13 34.19
N ILE C 58 -10.37 -3.83 32.94
CA ILE C 58 -11.71 -3.98 32.43
C ILE C 58 -11.72 -4.88 31.20
N ASP C 59 -12.29 -6.07 31.37
CA ASP C 59 -12.35 -7.08 30.32
C ASP C 59 -13.74 -7.10 29.73
N ALA C 60 -13.87 -6.55 28.53
CA ALA C 60 -15.17 -6.41 27.89
C ALA C 60 -15.50 -7.58 26.97
N HIS C 61 -14.79 -8.69 27.12
CA HIS C 61 -15.06 -9.88 26.32
C HIS C 61 -14.99 -11.16 27.15
N VAL C 62 -16.02 -11.38 27.95
CA VAL C 62 -16.08 -12.49 28.87
C VAL C 62 -17.35 -13.31 28.58
N HIS C 63 -17.24 -14.63 28.55
CA HIS C 63 -18.41 -15.51 28.42
C HIS C 63 -18.68 -16.28 29.71
N VAL C 64 -19.89 -16.17 30.19
CA VAL C 64 -20.35 -16.80 31.42
C VAL C 64 -21.55 -17.70 31.08
N ASP C 65 -21.83 -18.69 31.92
CA ASP C 65 -23.02 -19.51 31.74
C ASP C 65 -24.27 -18.64 31.80
N GLU C 66 -25.11 -18.77 30.77
CA GLU C 66 -26.35 -18.00 30.67
C GLU C 66 -27.54 -18.91 30.33
N PRO C 67 -28.77 -18.50 30.69
CA PRO C 67 -29.93 -19.41 30.64
C PRO C 67 -30.30 -19.96 29.26
N LEU C 68 -29.97 -19.22 28.19
CA LEU C 68 -30.29 -19.66 26.84
C LEU C 68 -29.29 -20.62 26.23
N LYS C 69 -28.14 -20.77 26.90
CA LYS C 69 -27.10 -21.74 26.54
C LYS C 69 -26.65 -21.65 25.09
N LEU C 70 -26.39 -20.43 24.64
CA LEU C 70 -25.93 -20.19 23.26
C LEU C 70 -24.64 -20.94 22.96
N LEU C 71 -23.71 -20.98 23.92
CA LEU C 71 -22.44 -21.67 23.73
C LEU C 71 -22.43 -23.02 24.48
N GLY C 72 -23.60 -23.65 24.55
CA GLY C 72 -23.80 -24.80 25.44
C GLY C 72 -23.62 -24.39 26.89
N ASP C 73 -23.43 -25.39 27.76
CA ASP C 73 -23.12 -25.13 29.17
C ASP C 73 -21.67 -24.69 29.31
N VAL C 74 -21.45 -23.58 30.02
CA VAL C 74 -20.11 -23.06 30.33
C VAL C 74 -19.86 -23.29 31.84
N VAL C 75 -18.64 -23.64 32.24
CA VAL C 75 -18.39 -23.95 33.66
C VAL C 75 -18.45 -22.77 34.62
N ASP C 76 -18.09 -21.58 34.15
CA ASP C 76 -18.10 -20.39 35.00
C ASP C 76 -19.43 -19.65 35.02
N THR C 77 -19.93 -19.41 36.24
CA THR C 77 -21.03 -18.48 36.47
C THR C 77 -20.41 -17.08 36.56
N MET C 78 -21.26 -16.07 36.70
CA MET C 78 -20.79 -14.72 36.96
C MET C 78 -20.04 -14.67 38.30
N GLU C 79 -20.51 -15.42 39.29
CA GLU C 79 -19.79 -15.57 40.56
C GLU C 79 -18.34 -16.04 40.33
N HIS C 80 -18.17 -17.15 39.60
CA HIS C 80 -16.86 -17.73 39.34
C HIS C 80 -15.95 -16.81 38.50
N ALA C 81 -16.51 -16.21 37.45
CA ALA C 81 -15.74 -15.35 36.56
C ALA C 81 -15.24 -14.08 37.25
N THR C 82 -16.11 -13.44 38.05
CA THR C 82 -15.72 -12.23 38.78
C THR C 82 -14.68 -12.52 39.88
N ARG C 83 -14.81 -13.66 40.56
CA ARG C 83 -13.79 -14.12 41.49
C ARG C 83 -12.43 -14.28 40.79
N SER C 84 -12.45 -14.94 39.64
CA SER C 84 -11.26 -15.16 38.83
C SER C 84 -10.66 -13.85 38.33
N ALA C 85 -11.55 -12.96 37.88
CA ALA C 85 -11.17 -11.64 37.40
C ALA C 85 -10.40 -10.89 38.49
N VAL C 86 -10.99 -10.79 39.67
CA VAL C 86 -10.40 -10.08 40.81
C VAL C 86 -9.03 -10.64 41.23
N ALA C 87 -8.92 -11.97 41.28
CA ALA C 87 -7.64 -12.65 41.59
C ALA C 87 -6.56 -12.32 40.55
N GLY C 88 -6.99 -11.82 39.39
CA GLY C 88 -6.06 -11.45 38.34
C GLY C 88 -5.99 -9.97 38.04
N GLY C 89 -6.56 -9.15 38.93
CA GLY C 89 -6.47 -7.70 38.81
C GLY C 89 -7.49 -7.01 37.90
N THR C 90 -8.53 -7.75 37.49
CA THR C 90 -9.61 -7.19 36.68
C THR C 90 -10.80 -6.87 37.59
N THR C 91 -11.32 -5.65 37.52
CA THR C 91 -12.37 -5.21 38.45
C THR C 91 -13.71 -4.85 37.79
N THR C 92 -13.76 -4.95 36.47
CA THR C 92 -15.04 -4.91 35.75
C THR C 92 -14.99 -5.89 34.58
N VAL C 93 -16.06 -6.65 34.43
CA VAL C 93 -16.22 -7.53 33.27
C VAL C 93 -17.52 -7.20 32.54
N VAL C 94 -17.50 -7.39 31.22
CA VAL C 94 -18.70 -7.24 30.41
C VAL C 94 -18.93 -8.56 29.67
N ALA C 95 -20.06 -9.19 29.98
CA ALA C 95 -20.46 -10.45 29.36
C ALA C 95 -21.50 -10.20 28.26
N PHE C 96 -22.22 -11.26 27.88
CA PHE C 96 -23.11 -11.22 26.72
C PHE C 96 -24.51 -11.71 27.03
N SER C 97 -25.50 -10.95 26.57
CA SER C 97 -26.90 -11.35 26.62
C SER C 97 -27.38 -11.94 25.28
N THR C 98 -27.88 -13.17 25.31
CA THR C 98 -28.35 -13.84 24.11
C THR C 98 -29.77 -13.41 23.74
N GLN C 99 -29.94 -12.86 22.55
CA GLN C 99 -31.25 -12.51 22.01
C GLN C 99 -32.19 -13.70 22.16
N ASP C 100 -33.34 -13.48 22.80
CA ASP C 100 -34.32 -14.55 23.01
C ASP C 100 -35.43 -14.47 21.96
N VAL C 101 -35.34 -15.36 20.96
CA VAL C 101 -36.26 -15.34 19.81
C VAL C 101 -37.73 -15.65 20.16
N SER C 102 -37.97 -16.09 21.40
CA SER C 102 -39.33 -16.33 21.89
C SER C 102 -40.02 -15.03 22.33
N LYS C 103 -39.23 -13.98 22.58
CA LYS C 103 -39.80 -12.68 22.97
C LYS C 103 -40.06 -11.84 21.72
N LYS C 104 -41.23 -11.23 21.66
CA LYS C 104 -41.66 -10.40 20.53
C LYS C 104 -41.92 -8.96 20.96
N GLY C 105 -42.14 -8.06 19.99
CA GLY C 105 -42.55 -6.69 20.26
C GLY C 105 -41.44 -5.76 20.74
N PRO C 106 -41.81 -4.54 21.17
CA PRO C 106 -40.92 -3.47 21.66
C PRO C 106 -39.95 -3.87 22.78
N SER C 107 -40.36 -4.75 23.68
CA SER C 107 -39.54 -5.09 24.85
C SER C 107 -38.63 -6.33 24.65
N ALA C 108 -38.66 -6.92 23.46
CA ALA C 108 -38.01 -8.22 23.18
C ALA C 108 -36.52 -8.33 23.55
N LEU C 109 -35.78 -7.25 23.34
CA LEU C 109 -34.35 -7.25 23.64
C LEU C 109 -34.04 -6.87 25.09
N ALA C 110 -34.85 -5.98 25.68
CA ALA C 110 -34.77 -5.69 27.12
C ALA C 110 -35.07 -6.93 27.94
N GLU C 111 -36.09 -7.68 27.53
CA GLU C 111 -36.42 -8.97 28.15
C GLU C 111 -35.29 -10.02 28.06
N SER C 112 -34.47 -9.93 27.02
CA SER C 112 -33.30 -10.80 26.87
C SER C 112 -32.23 -10.50 27.93
N VAL C 113 -32.04 -9.21 28.21
CA VAL C 113 -31.10 -8.75 29.23
C VAL C 113 -31.58 -9.13 30.63
N LYS C 114 -32.90 -9.02 30.84
CA LYS C 114 -33.54 -9.31 32.13
C LYS C 114 -33.22 -10.73 32.63
N LEU C 115 -33.21 -11.70 31.70
CA LEU C 115 -32.89 -13.10 32.01
C LEU C 115 -31.55 -13.20 32.72
N ASP C 116 -30.57 -12.48 32.20
CA ASP C 116 -29.23 -12.51 32.74
C ASP C 116 -29.10 -11.80 34.07
N VAL C 117 -29.58 -10.56 34.15
CA VAL C 117 -29.55 -9.77 35.38
C VAL C 117 -30.23 -10.50 36.54
N ASP C 118 -31.42 -11.04 36.29
CA ASP C 118 -32.18 -11.77 37.31
C ASP C 118 -31.43 -13.00 37.84
N GLU C 119 -30.79 -13.74 36.93
CA GLU C 119 -29.98 -14.91 37.24
C GLU C 119 -28.77 -14.55 38.11
N TYR C 120 -28.07 -13.47 37.76
CA TYR C 120 -26.84 -13.11 38.43
C TYR C 120 -27.06 -12.35 39.75
N SER C 121 -28.27 -11.85 39.96
CA SER C 121 -28.60 -11.06 41.16
C SER C 121 -28.58 -11.89 42.43
N GLU C 122 -28.57 -13.22 42.28
CA GLU C 122 -28.58 -14.14 43.41
C GLU C 122 -27.20 -14.72 43.71
N GLN C 123 -26.26 -14.49 42.79
CA GLN C 123 -24.89 -14.97 42.97
C GLN C 123 -24.05 -13.97 43.76
N THR C 124 -22.99 -14.46 44.39
CA THR C 124 -22.02 -13.58 45.04
C THR C 124 -21.14 -12.98 43.96
N LEU C 125 -21.13 -11.67 43.83
CA LEU C 125 -20.33 -11.01 42.80
C LEU C 125 -19.15 -10.23 43.39
N TYR C 126 -17.95 -10.57 42.94
CA TYR C 126 -16.73 -10.04 43.51
C TYR C 126 -16.37 -8.67 42.91
N CYS C 127 -16.93 -8.37 41.74
CA CYS C 127 -16.78 -7.07 41.09
C CYS C 127 -17.99 -6.77 40.21
N ASP C 128 -18.07 -5.54 39.72
CA ASP C 128 -19.17 -5.11 38.84
C ASP C 128 -19.13 -5.78 37.47
N TYR C 129 -20.29 -5.92 36.85
CA TYR C 129 -20.37 -6.47 35.49
C TYR C 129 -21.40 -5.73 34.64
N GLY C 130 -21.14 -5.71 33.34
CA GLY C 130 -22.09 -5.20 32.35
C GLY C 130 -22.38 -6.25 31.30
N LEU C 131 -23.29 -5.93 30.37
CA LEU C 131 -23.68 -6.87 29.32
C LEU C 131 -23.74 -6.24 27.92
N HIS C 132 -23.17 -6.96 26.95
CA HIS C 132 -23.41 -6.70 25.53
C HIS C 132 -24.63 -7.52 25.10
N LEU C 133 -25.28 -7.08 24.03
CA LEU C 133 -26.39 -7.84 23.46
C LEU C 133 -25.94 -8.56 22.16
N ILE C 134 -26.23 -9.85 22.06
CA ILE C 134 -25.92 -10.64 20.86
C ILE C 134 -27.16 -10.71 19.95
N LEU C 135 -27.00 -10.35 18.69
CA LEU C 135 -28.09 -10.38 17.71
C LEU C 135 -27.81 -11.36 16.57
N PHE C 136 -28.74 -12.26 16.32
CA PHE C 136 -28.61 -13.25 15.25
C PHE C 136 -29.89 -13.47 14.42
N GLN C 137 -30.99 -12.86 14.83
CA GLN C 137 -32.23 -12.89 14.05
C GLN C 137 -32.70 -11.46 13.77
N ILE C 138 -32.61 -11.07 12.50
CA ILE C 138 -32.99 -9.72 12.05
C ILE C 138 -34.16 -9.85 11.07
N GLU C 139 -35.21 -9.06 11.31
CA GLU C 139 -36.43 -9.13 10.49
C GLU C 139 -36.17 -8.59 9.07
N LYS C 140 -36.95 -9.10 8.10
CA LYS C 140 -36.83 -8.69 6.70
C LYS C 140 -38.21 -8.31 6.19
N PRO C 141 -38.30 -7.40 5.20
CA PRO C 141 -37.25 -6.61 4.56
C PRO C 141 -36.80 -5.44 5.42
N SER C 142 -35.69 -4.83 5.01
CA SER C 142 -34.93 -3.84 5.78
C SER C 142 -35.73 -2.65 6.30
N VAL C 143 -36.58 -2.09 5.44
CA VAL C 143 -37.33 -0.87 5.78
C VAL C 143 -38.23 -0.98 7.02
N GLU C 144 -38.77 -2.18 7.29
CA GLU C 144 -39.41 -2.50 8.58
C GLU C 144 -38.38 -2.97 9.61
N ALA C 145 -37.54 -3.90 9.18
CA ALA C 145 -36.45 -4.46 10.00
C ALA C 145 -35.66 -3.42 10.77
N ARG C 146 -35.45 -2.25 10.14
CA ARG C 146 -34.65 -1.18 10.74
C ARG C 146 -35.44 -0.31 11.76
N GLU C 147 -36.77 -0.31 11.65
CA GLU C 147 -37.64 0.56 12.46
C GLU C 147 -38.16 0.01 13.80
N LEU C 148 -38.60 -1.26 13.80
CA LEU C 148 -39.01 -1.90 15.06
C LEU C 148 -37.75 -2.21 15.87
N LEU C 149 -36.68 -2.56 15.16
CA LEU C 149 -35.37 -2.77 15.77
C LEU C 149 -34.90 -1.53 16.55
N ASP C 150 -35.20 -0.35 15.99
CA ASP C 150 -34.90 0.94 16.60
C ASP C 150 -35.55 1.07 17.99
N VAL C 151 -36.85 0.81 18.06
CA VAL C 151 -37.62 0.86 19.30
C VAL C 151 -37.08 -0.13 20.34
N GLN C 152 -36.70 -1.32 19.87
CA GLN C 152 -36.16 -2.38 20.72
C GLN C 152 -34.82 -2.02 21.36
N LEU C 153 -33.96 -1.34 20.60
CA LEU C 153 -32.68 -0.90 21.11
C LEU C 153 -32.85 0.19 22.17
N GLN C 154 -33.80 1.09 21.93
CA GLN C 154 -34.12 2.14 22.91
C GLN C 154 -34.54 1.52 24.22
N ALA C 155 -35.44 0.53 24.16
CA ALA C 155 -35.96 -0.12 25.35
C ALA C 155 -34.86 -0.83 26.13
N ALA C 156 -33.92 -1.46 25.43
CA ALA C 156 -32.80 -2.14 26.05
C ALA C 156 -31.87 -1.16 26.76
N TYR C 157 -31.64 -0.01 26.12
CA TYR C 157 -30.86 1.06 26.73
C TYR C 157 -31.59 1.73 27.91
N ASN C 158 -32.85 2.11 27.72
CA ASN C 158 -33.60 2.84 28.75
C ASN C 158 -33.83 2.01 30.03
N ASP C 159 -34.02 0.70 29.86
CA ASP C 159 -34.32 -0.18 30.98
C ASP C 159 -33.10 -0.76 31.68
N TYR C 160 -32.06 -1.07 30.92
CA TYR C 160 -30.93 -1.84 31.44
C TYR C 160 -29.54 -1.28 31.11
N GLY C 161 -29.49 -0.11 30.50
CA GLY C 161 -28.22 0.54 30.20
C GLY C 161 -27.30 -0.26 29.30
N VAL C 162 -27.89 -1.02 28.38
CA VAL C 162 -27.13 -1.73 27.36
C VAL C 162 -26.98 -0.81 26.16
N SER C 163 -25.74 -0.59 25.72
CA SER C 163 -25.47 0.30 24.59
C SER C 163 -24.51 -0.33 23.56
N SER C 164 -24.41 -1.66 23.59
CA SER C 164 -23.55 -2.34 22.65
C SER C 164 -24.25 -3.55 22.05
N VAL C 165 -23.98 -3.78 20.76
CA VAL C 165 -24.59 -4.91 20.03
C VAL C 165 -23.54 -5.72 19.29
N MET C 167 -22.60 -8.97 16.63
CA MET C 167 -23.03 -9.83 15.54
C MET C 167 -21.89 -10.67 14.97
N PHE C 168 -22.25 -11.77 14.30
CA PHE C 168 -21.31 -12.76 13.78
C PHE C 168 -21.38 -12.89 12.27
N MET C 169 -20.23 -13.03 11.63
CA MET C 169 -20.18 -13.29 10.18
C MET C 169 -19.90 -14.77 9.88
N THR C 170 -19.74 -15.57 10.94
CA THR C 170 -19.52 -17.02 10.86
C THR C 170 -20.33 -17.76 11.96
N TYR C 171 -20.17 -19.08 12.05
CA TYR C 171 -20.93 -19.97 12.96
C TYR C 171 -22.37 -20.24 12.48
N PRO C 172 -22.73 -21.52 12.28
CA PRO C 172 -24.11 -21.86 11.92
C PRO C 172 -25.05 -21.53 13.08
N GLY C 173 -26.14 -20.82 12.80
CA GLY C 173 -27.05 -20.36 13.84
C GLY C 173 -26.78 -18.92 14.28
N LEU C 174 -25.56 -18.45 14.06
CA LEU C 174 -25.18 -17.06 14.40
C LEU C 174 -24.84 -16.18 13.18
N GLN C 175 -24.28 -16.78 12.14
CA GLN C 175 -23.92 -16.05 10.92
C GLN C 175 -25.11 -15.30 10.34
N ILE C 176 -24.96 -13.99 10.13
CA ILE C 176 -25.98 -13.23 9.43
C ILE C 176 -25.42 -12.63 8.14
N SER C 177 -26.30 -12.44 7.16
CA SER C 177 -25.97 -11.88 5.87
C SER C 177 -25.52 -10.41 5.95
N ASP C 178 -24.85 -9.94 4.91
CA ASP C 178 -24.47 -8.53 4.78
C ASP C 178 -25.69 -7.61 4.85
N TYR C 179 -26.77 -8.04 4.20
CA TYR C 179 -28.00 -7.28 4.15
C TYR C 179 -28.52 -7.00 5.57
N ASP C 180 -28.58 -8.05 6.39
CA ASP C 180 -29.02 -7.92 7.79
C ASP C 180 -28.09 -7.08 8.68
N ILE C 181 -26.79 -7.13 8.42
CA ILE C 181 -25.84 -6.30 9.13
C ILE C 181 -26.12 -4.81 8.86
N MET C 182 -26.37 -4.47 7.60
CA MET C 182 -26.75 -3.10 7.21
C MET C 182 -28.00 -2.61 7.95
N SER C 183 -29.03 -3.47 8.05
CA SER C 183 -30.23 -3.17 8.83
C SER C 183 -29.93 -2.85 10.30
N ALA C 184 -29.08 -3.67 10.91
CA ALA C 184 -28.65 -3.47 12.29
C ALA C 184 -27.84 -2.16 12.44
N MET C 185 -26.90 -1.94 11.53
CA MET C 185 -26.08 -0.74 11.55
C MET C 185 -26.93 0.51 11.48
N TYR C 186 -28.03 0.42 10.73
CA TYR C 186 -28.95 1.54 10.57
C TYR C 186 -29.51 1.94 11.92
N ALA C 187 -29.96 0.92 12.66
CA ALA C 187 -30.52 1.11 14.00
C ALA C 187 -29.47 1.55 15.03
N THR C 188 -28.29 0.91 15.03
CA THR C 188 -27.26 1.20 16.04
C THR C 188 -26.69 2.61 15.92
N ARG C 189 -26.41 3.03 14.70
CA ARG C 189 -25.90 4.38 14.46
C ARG C 189 -26.88 5.41 14.99
N LYS C 190 -28.17 5.22 14.65
CA LYS C 190 -29.24 6.11 15.07
C LYS C 190 -29.34 6.25 16.60
N ASN C 191 -28.98 5.19 17.31
CA ASN C 191 -29.06 5.15 18.78
C ASN C 191 -27.71 5.30 19.48
N GLY C 192 -26.65 5.56 18.71
CA GLY C 192 -25.32 5.77 19.29
C GLY C 192 -24.75 4.56 20.02
N PHE C 193 -25.15 3.37 19.58
CA PHE C 193 -24.65 2.11 20.13
C PHE C 193 -23.23 1.81 19.69
N THR C 194 -22.56 0.92 20.41
CA THR C 194 -21.26 0.42 19.97
C THR C 194 -21.53 -0.86 19.20
N THR C 195 -21.16 -0.89 17.92
CA THR C 195 -21.43 -2.04 17.07
C THR C 195 -20.20 -2.95 16.98
N MET C 196 -20.38 -4.23 17.32
CA MET C 196 -19.28 -5.21 17.41
C MET C 196 -19.45 -6.32 16.37
N LEU C 197 -18.36 -6.73 15.73
CA LEU C 197 -18.40 -7.83 14.76
C LEU C 197 -17.33 -8.90 14.95
N HIS C 198 -17.75 -10.16 14.86
CA HIS C 198 -16.85 -11.30 14.69
C HIS C 198 -16.71 -11.50 13.18
N ALA C 199 -15.55 -11.15 12.63
CA ALA C 199 -15.40 -11.13 11.18
C ALA C 199 -14.55 -12.26 10.62
N GLU C 200 -15.19 -13.42 10.40
CA GLU C 200 -14.63 -14.52 9.62
C GLU C 200 -15.65 -14.88 8.54
N ASN C 201 -15.20 -15.24 7.34
CA ASN C 201 -16.16 -15.65 6.28
C ASN C 201 -16.73 -17.04 6.55
N GLY C 202 -17.99 -17.06 6.98
CA GLY C 202 -18.66 -18.29 7.38
C GLY C 202 -18.79 -19.33 6.29
N ASP C 203 -19.02 -18.87 5.05
CA ASP C 203 -19.12 -19.77 3.89
C ASP C 203 -17.82 -20.47 3.56
N MET C 204 -16.70 -19.74 3.59
CA MET C 204 -15.39 -20.35 3.39
C MET C 204 -15.02 -21.36 4.50
N VAL C 205 -15.32 -21.00 5.76
CA VAL C 205 -15.12 -21.90 6.90
C VAL C 205 -15.88 -23.23 6.70
N LYS C 206 -17.17 -23.12 6.41
CA LYS C 206 -18.05 -24.26 6.20
C LYS C 206 -17.58 -25.18 5.06
N TRP C 207 -17.23 -24.60 3.92
CA TRP C 207 -16.77 -25.37 2.76
C TRP C 207 -15.49 -26.12 3.06
N MET C 208 -14.50 -25.42 3.63
CA MET C 208 -13.22 -26.04 3.95
C MET C 208 -13.31 -27.15 5.02
N ILE C 209 -14.19 -26.98 6.00
CA ILE C 209 -14.40 -28.02 7.03
C ILE C 209 -14.88 -29.30 6.35
N GLU C 210 -15.84 -29.16 5.44
CA GLU C 210 -16.37 -30.28 4.67
C GLU C 210 -15.30 -30.96 3.81
N ALA C 211 -14.43 -30.15 3.17
CA ALA C 211 -13.35 -30.70 2.36
C ALA C 211 -12.34 -31.50 3.20
N LEU C 212 -12.03 -31.00 4.40
CA LEU C 212 -11.10 -31.68 5.32
C LEU C 212 -11.66 -33.00 5.86
N GLU C 213 -12.93 -32.98 6.24
CA GLU C 213 -13.60 -34.17 6.77
C GLU C 213 -13.69 -35.28 5.72
N GLU C 214 -13.89 -34.88 4.47
CA GLU C 214 -13.92 -35.78 3.33
C GLU C 214 -12.61 -36.55 3.17
N GLN C 215 -11.49 -35.93 3.54
CA GLN C 215 -10.19 -36.62 3.52
C GLN C 215 -9.81 -37.25 4.87
N GLY C 216 -10.72 -37.16 5.85
CA GLY C 216 -10.52 -37.75 7.16
C GLY C 216 -9.60 -36.95 8.07
N LEU C 217 -9.41 -35.68 7.76
CA LEU C 217 -8.51 -34.82 8.52
C LEU C 217 -9.29 -34.08 9.61
N THR C 218 -9.52 -34.78 10.73
CA THR C 218 -10.46 -34.31 11.75
C THR C 218 -9.85 -33.98 13.13
N ASP C 219 -8.55 -34.20 13.29
CA ASP C 219 -7.87 -33.87 14.56
C ASP C 219 -7.87 -32.37 14.86
N ALA C 220 -7.74 -32.03 16.15
CA ALA C 220 -7.86 -30.66 16.64
C ALA C 220 -7.05 -29.64 15.82
N TYR C 221 -5.87 -30.06 15.36
CA TYR C 221 -4.96 -29.19 14.62
C TYR C 221 -5.58 -28.65 13.32
N TYR C 222 -6.47 -29.43 12.72
CA TYR C 222 -7.11 -29.04 11.46
C TYR C 222 -8.21 -27.97 11.59
N HIS C 223 -8.50 -27.57 12.83
CA HIS C 223 -9.36 -26.42 13.10
C HIS C 223 -8.72 -25.16 12.51
N GLY C 224 -7.42 -24.98 12.74
CA GLY C 224 -6.66 -23.88 12.16
C GLY C 224 -6.63 -23.92 10.63
N VAL C 225 -6.37 -25.11 10.09
CA VAL C 225 -6.27 -25.33 8.64
C VAL C 225 -7.57 -25.02 7.90
N SER C 226 -8.70 -25.25 8.56
CA SER C 226 -10.01 -24.99 7.97
C SER C 226 -10.32 -23.51 7.77
N ARG C 227 -9.56 -22.63 8.41
CA ARG C 227 -9.88 -21.20 8.39
C ARG C 227 -8.63 -20.28 8.53
N PRO C 228 -7.73 -20.30 7.53
CA PRO C 228 -6.49 -19.50 7.59
C PRO C 228 -6.76 -18.01 7.65
N SER C 229 -5.74 -17.20 7.95
CA SER C 229 -5.94 -15.77 8.24
C SER C 229 -6.57 -14.95 7.12
N ILE C 230 -6.41 -15.39 5.88
CA ILE C 230 -7.04 -14.74 4.71
C ILE C 230 -8.59 -14.72 4.78
N VAL C 231 -9.15 -15.66 5.54
CA VAL C 231 -10.60 -15.74 5.74
C VAL C 231 -11.08 -14.65 6.72
N GLU C 232 -10.31 -14.43 7.78
CA GLU C 232 -10.60 -13.35 8.72
C GLU C 232 -10.34 -11.99 8.05
N GLY C 233 -9.29 -11.92 7.24
CA GLY C 233 -9.00 -10.71 6.43
C GLY C 233 -10.12 -10.29 5.50
N GLU C 234 -10.61 -11.24 4.69
CA GLU C 234 -11.70 -10.95 3.74
C GLU C 234 -12.91 -10.37 4.44
N ALA C 235 -13.37 -11.04 5.48
CA ALA C 235 -14.58 -10.69 6.20
C ALA C 235 -14.46 -9.32 6.88
N THR C 236 -13.30 -9.04 7.46
CA THR C 236 -13.03 -7.77 8.09
C THR C 236 -13.06 -6.65 7.06
N ASN C 237 -12.50 -6.89 5.88
CA ASN C 237 -12.57 -5.96 4.75
C ASN C 237 -14.02 -5.66 4.31
N ARG C 238 -14.82 -6.73 4.21
CA ARG C 238 -16.23 -6.65 3.83
C ARG C 238 -17.02 -5.85 4.87
N ALA C 239 -16.73 -6.11 6.16
CA ALA C 239 -17.41 -5.44 7.26
C ALA C 239 -17.06 -3.95 7.38
N ILE C 240 -15.79 -3.60 7.12
CA ILE C 240 -15.39 -2.19 7.02
C ILE C 240 -16.19 -1.51 5.88
N THR C 241 -16.25 -2.15 4.71
CA THR C 241 -17.02 -1.64 3.56
C THR C 241 -18.46 -1.33 3.96
N LEU C 242 -19.10 -2.25 4.69
CA LEU C 242 -20.46 -2.04 5.16
C LEU C 242 -20.56 -0.84 6.10
N ALA C 243 -19.64 -0.75 7.07
CA ALA C 243 -19.61 0.37 8.03
C ALA C 243 -19.41 1.71 7.35
N THR C 244 -18.62 1.72 6.27
CA THR C 244 -18.36 2.94 5.50
C THR C 244 -19.63 3.41 4.77
N THR C 245 -20.26 2.50 4.04
CA THR C 245 -21.53 2.78 3.38
C THR C 245 -22.57 3.30 4.38
N MET C 246 -22.54 2.76 5.59
CA MET C 246 -23.56 3.09 6.59
C MET C 246 -23.14 4.17 7.61
N ASP C 247 -21.97 4.76 7.42
CA ASP C 247 -21.37 5.71 8.37
C ASP C 247 -21.58 5.33 9.84
N THR C 248 -21.23 4.07 10.14
CA THR C 248 -21.46 3.51 11.46
C THR C 248 -20.13 3.10 12.09
N PRO C 249 -19.82 3.65 13.29
CA PRO C 249 -18.64 3.21 14.02
C PRO C 249 -18.70 1.73 14.32
N ILE C 250 -17.54 1.07 14.26
CA ILE C 250 -17.48 -0.40 14.36
C ILE C 250 -16.26 -0.91 15.15
N LEU C 251 -16.49 -1.95 15.95
CA LEU C 251 -15.42 -2.61 16.71
C LEU C 251 -15.30 -4.08 16.29
N PHE C 252 -14.09 -4.49 15.91
CA PHE C 252 -13.83 -5.90 15.61
C PHE C 252 -13.26 -6.59 16.84
N VAL C 253 -13.91 -7.67 17.26
CA VAL C 253 -13.45 -8.43 18.42
C VAL C 253 -12.39 -9.47 18.04
N HIS C 254 -11.60 -9.85 19.04
CA HIS C 254 -10.52 -10.83 18.90
C HIS C 254 -9.88 -10.93 17.50
N VAL C 255 -9.21 -9.85 17.09
CA VAL C 255 -8.50 -9.83 15.81
C VAL C 255 -7.21 -10.63 15.95
N SER C 256 -6.95 -11.51 14.98
CA SER C 256 -5.79 -12.40 15.02
C SER C 256 -5.05 -12.46 13.71
N SER C 257 -5.66 -11.92 12.66
CA SER C 257 -5.13 -12.06 11.30
C SER C 257 -4.34 -10.83 10.86
N PRO C 258 -3.11 -11.02 10.31
CA PRO C 258 -2.36 -9.87 9.80
C PRO C 258 -3.12 -9.10 8.70
N GLN C 259 -3.83 -9.84 7.83
CA GLN C 259 -4.62 -9.25 6.75
C GLN C 259 -5.76 -8.38 7.28
N ALA C 260 -6.38 -8.83 8.36
CA ALA C 260 -7.41 -8.08 9.06
C ALA C 260 -6.85 -6.81 9.68
N ALA C 261 -5.72 -6.93 10.38
CA ALA C 261 -5.02 -5.78 10.97
C ALA C 261 -4.65 -4.73 9.91
N GLU C 262 -4.23 -5.20 8.73
CA GLU C 262 -3.87 -4.32 7.61
C GLU C 262 -5.01 -3.43 7.13
N VAL C 263 -6.17 -4.04 6.83
CA VAL C 263 -7.32 -3.26 6.40
C VAL C 263 -7.90 -2.38 7.52
N ILE C 264 -7.82 -2.84 8.77
CA ILE C 264 -8.20 -2.04 9.96
C ILE C 264 -7.34 -0.79 10.08
N LYS C 265 -6.01 -0.97 9.99
CA LYS C 265 -5.05 0.15 10.02
C LYS C 265 -5.35 1.18 8.93
N GLN C 266 -5.56 0.71 7.71
CA GLN C 266 -5.81 1.57 6.55
C GLN C 266 -7.06 2.44 6.75
N ALA C 267 -8.08 1.86 7.35
CA ALA C 267 -9.32 2.57 7.67
C ALA C 267 -9.11 3.64 8.76
N GLN C 268 -8.34 3.29 9.78
CA GLN C 268 -8.02 4.22 10.86
C GLN C 268 -7.20 5.41 10.35
N THR C 269 -6.27 5.14 9.43
CA THR C 269 -5.47 6.18 8.80
C THR C 269 -6.36 7.16 8.01
N LYS C 270 -7.41 6.63 7.37
CA LYS C 270 -8.40 7.46 6.65
C LYS C 270 -9.29 8.26 7.62
N GLY C 271 -9.28 7.87 8.89
CA GLY C 271 -10.05 8.57 9.91
C GLY C 271 -11.44 7.98 10.14
N LEU C 272 -11.75 6.87 9.49
CA LEU C 272 -12.99 6.15 9.72
C LEU C 272 -13.00 5.65 11.18
N LYS C 273 -14.18 5.58 11.78
CA LYS C 273 -14.26 5.14 13.17
C LYS C 273 -14.32 3.61 13.24
N VAL C 274 -13.15 2.99 13.17
CA VAL C 274 -13.01 1.56 13.18
C VAL C 274 -12.12 1.21 14.36
N TYR C 275 -12.70 0.50 15.32
CA TYR C 275 -11.98 0.11 16.53
C TYR C 275 -11.70 -1.40 16.48
N ALA C 276 -10.70 -1.83 17.24
CA ALA C 276 -10.34 -3.26 17.26
C ALA C 276 -9.90 -3.77 18.64
N GLU C 277 -10.16 -5.04 18.86
CA GLU C 277 -9.78 -5.74 20.07
C GLU C 277 -8.89 -6.91 19.69
N THR C 278 -7.87 -7.18 20.50
CA THR C 278 -7.16 -8.46 20.43
C THR C 278 -7.06 -9.11 21.81
N CYS C 279 -6.47 -10.30 21.85
CA CYS C 279 -6.43 -11.13 23.03
C CYS C 279 -5.02 -11.66 23.30
N PRO C 280 -4.64 -11.83 24.58
CA PRO C 280 -3.31 -12.32 24.94
C PRO C 280 -2.86 -13.53 24.11
N GLN C 281 -3.76 -14.51 23.95
CA GLN C 281 -3.47 -15.76 23.25
C GLN C 281 -3.01 -15.61 21.79
N TYR C 282 -3.41 -14.51 21.16
CA TYR C 282 -3.01 -14.27 19.78
C TYR C 282 -1.60 -13.68 19.67
N ALA C 283 -1.06 -13.20 20.79
CA ALA C 283 0.30 -12.65 20.85
C ALA C 283 1.28 -13.64 21.48
N LEU C 284 0.77 -14.61 22.22
CA LEU C 284 1.60 -15.45 23.07
C LEU C 284 1.72 -16.91 22.62
N LEU C 285 0.70 -17.41 21.92
CA LEU C 285 0.66 -18.80 21.48
C LEU C 285 0.63 -18.92 19.97
N SER C 286 1.19 -20.02 19.46
CA SER C 286 1.12 -20.37 18.04
C SER C 286 0.50 -21.76 17.91
N ASP C 287 0.06 -22.12 16.71
CA ASP C 287 -0.69 -23.37 16.50
C ASP C 287 0.12 -24.67 16.66
N ALA C 288 1.44 -24.56 16.82
CA ALA C 288 2.27 -25.72 17.16
C ALA C 288 1.82 -26.41 18.45
N ILE C 289 1.20 -25.64 19.35
CA ILE C 289 0.69 -26.14 20.62
C ILE C 289 -0.57 -27.05 20.48
N THR C 290 -1.17 -27.09 19.28
CA THR C 290 -2.39 -27.91 19.06
C THR C 290 -2.11 -29.34 18.57
N ARG C 291 -0.84 -29.67 18.39
CA ARG C 291 -0.45 -31.06 18.09
C ARG C 291 1.02 -31.32 18.46
N CYS C 292 1.48 -32.54 18.18
CA CYS C 292 2.90 -32.88 18.36
C CYS C 292 3.45 -33.57 17.11
N GLY C 302 12.10 -15.79 20.32
CA GLY C 302 10.65 -15.72 20.23
C GLY C 302 10.06 -14.62 21.10
N VAL C 303 9.02 -13.95 20.58
CA VAL C 303 8.34 -12.84 21.28
C VAL C 303 7.18 -13.29 22.18
N GLY C 304 7.05 -14.60 22.39
CA GLY C 304 5.95 -15.13 23.18
C GLY C 304 6.37 -16.08 24.28
N ILE C 305 5.48 -17.03 24.57
CA ILE C 305 5.74 -18.02 25.60
C ILE C 305 6.57 -19.17 25.02
N ASP C 306 7.62 -19.55 25.75
CA ASP C 306 8.34 -20.77 25.47
C ASP C 306 7.35 -21.93 25.61
N LEU C 307 6.90 -22.45 24.45
CA LEU C 307 5.81 -23.43 24.40
C LEU C 307 6.11 -24.74 25.11
N SER C 308 7.38 -25.11 25.17
CA SER C 308 7.77 -26.36 25.82
C SER C 308 7.71 -26.27 27.35
N SER C 309 7.51 -25.06 27.87
CA SER C 309 7.41 -24.83 29.32
C SER C 309 5.96 -24.94 29.82
N ILE C 310 5.00 -24.97 28.90
CA ILE C 310 3.60 -25.22 29.22
C ILE C 310 3.42 -26.68 29.60
N SER C 311 2.80 -26.95 30.73
CA SER C 311 2.58 -28.34 31.14
C SER C 311 1.20 -28.84 30.72
N GLU C 312 1.10 -30.16 30.55
CA GLU C 312 -0.15 -30.85 30.18
C GLU C 312 -0.65 -30.43 28.79
N SER C 313 0.24 -30.54 27.81
CA SER C 313 -0.05 -30.18 26.42
C SER C 313 0.30 -31.37 25.52
N PRO C 314 0.08 -31.25 24.19
CA PRO C 314 0.52 -32.31 23.28
C PRO C 314 2.02 -32.63 23.34
N PHE C 315 2.84 -31.68 23.79
CA PHE C 315 4.28 -31.91 23.95
C PHE C 315 4.60 -32.84 25.10
N THR C 316 3.93 -32.66 26.24
CA THR C 316 4.16 -33.48 27.44
C THR C 316 3.31 -34.75 27.47
N ASN C 317 2.13 -34.70 26.85
CA ASN C 317 1.21 -35.85 26.78
C ASN C 317 0.90 -36.26 25.33
N PRO C 318 1.89 -36.84 24.62
CA PRO C 318 1.70 -37.11 23.19
C PRO C 318 0.75 -38.28 22.93
N ASP C 319 0.55 -39.12 23.95
CA ASP C 319 -0.40 -40.23 23.85
C ASP C 319 -1.86 -39.76 23.82
N ASP C 320 -2.14 -38.61 24.43
CA ASP C 320 -3.48 -38.04 24.43
C ASP C 320 -3.75 -37.23 23.16
N ARG C 321 -4.44 -37.86 22.21
CA ARG C 321 -4.69 -37.27 20.90
C ARG C 321 -5.65 -36.09 20.90
N PHE C 322 -6.43 -35.97 21.98
CA PHE C 322 -7.49 -34.97 22.08
C PHE C 322 -7.08 -33.70 22.86
N ILE C 323 -5.87 -33.71 23.42
CA ILE C 323 -5.43 -32.63 24.33
C ILE C 323 -5.23 -31.26 23.66
N GLY C 324 -5.07 -31.28 22.34
CA GLY C 324 -5.03 -30.05 21.55
C GLY C 324 -6.26 -29.19 21.71
N SER C 325 -7.38 -29.81 22.08
CA SER C 325 -8.65 -29.12 22.27
C SER C 325 -8.61 -28.03 23.35
N LYS C 326 -7.69 -28.16 24.30
CA LYS C 326 -7.47 -27.15 25.33
C LYS C 326 -7.20 -25.78 24.75
N TYR C 327 -6.70 -25.75 23.51
CA TYR C 327 -6.27 -24.51 22.86
C TYR C 327 -7.06 -24.18 21.58
N ILE C 328 -8.23 -24.80 21.42
CA ILE C 328 -9.10 -24.52 20.28
C ILE C 328 -10.06 -23.36 20.59
N CYS C 329 -9.94 -22.29 19.80
CA CYS C 329 -10.82 -21.12 19.91
C CYS C 329 -11.05 -20.50 18.53
N SER C 330 -11.93 -19.50 18.46
CA SER C 330 -12.24 -18.83 17.19
C SER C 330 -12.13 -17.31 17.30
N PRO C 331 -11.30 -16.69 16.45
CA PRO C 331 -10.52 -17.34 15.38
C PRO C 331 -9.41 -18.24 15.98
N PRO C 332 -8.88 -19.18 15.18
CA PRO C 332 -7.86 -20.09 15.70
C PRO C 332 -6.55 -19.39 16.08
N ILE C 333 -5.85 -19.97 17.06
CA ILE C 333 -4.47 -19.59 17.35
C ILE C 333 -3.68 -19.85 16.07
N ARG C 334 -2.91 -18.84 15.65
CA ARG C 334 -2.35 -18.78 14.30
C ARG C 334 -0.97 -19.45 14.19
N PRO C 335 -0.53 -19.76 12.94
CA PRO C 335 0.82 -20.33 12.74
C PRO C 335 1.97 -19.46 13.25
N GLU C 336 3.13 -20.09 13.48
CA GLU C 336 4.39 -19.41 13.82
C GLU C 336 4.67 -18.23 12.90
N GLY C 337 5.09 -17.13 13.50
CA GLY C 337 5.53 -15.96 12.73
C GLY C 337 4.50 -14.85 12.67
N THR C 338 3.28 -15.15 13.12
CA THR C 338 2.15 -14.21 13.10
C THR C 338 2.08 -13.34 14.36
N GLN C 339 2.55 -13.90 15.47
CA GLN C 339 2.37 -13.32 16.82
C GLN C 339 2.99 -11.94 17.00
N LYS C 340 4.12 -11.69 16.36
CA LYS C 340 4.77 -10.38 16.45
C LYS C 340 3.90 -9.23 15.93
N SER C 341 3.15 -9.45 14.84
CA SER C 341 2.32 -8.40 14.28
C SER C 341 1.13 -8.01 15.20
N ILE C 342 0.75 -8.92 16.09
CA ILE C 342 -0.24 -8.61 17.11
C ILE C 342 0.31 -7.64 18.16
N TRP C 343 1.56 -7.84 18.60
CA TRP C 343 2.22 -6.91 19.52
C TRP C 343 2.38 -5.52 18.91
N LYS C 344 2.83 -5.48 17.65
CA LYS C 344 2.96 -4.20 16.93
C LYS C 344 1.61 -3.48 16.85
N GLY C 345 0.54 -4.24 16.62
CA GLY C 345 -0.81 -3.72 16.58
C GLY C 345 -1.25 -3.08 17.89
N MET C 346 -0.85 -3.69 19.01
CA MET C 346 -1.12 -3.13 20.33
C MET C 346 -0.38 -1.82 20.57
N ASN C 347 0.84 -1.72 20.05
CA ASN C 347 1.66 -0.52 20.22
C ASN C 347 1.33 0.65 19.27
N ASN C 348 1.01 0.32 18.01
CA ASN C 348 0.85 1.33 16.97
C ASN C 348 -0.55 1.96 16.86
N GLY C 349 -1.47 1.51 17.71
CA GLY C 349 -2.85 2.03 17.68
C GLY C 349 -3.90 1.20 16.94
N THR C 350 -3.49 0.09 16.33
CA THR C 350 -4.46 -0.79 15.65
C THR C 350 -5.48 -1.35 16.64
N PHE C 351 -5.01 -1.82 17.79
CA PHE C 351 -5.92 -2.35 18.81
C PHE C 351 -6.22 -1.32 19.87
N THR C 352 -7.51 -1.00 19.98
CA THR C 352 -8.03 -0.02 20.93
C THR C 352 -8.03 -0.60 22.34
N ILE C 353 -8.45 -1.86 22.41
CA ILE C 353 -8.57 -2.57 23.68
C ILE C 353 -8.02 -4.00 23.58
N VAL C 354 -7.80 -4.61 24.75
CA VAL C 354 -7.44 -6.03 24.84
C VAL C 354 -8.43 -6.72 25.79
N GLY C 355 -9.05 -7.80 25.31
CA GLY C 355 -9.98 -8.59 26.12
C GLY C 355 -9.47 -10.02 26.19
N SER C 356 -10.18 -10.89 26.87
CA SER C 356 -9.69 -12.26 27.04
C SER C 356 -10.37 -13.29 26.12
N ASP C 357 -11.63 -13.03 25.79
CA ASP C 357 -12.48 -14.03 25.11
C ASP C 357 -12.59 -15.24 26.02
N HIS C 358 -12.70 -14.99 27.33
CA HIS C 358 -12.78 -16.00 28.36
C HIS C 358 -13.97 -16.91 28.11
N CYS C 359 -13.71 -18.20 27.91
CA CYS C 359 -14.77 -19.14 27.66
C CYS C 359 -14.33 -20.53 28.06
N SER C 360 -14.92 -21.04 29.13
CA SER C 360 -14.37 -22.19 29.85
C SER C 360 -15.16 -23.49 29.76
N TYR C 361 -14.44 -24.56 29.41
CA TYR C 361 -14.96 -25.91 29.37
C TYR C 361 -13.91 -26.82 29.96
N ASN C 362 -14.33 -27.73 30.85
CA ASN C 362 -13.43 -28.67 31.52
C ASN C 362 -12.70 -29.61 30.57
N TYR C 363 -11.49 -30.03 30.95
CA TYR C 363 -10.76 -31.06 30.23
C TYR C 363 -10.59 -32.36 31.01
N TYR C 364 -10.46 -32.27 32.34
CA TYR C 364 -10.18 -33.46 33.15
C TYR C 364 -11.39 -34.17 33.72
N GLU C 365 -12.58 -33.68 33.39
CA GLU C 365 -13.80 -34.48 33.52
C GLU C 365 -14.44 -34.56 32.13
N LYS C 366 -14.99 -35.71 31.79
CA LYS C 366 -15.41 -36.01 30.42
C LYS C 366 -16.91 -36.16 30.22
N THR C 367 -17.66 -36.29 31.31
CA THR C 367 -19.07 -36.67 31.25
C THR C 367 -20.07 -35.52 31.19
N SER C 368 -19.71 -34.37 31.75
CA SER C 368 -20.65 -33.26 31.90
C SER C 368 -20.93 -32.53 30.58
N THR C 369 -21.99 -31.75 30.56
CA THR C 369 -22.39 -30.99 29.39
C THR C 369 -21.47 -29.78 29.15
N ALA C 370 -20.57 -29.53 30.10
CA ALA C 370 -19.64 -28.38 30.02
C ALA C 370 -18.19 -28.83 29.82
N SER C 371 -18.04 -30.07 29.36
CA SER C 371 -16.75 -30.70 29.09
C SER C 371 -16.32 -30.52 27.63
N LYS C 372 -15.03 -30.35 27.39
CA LYS C 372 -14.47 -30.39 26.03
C LYS C 372 -14.80 -31.71 25.33
N HIS C 373 -14.89 -32.79 26.12
CA HIS C 373 -15.14 -34.13 25.59
C HIS C 373 -16.58 -34.32 25.16
N ARG C 374 -17.38 -33.27 25.33
CA ARG C 374 -18.71 -33.13 24.71
C ARG C 374 -18.66 -33.44 23.20
N ALA C 375 -17.46 -33.31 22.60
CA ALA C 375 -17.22 -33.64 21.20
C ALA C 375 -17.34 -35.14 20.88
N PHE C 376 -17.26 -35.96 21.94
CA PHE C 376 -17.50 -37.40 21.82
C PHE C 376 -18.92 -37.74 22.29
N ASP C 377 -19.78 -38.04 21.31
CA ASP C 377 -21.20 -38.36 21.55
C ASP C 377 -21.66 -39.30 20.44
N PRO C 378 -21.28 -40.59 20.51
CA PRO C 378 -21.45 -41.52 19.38
C PRO C 378 -22.90 -41.64 18.92
N GLU C 379 -23.83 -41.45 19.87
CA GLU C 379 -25.26 -41.60 19.64
C GLU C 379 -25.83 -40.40 18.86
N ASN C 380 -25.05 -39.32 18.78
CA ASN C 380 -25.42 -38.16 17.99
C ASN C 380 -24.45 -37.86 16.83
N ASN C 381 -23.82 -38.93 16.31
CA ASN C 381 -22.82 -38.85 15.22
C ASN C 381 -21.66 -37.88 15.50
N LYS C 382 -21.14 -37.91 16.73
CA LYS C 382 -19.99 -37.09 17.11
C LYS C 382 -18.90 -38.02 17.66
N ASN C 383 -17.73 -37.99 17.04
CA ASN C 383 -16.64 -38.87 17.44
C ASN C 383 -15.30 -38.15 17.62
N GLY C 384 -15.36 -36.93 18.14
CA GLY C 384 -14.15 -36.17 18.49
C GLY C 384 -13.60 -35.26 17.41
N GLU C 385 -14.30 -35.16 16.28
CA GLU C 385 -13.92 -34.30 15.15
C GLU C 385 -13.83 -32.83 15.61
N PHE C 386 -12.88 -32.08 15.07
CA PHE C 386 -12.63 -30.71 15.53
C PHE C 386 -13.89 -29.84 15.48
N ARG C 387 -14.73 -30.11 14.48
CA ARG C 387 -16.04 -29.46 14.28
C ARG C 387 -16.87 -29.39 15.56
N TYR C 388 -16.77 -30.43 16.38
CA TYR C 388 -17.61 -30.57 17.59
C TYR C 388 -16.91 -30.14 18.90
N ILE C 389 -15.66 -29.68 18.80
CA ILE C 389 -14.95 -29.21 19.98
C ILE C 389 -15.52 -27.84 20.37
N PRO C 390 -16.02 -27.70 21.62
CA PRO C 390 -16.40 -26.37 22.12
C PRO C 390 -15.22 -25.42 22.11
N ASN C 391 -15.40 -24.29 21.44
CA ASN C 391 -14.35 -23.29 21.25
C ASN C 391 -14.22 -22.36 22.45
N GLY C 392 -12.98 -22.12 22.89
CA GLY C 392 -12.70 -21.17 23.96
C GLY C 392 -11.57 -21.56 24.89
N LEU C 393 -10.94 -20.55 25.50
CA LEU C 393 -9.99 -20.77 26.60
C LEU C 393 -10.37 -19.92 27.80
N PRO C 394 -10.07 -20.41 29.02
CA PRO C 394 -10.11 -19.55 30.20
C PRO C 394 -9.00 -18.53 30.10
N GLY C 395 -9.30 -17.28 30.43
CA GLY C 395 -8.30 -16.22 30.34
C GLY C 395 -8.55 -14.95 31.14
N VAL C 396 -9.71 -14.84 31.78
CA VAL C 396 -10.05 -13.62 32.53
C VAL C 396 -9.08 -13.28 33.67
N CYS C 397 -8.56 -14.32 34.34
CA CYS C 397 -7.59 -14.11 35.41
C CYS C 397 -6.20 -13.72 34.86
N THR C 398 -5.74 -14.41 33.82
CA THR C 398 -4.39 -14.25 33.32
C THR C 398 -4.13 -13.02 32.43
N ARG C 399 -5.19 -12.34 31.98
CA ARG C 399 -5.07 -11.21 31.03
C ARG C 399 -4.10 -10.12 31.50
N MET C 400 -4.32 -9.59 32.71
CA MET C 400 -3.51 -8.47 33.22
C MET C 400 -2.05 -8.86 33.53
N PRO C 401 -1.84 -9.94 34.31
CA PRO C 401 -0.47 -10.31 34.57
C PRO C 401 0.33 -10.72 33.31
N LEU C 402 -0.30 -11.42 32.36
CA LEU C 402 0.38 -11.77 31.11
C LEU C 402 0.90 -10.54 30.34
N LEU C 403 0.12 -9.46 30.30
CA LEU C 403 0.58 -8.22 29.64
C LEU C 403 1.62 -7.47 30.47
N TYR C 404 1.46 -7.48 31.79
CA TYR C 404 2.44 -6.88 32.69
C TYR C 404 3.80 -7.51 32.43
N ASP C 405 3.83 -8.84 32.46
CA ASP C 405 5.06 -9.60 32.25
C ASP C 405 5.53 -9.57 30.80
N TYR C 406 4.84 -10.29 29.91
CA TYR C 406 5.30 -10.48 28.53
C TYR C 406 5.21 -9.20 27.70
N GLY C 407 4.37 -8.27 28.14
CA GLY C 407 4.25 -6.97 27.50
C GLY C 407 5.20 -5.92 28.03
N TYR C 408 4.94 -5.42 29.24
CA TYR C 408 5.74 -4.34 29.83
C TYR C 408 7.16 -4.75 30.21
N LEU C 409 7.29 -5.77 31.08
CA LEU C 409 8.60 -6.19 31.60
C LEU C 409 9.53 -6.77 30.52
N ARG C 410 8.97 -7.55 29.60
CA ARG C 410 9.79 -8.17 28.56
C ARG C 410 9.93 -7.29 27.31
N GLY C 411 9.24 -6.15 27.30
CA GLY C 411 9.46 -5.11 26.30
C GLY C 411 8.65 -5.18 25.01
N ASN C 412 7.62 -6.03 24.98
CA ASN C 412 6.77 -6.15 23.80
C ASN C 412 5.71 -5.04 23.71
N LEU C 413 5.34 -4.48 24.86
CA LEU C 413 4.59 -3.20 24.91
C LEU C 413 5.53 -2.04 25.21
N THR C 414 5.22 -0.86 24.66
CA THR C 414 6.11 0.31 24.80
C THR C 414 6.29 0.80 26.23
N SER C 415 5.21 0.75 27.03
CA SER C 415 5.21 1.29 28.39
C SER C 415 4.01 0.82 29.21
N MET C 416 4.05 1.12 30.50
CA MET C 416 2.95 0.90 31.44
C MET C 416 1.71 1.71 31.10
N MET C 417 1.92 2.88 30.49
CA MET C 417 0.81 3.75 30.08
C MET C 417 -0.01 3.14 28.95
N LYS C 418 0.67 2.50 27.99
CA LYS C 418 0.01 1.77 26.90
C LYS C 418 -0.76 0.60 27.47
N LEU C 419 -0.16 -0.07 28.45
CA LEU C 419 -0.81 -1.17 29.16
C LEU C 419 -2.13 -0.72 29.76
N VAL C 420 -2.10 0.37 30.52
CA VAL C 420 -3.31 0.88 31.17
C VAL C 420 -4.35 1.32 30.13
N GLU C 421 -3.90 2.00 29.09
CA GLU C 421 -4.75 2.50 28.01
C GLU C 421 -5.63 1.40 27.42
N ILE C 422 -5.02 0.28 27.05
CA ILE C 422 -5.71 -0.78 26.33
C ILE C 422 -6.43 -1.80 27.22
N GLN C 423 -5.96 -1.91 28.48
CA GLN C 423 -6.48 -2.87 29.44
C GLN C 423 -7.57 -2.28 30.34
N CYS C 424 -7.54 -0.95 30.53
CA CYS C 424 -8.39 -0.31 31.54
C CYS C 424 -9.22 0.87 30.99
N THR C 425 -8.54 1.90 30.52
CA THR C 425 -9.20 3.16 30.19
C THR C 425 -10.00 3.11 28.89
N ASN C 426 -9.38 2.66 27.79
CA ASN C 426 -10.09 2.52 26.51
C ASN C 426 -11.33 1.61 26.54
N PRO C 427 -11.24 0.42 27.19
CA PRO C 427 -12.48 -0.37 27.38
C PRO C 427 -13.64 0.40 28.06
N ALA C 428 -13.34 1.18 29.09
CA ALA C 428 -14.36 2.00 29.75
C ALA C 428 -14.97 3.04 28.79
N LYS C 429 -14.10 3.68 28.01
CA LYS C 429 -14.51 4.73 27.09
C LYS C 429 -15.36 4.21 25.95
N VAL C 430 -14.95 3.09 25.37
CA VAL C 430 -15.59 2.55 24.18
C VAL C 430 -16.93 1.88 24.51
N TYR C 431 -17.09 1.45 25.76
CA TYR C 431 -18.34 0.82 26.19
C TYR C 431 -19.19 1.60 27.19
N GLY C 432 -18.96 2.90 27.27
CA GLY C 432 -19.82 3.79 28.04
C GLY C 432 -19.80 3.65 29.55
N MET C 433 -18.66 3.27 30.10
CA MET C 433 -18.47 3.16 31.56
C MET C 433 -17.54 4.24 32.10
N TYR C 434 -17.18 5.19 31.23
CA TYR C 434 -16.27 6.27 31.57
C TYR C 434 -17.08 7.52 31.96
N PRO C 435 -16.67 8.26 33.02
CA PRO C 435 -15.49 8.11 33.89
C PRO C 435 -15.69 7.35 35.20
N GLN C 436 -16.86 6.77 35.42
CA GLN C 436 -17.07 5.95 36.63
C GLN C 436 -15.99 4.86 36.76
N LYS C 437 -15.58 4.29 35.63
CA LYS C 437 -14.61 3.21 35.58
C LYS C 437 -13.45 3.56 34.65
N GLY C 438 -12.30 2.93 34.84
CA GLY C 438 -11.19 3.05 33.89
C GLY C 438 -9.98 3.88 34.32
N SER C 439 -10.18 4.81 35.23
CA SER C 439 -9.13 5.74 35.67
C SER C 439 -9.00 5.86 37.18
N ILE C 440 -8.20 6.85 37.61
CA ILE C 440 -8.03 7.20 39.02
C ILE C 440 -8.33 8.72 39.20
N LEU C 441 -9.61 9.06 39.25
CA LEU C 441 -10.04 10.45 39.24
C LEU C 441 -10.75 10.83 40.54
N PRO C 442 -10.13 11.71 41.33
CA PRO C 442 -10.67 12.07 42.64
C PRO C 442 -12.09 12.64 42.57
N GLY C 443 -12.98 12.11 43.39
CA GLY C 443 -14.38 12.52 43.43
C GLY C 443 -15.25 11.88 42.37
N VAL C 444 -14.64 11.22 41.38
CA VAL C 444 -15.35 10.68 40.22
C VAL C 444 -15.23 9.15 40.06
N SER C 445 -14.00 8.63 40.15
CA SER C 445 -13.73 7.20 39.92
C SER C 445 -14.21 6.30 41.05
N ASP C 446 -14.86 5.19 40.70
CA ASP C 446 -15.00 4.09 41.66
C ASP C 446 -13.58 3.72 42.07
N ALA C 447 -13.38 3.41 43.35
CA ALA C 447 -12.03 3.06 43.79
C ALA C 447 -11.68 1.62 43.40
N ASP C 448 -11.48 1.42 42.09
CA ASP C 448 -11.10 0.13 41.52
C ASP C 448 -9.61 0.17 41.17
N LEU C 449 -8.80 -0.45 42.01
CA LEU C 449 -7.36 -0.30 41.93
C LEU C 449 -6.60 -1.61 42.11
N VAL C 450 -5.42 -1.70 41.50
CA VAL C 450 -4.53 -2.83 41.66
C VAL C 450 -3.20 -2.32 42.16
N ILE C 451 -2.67 -2.96 43.19
CA ILE C 451 -1.32 -2.68 43.66
C ILE C 451 -0.49 -3.92 43.38
N TRP C 452 0.54 -3.76 42.55
CA TRP C 452 1.40 -4.88 42.16
C TRP C 452 2.50 -5.09 43.20
N TYR C 453 3.40 -6.05 42.96
CA TYR C 453 4.58 -6.20 43.78
C TYR C 453 5.68 -5.31 43.19
N PRO C 454 6.67 -4.90 44.02
CA PRO C 454 7.76 -4.09 43.44
C PRO C 454 8.64 -4.96 42.52
N ASP C 455 9.01 -4.42 41.36
CA ASP C 455 9.77 -5.18 40.38
C ASP C 455 11.25 -5.35 40.74
N ASP C 456 11.87 -4.29 41.27
CA ASP C 456 13.32 -4.29 41.46
C ASP C 456 13.73 -4.62 42.90
N SER C 457 12.92 -5.40 43.60
CA SER C 457 13.20 -5.65 45.01
C SER C 457 13.97 -6.94 45.26
N LYS C 458 14.81 -6.91 46.28
CA LYS C 458 15.54 -8.09 46.74
C LYS C 458 14.79 -8.80 47.86
N LYS C 459 13.78 -8.13 48.42
CA LYS C 459 12.93 -8.70 49.47
C LYS C 459 12.09 -9.87 48.95
N GLU C 460 11.93 -10.88 49.78
CA GLU C 460 11.14 -12.05 49.43
C GLU C 460 9.68 -11.82 49.77
N TYR C 461 8.80 -12.20 48.84
CA TYR C 461 7.37 -12.19 49.10
C TYR C 461 6.83 -13.61 48.91
N ASN C 462 6.57 -14.27 50.04
CA ASN C 462 6.07 -15.65 50.03
C ASN C 462 4.77 -15.82 49.27
N SER C 463 3.98 -14.75 49.18
CA SER C 463 2.68 -14.79 48.57
C SER C 463 2.74 -14.54 47.05
N LYS C 464 3.87 -14.04 46.56
CA LYS C 464 4.03 -13.77 45.13
C LYS C 464 4.27 -15.08 44.38
N PRO C 465 3.37 -15.42 43.43
CA PRO C 465 3.53 -16.67 42.68
C PRO C 465 4.64 -16.55 41.63
N LYS C 466 5.29 -17.68 41.36
CA LYS C 466 6.34 -17.75 40.34
C LYS C 466 5.80 -18.34 39.03
N LEU C 467 4.82 -19.24 39.15
CA LEU C 467 4.26 -19.93 38.02
C LEU C 467 2.75 -19.74 38.01
N ILE C 468 2.16 -19.86 36.83
CA ILE C 468 0.70 -19.94 36.70
C ILE C 468 0.25 -21.38 36.95
N THR C 469 -0.68 -21.54 37.87
CA THR C 469 -1.28 -22.84 38.16
C THR C 469 -2.80 -22.70 38.09
N ASN C 470 -3.51 -23.82 38.03
CA ASN C 470 -4.96 -23.80 38.02
C ASN C 470 -5.58 -23.27 39.32
N LYS C 471 -5.02 -23.68 40.46
CA LYS C 471 -5.47 -23.22 41.78
C LYS C 471 -5.41 -21.68 41.92
N LEU C 472 -4.37 -21.08 41.34
CA LEU C 472 -4.19 -19.63 41.31
C LEU C 472 -5.31 -18.87 40.57
N MET C 473 -6.00 -19.57 39.66
CA MET C 473 -7.04 -18.95 38.83
C MET C 473 -8.30 -18.55 39.58
N GLU C 474 -8.58 -19.23 40.71
CA GLU C 474 -9.78 -18.99 41.51
C GLU C 474 -11.07 -19.12 40.69
N HIS C 475 -11.03 -19.96 39.67
CA HIS C 475 -12.20 -20.16 38.82
C HIS C 475 -12.83 -21.55 39.00
N ASN C 476 -13.82 -21.86 38.17
CA ASN C 476 -14.51 -23.15 38.26
C ASN C 476 -14.06 -24.17 37.20
N CYS C 477 -13.10 -23.79 36.39
CA CYS C 477 -12.57 -24.69 35.36
C CYS C 477 -11.44 -25.55 35.93
N ASP C 478 -11.18 -26.71 35.32
CA ASP C 478 -10.16 -27.63 35.83
C ASP C 478 -8.79 -27.51 35.14
N TYR C 479 -8.65 -26.52 34.25
CA TYR C 479 -7.39 -26.22 33.60
C TYR C 479 -7.30 -24.76 33.19
N THR C 480 -6.06 -24.30 33.05
CA THR C 480 -5.72 -23.07 32.31
C THR C 480 -4.66 -23.45 31.25
N PRO C 481 -4.80 -22.92 30.02
CA PRO C 481 -3.84 -23.20 28.97
C PRO C 481 -2.42 -22.71 29.27
N PHE C 482 -2.29 -21.76 30.20
CA PHE C 482 -0.96 -21.22 30.58
C PHE C 482 -0.31 -21.92 31.79
N GLU C 483 -0.91 -23.04 32.21
CA GLU C 483 -0.41 -23.89 33.26
C GLU C 483 1.10 -24.12 33.16
N GLY C 484 1.83 -23.85 34.25
CA GLY C 484 3.25 -24.16 34.34
C GLY C 484 4.23 -23.07 33.93
N ILE C 485 3.76 -22.02 33.26
CA ILE C 485 4.68 -20.99 32.76
C ILE C 485 5.08 -20.00 33.85
N GLU C 486 6.31 -19.48 33.76
CA GLU C 486 6.77 -18.41 34.65
C GLU C 486 5.95 -17.14 34.47
N ILE C 487 5.65 -16.50 35.59
CA ILE C 487 4.97 -15.20 35.62
C ILE C 487 5.71 -14.28 36.60
N LYS C 488 6.10 -13.10 36.13
CA LYS C 488 7.08 -12.30 36.87
C LYS C 488 6.50 -11.20 37.78
N ASN C 489 5.19 -11.01 37.69
CA ASN C 489 4.44 -10.20 38.64
C ASN C 489 2.98 -10.64 38.70
N TRP C 490 2.29 -10.21 39.76
CA TRP C 490 0.91 -10.59 40.04
C TRP C 490 0.33 -9.52 40.96
N PRO C 491 -0.98 -9.25 40.86
CA PRO C 491 -1.68 -8.41 41.84
C PRO C 491 -1.39 -8.80 43.29
N ARG C 492 -0.92 -7.84 44.08
CA ARG C 492 -0.71 -8.00 45.50
C ARG C 492 -1.95 -7.57 46.28
N TYR C 493 -2.61 -6.54 45.76
CA TYR C 493 -3.91 -6.11 46.27
C TYR C 493 -4.81 -5.83 45.09
N THR C 494 -6.04 -6.35 45.13
CA THR C 494 -7.08 -5.90 44.22
C THR C 494 -8.17 -5.21 45.05
N ILE C 495 -8.35 -3.92 44.79
CA ILE C 495 -9.33 -3.10 45.49
C ILE C 495 -10.53 -2.87 44.56
N VAL C 496 -11.71 -3.24 45.04
CA VAL C 496 -12.95 -3.06 44.27
C VAL C 496 -13.90 -2.16 45.06
N LYS C 497 -14.24 -1.03 44.46
CA LYS C 497 -15.08 0.00 45.12
C LYS C 497 -14.63 0.34 46.55
N GLY C 498 -13.32 0.59 46.71
CA GLY C 498 -12.74 1.01 48.00
C GLY C 498 -12.53 -0.05 49.05
N LYS C 499 -12.77 -1.31 48.70
CA LYS C 499 -12.62 -2.42 49.62
C LYS C 499 -11.61 -3.42 49.06
N ILE C 500 -10.82 -4.02 49.95
CA ILE C 500 -9.84 -5.03 49.57
C ILE C 500 -10.53 -6.40 49.36
N VAL C 501 -10.50 -6.89 48.13
CA VAL C 501 -11.16 -8.15 47.77
C VAL C 501 -10.16 -9.26 47.47
N TYR C 502 -8.94 -8.87 47.09
CA TYR C 502 -7.83 -9.81 46.94
C TYR C 502 -6.60 -9.27 47.64
N LYS C 503 -6.08 -10.06 48.58
CA LYS C 503 -4.86 -9.71 49.30
C LYS C 503 -3.90 -10.88 49.35
N GLU C 504 -2.77 -10.71 48.65
CA GLU C 504 -1.64 -11.64 48.75
C GLU C 504 -2.02 -13.11 48.62
N GLY C 505 -2.81 -13.41 47.58
CA GLY C 505 -3.19 -14.78 47.24
C GLY C 505 -4.53 -15.20 47.81
N GLU C 506 -5.11 -14.37 48.68
CA GLU C 506 -6.38 -14.67 49.34
C GLU C 506 -7.54 -13.80 48.85
N ILE C 507 -8.66 -14.47 48.55
CA ILE C 507 -9.91 -13.78 48.25
C ILE C 507 -10.61 -13.45 49.57
N LEU C 508 -11.11 -12.23 49.71
CA LEU C 508 -11.88 -11.85 50.90
C LEU C 508 -13.37 -11.73 50.55
N LYS C 509 -14.05 -12.86 50.59
CA LYS C 509 -15.46 -12.96 50.22
C LYS C 509 -16.38 -11.95 50.92
N GLU C 510 -16.06 -11.60 52.16
CA GLU C 510 -16.88 -10.66 52.95
C GLU C 510 -16.89 -9.23 52.39
N ASN C 511 -15.92 -8.93 51.54
CA ASN C 511 -15.83 -7.64 50.86
C ASN C 511 -16.37 -7.67 49.42
N ALA C 512 -16.98 -8.78 49.03
CA ALA C 512 -17.59 -8.90 47.70
C ALA C 512 -18.94 -8.21 47.65
N ASP C 513 -19.04 -7.15 46.86
CA ASP C 513 -20.26 -6.34 46.77
C ASP C 513 -20.54 -5.86 45.32
N GLY C 514 -20.19 -6.69 44.35
CA GLY C 514 -20.39 -6.36 42.93
C GLY C 514 -21.84 -6.21 42.50
N LYS C 515 -22.07 -5.34 41.52
CA LYS C 515 -23.44 -5.08 41.03
C LYS C 515 -23.48 -4.99 39.51
N TYR C 516 -24.67 -5.21 38.95
CA TYR C 516 -24.88 -4.96 37.55
C TYR C 516 -24.67 -3.47 37.23
N LEU C 517 -24.04 -3.21 36.10
CA LEU C 517 -23.67 -1.88 35.70
C LEU C 517 -24.47 -1.36 34.52
N LYS C 518 -25.24 -0.30 34.74
CA LYS C 518 -25.94 0.42 33.67
C LYS C 518 -24.92 1.32 32.96
N ARG C 519 -24.80 1.14 31.65
CA ARG C 519 -23.80 1.87 30.88
C ARG C 519 -24.43 2.99 30.05
N GLY C 520 -23.63 4.01 29.75
CA GLY C 520 -24.08 5.13 28.92
C GLY C 520 -23.72 4.97 27.46
N LYS C 521 -23.93 6.01 26.68
CA LYS C 521 -23.54 6.02 25.28
C LYS C 521 -22.08 6.43 25.20
N SER C 522 -21.31 5.74 24.37
CA SER C 522 -19.88 6.03 24.23
C SER C 522 -19.65 7.28 23.42
N PHE C 523 -18.80 8.18 23.93
CA PHE C 523 -18.44 9.37 23.18
C PHE C 523 -17.56 9.05 21.95
N MET C 524 -17.03 7.83 21.90
CA MET C 524 -16.21 7.37 20.78
C MET C 524 -17.07 6.87 19.60
N CYS C 525 -18.35 6.65 19.86
CA CYS C 525 -19.23 6.03 18.87
C CYS C 525 -20.31 6.94 18.26
N THR C 526 -20.16 8.26 18.45
CA THR C 526 -20.92 9.20 17.64
C THR C 526 -20.42 9.09 16.19
N PRO C 527 -21.30 9.30 15.20
CA PRO C 527 -20.88 9.06 13.83
C PRO C 527 -19.97 10.14 13.27
N LYS C 528 -19.20 9.78 12.25
CA LYS C 528 -18.32 10.70 11.54
C LYS C 528 -19.10 11.70 10.65
N ASN C 529 -20.32 11.35 10.26
CA ASN C 529 -21.10 12.14 9.30
C ASN C 529 -20.46 12.23 7.91
N GLU C 530 -19.97 11.09 7.44
CA GLU C 530 -19.18 11.00 6.22
C GLU C 530 -19.82 9.92 5.38
N TRP C 531 -20.10 10.21 4.11
CA TRP C 531 -20.82 9.26 3.27
C TRP C 531 -20.16 9.03 1.91
N VAL C 532 -20.47 7.88 1.31
CA VAL C 532 -19.94 7.50 0.00
C VAL C 532 -20.75 8.12 -1.14
N THR C 533 -22.05 8.32 -0.94
CA THR C 533 -22.94 8.93 -1.94
C THR C 533 -23.77 10.08 -1.34
N GLU C 534 -24.65 10.64 -2.15
CA GLU C 534 -25.58 11.67 -1.69
C GLU C 534 -26.70 11.14 -0.77
N TRP C 535 -26.87 9.83 -0.66
CA TRP C 535 -27.89 9.27 0.21
C TRP C 535 -27.65 9.57 1.69
N ARG C 536 -28.73 9.85 2.42
CA ARG C 536 -28.74 10.06 3.86
C ARG C 536 -29.92 9.29 4.47
N PRO C 537 -29.76 8.75 5.70
CA PRO C 537 -30.88 8.09 6.38
C PRO C 537 -32.04 9.06 6.61
N LYS C 538 -33.28 8.57 6.53
CA LYS C 538 -34.46 9.42 6.68
C LYS C 538 -34.39 10.40 7.86
N TYR C 539 -33.91 9.93 9.01
CA TYR C 539 -33.98 10.70 10.25
C TYR C 539 -33.00 11.89 10.33
N GLU C 540 -32.10 11.99 9.36
CA GLU C 540 -30.95 12.92 9.40
C GLU C 540 -31.37 14.39 9.38
N PRO D 1 -5.54 -18.29 -60.38
CA PRO D 1 -4.28 -17.93 -59.72
C PRO D 1 -4.15 -18.60 -58.35
N ILE D 2 -2.93 -18.65 -57.83
CA ILE D 2 -2.65 -19.53 -56.71
C ILE D 2 -3.27 -19.11 -55.36
N TYR D 3 -3.48 -17.80 -55.17
CA TYR D 3 -4.13 -17.29 -53.97
C TYR D 3 -5.46 -16.63 -54.29
N ASP D 4 -6.40 -16.73 -53.36
CA ASP D 4 -7.70 -16.02 -53.45
C ASP D 4 -7.57 -14.51 -53.32
N LEU D 5 -6.68 -14.05 -52.44
CA LEU D 5 -6.63 -12.65 -52.05
C LEU D 5 -5.22 -12.22 -51.63
N ILE D 6 -4.78 -11.05 -52.09
CA ILE D 6 -3.51 -10.46 -51.68
C ILE D 6 -3.75 -9.04 -51.15
N ILE D 7 -3.20 -8.74 -49.99
CA ILE D 7 -3.26 -7.39 -49.42
C ILE D 7 -1.91 -6.70 -49.53
N LYS D 8 -1.85 -5.63 -50.32
CA LYS D 8 -0.62 -4.93 -50.69
C LYS D 8 -0.52 -3.54 -50.04
N ASN D 9 0.71 -3.03 -49.91
CA ASN D 9 0.99 -1.66 -49.43
C ASN D 9 0.45 -1.28 -48.05
N GLY D 10 0.23 -2.28 -47.19
CA GLY D 10 -0.31 -2.05 -45.86
C GLY D 10 0.70 -2.19 -44.73
N ILE D 11 0.30 -1.78 -43.52
CA ILE D 11 1.14 -1.87 -42.33
C ILE D 11 0.56 -2.91 -41.34
N ILE D 12 1.25 -4.03 -41.16
CA ILE D 12 0.73 -5.09 -40.30
C ILE D 12 0.95 -4.76 -38.83
N CYS D 13 -0.12 -4.86 -38.04
CA CYS D 13 -0.08 -4.63 -36.60
CA CYS D 13 -0.03 -4.66 -36.61
C CYS D 13 -0.46 -5.90 -35.86
N THR D 14 0.40 -6.37 -34.97
CA THR D 14 0.09 -7.53 -34.12
C THR D 14 0.15 -7.10 -32.66
N ALA D 15 0.02 -8.05 -31.74
CA ALA D 15 0.12 -7.75 -30.31
C ALA D 15 1.54 -7.33 -29.89
N SER D 16 2.53 -7.56 -30.74
CA SER D 16 3.92 -7.22 -30.38
C SER D 16 4.79 -6.58 -31.47
N ASP D 17 4.23 -6.34 -32.66
CA ASP D 17 4.99 -5.82 -33.81
C ASP D 17 4.18 -4.91 -34.71
N ILE D 18 4.84 -3.89 -35.26
CA ILE D 18 4.26 -3.02 -36.28
C ILE D 18 5.27 -2.95 -37.43
N TYR D 19 4.85 -3.28 -38.65
CA TYR D 19 5.76 -3.29 -39.81
C TYR D 19 5.04 -3.36 -41.16
N ALA D 20 5.71 -2.83 -42.18
CA ALA D 20 5.20 -2.86 -43.54
C ALA D 20 5.52 -4.19 -44.20
N ALA D 21 4.47 -4.92 -44.57
CA ALA D 21 4.60 -6.20 -45.25
C ALA D 21 3.29 -6.52 -45.97
N GLU D 22 3.33 -7.54 -46.84
CA GLU D 22 2.15 -7.94 -47.60
C GLU D 22 1.66 -9.35 -47.24
N ILE D 23 0.36 -9.58 -47.41
CA ILE D 23 -0.29 -10.82 -46.98
C ILE D 23 -0.98 -11.54 -48.14
N ALA D 24 -0.74 -12.83 -48.27
CA ALA D 24 -1.50 -13.69 -49.20
C ALA D 24 -2.46 -14.60 -48.43
N VAL D 25 -3.66 -14.76 -48.99
CA VAL D 25 -4.71 -15.55 -48.36
C VAL D 25 -5.26 -16.56 -49.35
N ASN D 26 -5.50 -17.77 -48.85
CA ASN D 26 -6.05 -18.84 -49.64
C ASN D 26 -6.81 -19.83 -48.77
N ASN D 27 -7.94 -20.33 -49.28
CA ASN D 27 -8.73 -21.35 -48.60
C ASN D 27 -9.12 -20.97 -47.18
N GLY D 28 -9.45 -19.70 -46.98
CA GLY D 28 -9.91 -19.21 -45.68
C GLY D 28 -8.83 -18.88 -44.67
N LYS D 29 -7.57 -19.01 -45.07
CA LYS D 29 -6.45 -18.84 -44.13
C LYS D 29 -5.32 -17.93 -44.62
N VAL D 30 -4.60 -17.34 -43.67
CA VAL D 30 -3.37 -16.62 -43.95
C VAL D 30 -2.39 -17.65 -44.52
N GLN D 31 -1.77 -17.35 -45.66
CA GLN D 31 -0.88 -18.33 -46.29
C GLN D 31 0.59 -17.91 -46.25
N LEU D 32 0.82 -16.60 -46.25
CA LEU D 32 2.14 -16.06 -46.53
C LEU D 32 2.25 -14.62 -46.05
N ILE D 33 3.38 -14.27 -45.46
CA ILE D 33 3.77 -12.87 -45.24
C ILE D 33 5.11 -12.68 -45.94
N ALA D 34 5.21 -11.63 -46.78
CA ALA D 34 6.44 -11.28 -47.50
C ALA D 34 6.47 -9.78 -47.81
N ALA D 35 7.66 -9.25 -48.15
CA ALA D 35 7.81 -7.82 -48.48
C ALA D 35 6.91 -7.39 -49.64
N SER D 36 6.89 -8.22 -50.70
CA SER D 36 6.20 -7.88 -51.94
C SER D 36 5.71 -9.15 -52.66
N ILE D 37 4.40 -9.23 -52.91
CA ILE D 37 3.82 -10.38 -53.59
C ILE D 37 3.27 -10.01 -54.97
N ASP D 38 3.71 -10.72 -56.00
CA ASP D 38 3.29 -10.51 -57.39
C ASP D 38 1.76 -10.48 -57.49
N PRO D 39 1.17 -9.33 -57.91
CA PRO D 39 -0.29 -9.24 -57.99
C PRO D 39 -0.97 -10.26 -58.93
N SER D 40 -0.25 -10.78 -59.92
CA SER D 40 -0.82 -11.78 -60.84
C SER D 40 -1.03 -13.16 -60.18
N LEU D 41 -0.55 -13.30 -58.94
CA LEU D 41 -0.72 -14.56 -58.21
C LEU D 41 -2.01 -14.61 -57.40
N GLY D 42 -2.74 -13.50 -57.36
CA GLY D 42 -3.99 -13.43 -56.62
C GLY D 42 -5.21 -13.18 -57.49
N SER D 43 -6.34 -13.79 -57.13
CA SER D 43 -7.61 -13.59 -57.83
C SER D 43 -8.15 -12.20 -57.56
N GLU D 44 -7.89 -11.71 -56.34
CA GLU D 44 -8.30 -10.38 -55.91
C GLU D 44 -7.15 -9.70 -55.17
N VAL D 45 -6.95 -8.42 -55.49
CA VAL D 45 -5.88 -7.63 -54.90
C VAL D 45 -6.46 -6.38 -54.25
N ILE D 46 -6.13 -6.18 -52.97
CA ILE D 46 -6.53 -4.99 -52.22
C ILE D 46 -5.32 -4.11 -51.92
N ASP D 47 -5.36 -2.87 -52.40
CA ASP D 47 -4.35 -1.88 -52.08
C ASP D 47 -4.75 -1.14 -50.79
N ALA D 48 -4.01 -1.39 -49.71
CA ALA D 48 -4.28 -0.80 -48.40
C ALA D 48 -3.88 0.67 -48.26
N GLU D 49 -3.12 1.18 -49.23
CA GLU D 49 -2.72 2.60 -49.28
C GLU D 49 -2.05 3.11 -48.00
N GLY D 50 -1.20 2.28 -47.40
CA GLY D 50 -0.43 2.66 -46.22
C GLY D 50 -1.14 2.52 -44.89
N ALA D 51 -2.40 2.08 -44.91
CA ALA D 51 -3.18 1.95 -43.69
C ALA D 51 -2.74 0.74 -42.86
N PHE D 52 -3.11 0.76 -41.57
CA PHE D 52 -2.89 -0.37 -40.70
C PHE D 52 -3.76 -1.58 -41.08
N ILE D 53 -3.18 -2.78 -40.97
CA ILE D 53 -3.92 -4.03 -41.05
C ILE D 53 -3.87 -4.66 -39.65
N THR D 54 -5.05 -4.90 -39.07
CA THR D 54 -5.10 -5.60 -37.76
C THR D 54 -5.76 -6.96 -37.90
N PRO D 55 -5.52 -7.87 -36.93
CA PRO D 55 -6.38 -9.06 -36.89
C PRO D 55 -7.80 -8.58 -36.66
N GLY D 56 -8.78 -9.40 -37.00
CA GLY D 56 -10.16 -9.08 -36.66
C GLY D 56 -10.33 -9.01 -35.15
N GLY D 57 -11.24 -8.16 -34.70
CA GLY D 57 -11.54 -8.02 -33.28
C GLY D 57 -12.26 -9.24 -32.75
N ILE D 58 -12.02 -9.57 -31.48
CA ILE D 58 -12.69 -10.67 -30.84
C ILE D 58 -13.36 -10.16 -29.57
N ASP D 59 -14.68 -10.13 -29.60
CA ASP D 59 -15.51 -9.60 -28.51
C ASP D 59 -16.10 -10.79 -27.75
N ALA D 60 -15.53 -11.07 -26.58
CA ALA D 60 -15.91 -12.23 -25.79
C ALA D 60 -17.01 -11.93 -24.76
N HIS D 61 -17.68 -10.79 -24.93
CA HIS D 61 -18.77 -10.42 -24.03
C HIS D 61 -19.93 -9.79 -24.80
N VAL D 62 -20.68 -10.65 -25.50
CA VAL D 62 -21.82 -10.24 -26.31
C VAL D 62 -23.08 -10.94 -25.82
N HIS D 63 -24.19 -10.22 -25.73
CA HIS D 63 -25.48 -10.83 -25.40
C HIS D 63 -26.43 -10.78 -26.60
N VAL D 64 -26.93 -11.95 -26.95
CA VAL D 64 -27.86 -12.10 -28.07
C VAL D 64 -29.15 -12.74 -27.56
N ASP D 65 -30.25 -12.55 -28.29
CA ASP D 65 -31.50 -13.19 -27.93
C ASP D 65 -31.33 -14.71 -27.92
N GLU D 66 -31.71 -15.33 -26.81
CA GLU D 66 -31.63 -16.79 -26.64
C GLU D 66 -32.94 -17.35 -26.08
N PRO D 67 -33.24 -18.65 -26.34
CA PRO D 67 -34.57 -19.21 -26.10
C PRO D 67 -35.02 -19.20 -24.63
N LEU D 68 -34.10 -19.20 -23.68
CA LEU D 68 -34.49 -19.19 -22.28
C LEU D 68 -34.78 -17.79 -21.72
N LYS D 69 -34.45 -16.77 -22.50
CA LYS D 69 -34.81 -15.36 -22.19
C LYS D 69 -34.36 -14.91 -20.79
N LEU D 70 -33.12 -15.23 -20.46
CA LEU D 70 -32.50 -14.86 -19.20
C LEU D 70 -32.55 -13.34 -18.98
N LEU D 71 -32.21 -12.58 -20.01
CA LEU D 71 -32.24 -11.12 -19.95
C LEU D 71 -33.52 -10.54 -20.59
N GLY D 72 -34.60 -11.28 -20.50
CA GLY D 72 -35.82 -10.96 -21.25
C GLY D 72 -35.54 -11.06 -22.74
N ASP D 73 -36.44 -10.51 -23.55
CA ASP D 73 -36.22 -10.46 -25.01
C ASP D 73 -35.20 -9.38 -25.36
N VAL D 74 -34.22 -9.76 -26.17
CA VAL D 74 -33.16 -8.86 -26.65
C VAL D 74 -33.37 -8.63 -28.15
N VAL D 75 -33.16 -7.40 -28.64
CA VAL D 75 -33.45 -7.12 -30.08
C VAL D 75 -32.55 -7.80 -31.10
N ASP D 76 -31.28 -8.04 -30.75
CA ASP D 76 -30.33 -8.66 -31.67
C ASP D 76 -30.32 -10.20 -31.60
N THR D 77 -30.48 -10.81 -32.76
CA THR D 77 -30.20 -12.24 -32.96
C THR D 77 -28.71 -12.37 -33.21
N MET D 78 -28.22 -13.61 -33.31
CA MET D 78 -26.84 -13.86 -33.69
C MET D 78 -26.57 -13.32 -35.10
N GLU D 79 -27.56 -13.42 -35.98
CA GLU D 79 -27.50 -12.81 -37.30
C GLU D 79 -27.21 -11.32 -37.20
N HIS D 80 -28.02 -10.59 -36.41
CA HIS D 80 -27.87 -9.14 -36.26
C HIS D 80 -26.56 -8.73 -35.61
N ALA D 81 -26.17 -9.44 -34.56
CA ALA D 81 -24.97 -9.11 -33.77
C ALA D 81 -23.69 -9.32 -34.59
N THR D 82 -23.62 -10.42 -35.34
CA THR D 82 -22.48 -10.71 -36.20
C THR D 82 -22.39 -9.74 -37.40
N ARG D 83 -23.53 -9.37 -37.97
CA ARG D 83 -23.55 -8.31 -38.98
C ARG D 83 -22.99 -6.99 -38.42
N SER D 84 -23.43 -6.63 -37.22
CA SER D 84 -23.00 -5.41 -36.55
C SER D 84 -21.51 -5.47 -36.20
N ALA D 85 -21.10 -6.63 -35.70
CA ALA D 85 -19.71 -6.90 -35.37
C ALA D 85 -18.81 -6.65 -36.58
N VAL D 86 -19.12 -7.30 -37.69
CA VAL D 86 -18.34 -7.20 -38.93
C VAL D 86 -18.28 -5.77 -39.49
N ALA D 87 -19.40 -5.04 -39.42
CA ALA D 87 -19.45 -3.62 -39.78
C ALA D 87 -18.52 -2.75 -38.95
N GLY D 88 -18.13 -3.25 -37.77
CA GLY D 88 -17.26 -2.52 -36.87
C GLY D 88 -15.89 -3.15 -36.67
N GLY D 89 -15.53 -4.11 -37.54
CA GLY D 89 -14.21 -4.71 -37.50
C GLY D 89 -13.99 -5.89 -36.56
N THR D 90 -15.08 -6.43 -36.01
CA THR D 90 -15.03 -7.57 -35.10
C THR D 90 -15.40 -8.85 -35.87
N THR D 91 -14.54 -9.88 -35.81
CA THR D 91 -14.69 -11.06 -36.65
C THR D 91 -14.98 -12.37 -35.89
N THR D 92 -14.94 -12.30 -34.56
CA THR D 92 -15.41 -13.39 -33.71
C THR D 92 -16.13 -12.80 -32.49
N VAL D 93 -17.31 -13.34 -32.20
CA VAL D 93 -18.03 -12.99 -30.97
C VAL D 93 -18.22 -14.25 -30.09
N VAL D 94 -18.22 -14.05 -28.78
CA VAL D 94 -18.58 -15.12 -27.86
C VAL D 94 -19.78 -14.64 -27.05
N ALA D 95 -20.89 -15.36 -27.17
CA ALA D 95 -22.12 -15.07 -26.42
C ALA D 95 -22.27 -16.03 -25.24
N PHE D 96 -23.49 -16.15 -24.73
CA PHE D 96 -23.73 -16.88 -23.48
C PHE D 96 -24.86 -17.88 -23.58
N SER D 97 -24.60 -19.09 -23.09
CA SER D 97 -25.63 -20.12 -22.97
C SER D 97 -26.21 -20.17 -21.55
N THR D 98 -27.53 -20.04 -21.44
CA THR D 98 -28.22 -20.06 -20.15
C THR D 98 -28.44 -21.49 -19.67
N GLN D 99 -27.92 -21.79 -18.47
CA GLN D 99 -28.17 -23.08 -17.84
C GLN D 99 -29.67 -23.33 -17.81
N ASP D 100 -30.07 -24.49 -18.31
CA ASP D 100 -31.48 -24.88 -18.39
C ASP D 100 -31.83 -25.83 -17.23
N VAL D 101 -32.43 -25.28 -16.18
CA VAL D 101 -32.69 -26.00 -14.93
C VAL D 101 -33.70 -27.15 -15.07
N SER D 102 -34.34 -27.22 -16.25
CA SER D 102 -35.25 -28.32 -16.57
C SER D 102 -34.52 -29.60 -16.99
N LYS D 103 -33.30 -29.48 -17.51
CA LYS D 103 -32.52 -30.67 -17.86
C LYS D 103 -31.69 -31.13 -16.66
N LYS D 104 -31.71 -32.44 -16.41
CA LYS D 104 -30.96 -33.05 -15.30
C LYS D 104 -29.95 -34.09 -15.81
N GLY D 105 -29.08 -34.56 -14.91
CA GLY D 105 -28.12 -35.63 -15.23
C GLY D 105 -26.84 -35.13 -15.89
N PRO D 106 -25.99 -36.06 -16.37
CA PRO D 106 -24.68 -35.79 -16.97
C PRO D 106 -24.69 -34.84 -18.18
N SER D 107 -25.75 -34.88 -18.99
CA SER D 107 -25.81 -34.07 -20.20
C SER D 107 -26.49 -32.68 -20.03
N ALA D 108 -26.89 -32.35 -18.81
CA ALA D 108 -27.69 -31.14 -18.52
C ALA D 108 -27.11 -29.82 -19.05
N LEU D 109 -25.79 -29.66 -18.96
CA LEU D 109 -25.16 -28.43 -19.41
C LEU D 109 -24.85 -28.44 -20.92
N ALA D 110 -24.50 -29.60 -21.46
CA ALA D 110 -24.36 -29.77 -22.91
C ALA D 110 -25.68 -29.50 -23.64
N GLU D 111 -26.77 -30.01 -23.08
CA GLU D 111 -28.12 -29.72 -23.58
C GLU D 111 -28.49 -28.22 -23.56
N SER D 112 -27.90 -27.46 -22.63
CA SER D 112 -28.14 -26.02 -22.55
C SER D 112 -27.49 -25.30 -23.73
N VAL D 113 -26.31 -25.76 -24.12
CA VAL D 113 -25.58 -25.20 -25.25
C VAL D 113 -26.30 -25.55 -26.55
N LYS D 114 -26.81 -26.78 -26.63
CA LYS D 114 -27.49 -27.28 -27.82
C LYS D 114 -28.66 -26.38 -28.24
N LEU D 115 -29.39 -25.83 -27.27
CA LEU D 115 -30.52 -24.93 -27.53
C LEU D 115 -30.06 -23.74 -28.37
N ASP D 116 -28.92 -23.18 -28.01
CA ASP D 116 -28.39 -22.02 -28.70
C ASP D 116 -27.87 -22.37 -30.08
N VAL D 117 -27.00 -23.36 -30.15
CA VAL D 117 -26.42 -23.83 -31.42
C VAL D 117 -27.48 -24.13 -32.46
N ASP D 118 -28.49 -24.90 -32.07
CA ASP D 118 -29.57 -25.27 -32.98
C ASP D 118 -30.38 -24.09 -33.47
N GLU D 119 -30.65 -23.14 -32.58
CA GLU D 119 -31.34 -21.90 -32.95
C GLU D 119 -30.54 -21.04 -33.96
N TYR D 120 -29.23 -20.91 -33.76
CA TYR D 120 -28.42 -20.03 -34.60
C TYR D 120 -28.01 -20.69 -35.92
N SER D 121 -28.18 -22.01 -35.99
CA SER D 121 -27.85 -22.80 -37.20
C SER D 121 -28.66 -22.41 -38.42
N GLU D 122 -29.82 -21.81 -38.17
CA GLU D 122 -30.74 -21.41 -39.24
C GLU D 122 -30.58 -19.94 -39.66
N GLN D 123 -29.87 -19.16 -38.88
CA GLN D 123 -29.67 -17.75 -39.19
C GLN D 123 -28.48 -17.55 -40.12
N THR D 124 -28.45 -16.41 -40.82
CA THR D 124 -27.28 -16.06 -41.61
C THR D 124 -26.25 -15.47 -40.67
N LEU D 125 -25.07 -16.07 -40.64
CA LEU D 125 -24.01 -15.62 -39.74
C LEU D 125 -22.86 -14.99 -40.51
N TYR D 126 -22.54 -13.75 -40.17
CA TYR D 126 -21.56 -12.97 -40.91
C TYR D 126 -20.13 -13.28 -40.46
N CYS D 127 -20.00 -13.84 -39.26
CA CYS D 127 -18.70 -14.27 -38.73
C CYS D 127 -18.90 -15.42 -37.74
N ASP D 128 -17.80 -16.05 -37.31
CA ASP D 128 -17.87 -17.15 -36.34
C ASP D 128 -18.24 -16.69 -34.93
N TYR D 129 -18.84 -17.59 -34.17
CA TYR D 129 -19.24 -17.31 -32.79
C TYR D 129 -18.98 -18.51 -31.87
N GLY D 130 -18.66 -18.21 -30.62
CA GLY D 130 -18.56 -19.21 -29.56
C GLY D 130 -19.54 -18.91 -28.43
N LEU D 131 -19.56 -19.78 -27.42
CA LEU D 131 -20.48 -19.64 -26.29
C LEU D 131 -19.84 -19.88 -24.93
N HIS D 132 -20.08 -18.96 -23.99
CA HIS D 132 -19.80 -19.19 -22.57
C HIS D 132 -21.02 -19.86 -21.95
N LEU D 133 -20.82 -20.57 -20.85
CA LEU D 133 -21.96 -21.13 -20.10
C LEU D 133 -22.20 -20.32 -18.83
N ILE D 134 -23.46 -19.96 -18.58
CA ILE D 134 -23.86 -19.25 -17.37
C ILE D 134 -24.42 -20.24 -16.35
N LEU D 135 -23.89 -20.17 -15.12
CA LEU D 135 -24.32 -21.03 -14.02
C LEU D 135 -24.93 -20.23 -12.87
N PHE D 136 -26.15 -20.61 -12.47
CA PHE D 136 -26.84 -19.94 -11.36
C PHE D 136 -27.53 -20.91 -10.38
N GLN D 137 -27.52 -22.20 -10.70
CA GLN D 137 -28.05 -23.23 -9.82
C GLN D 137 -26.98 -24.28 -9.55
N ILE D 138 -26.43 -24.29 -8.33
CA ILE D 138 -25.42 -25.27 -7.95
C ILE D 138 -25.98 -26.17 -6.85
N GLU D 139 -25.77 -27.47 -6.99
CA GLU D 139 -26.27 -28.48 -6.05
C GLU D 139 -25.57 -28.39 -4.69
N LYS D 140 -26.29 -28.75 -3.63
CA LYS D 140 -25.76 -28.75 -2.25
C LYS D 140 -25.95 -30.13 -1.65
N PRO D 141 -25.06 -30.56 -0.72
CA PRO D 141 -23.81 -29.94 -0.27
C PRO D 141 -22.69 -30.20 -1.28
N SER D 142 -21.55 -29.55 -1.04
CA SER D 142 -20.43 -29.46 -2.00
C SER D 142 -19.84 -30.78 -2.52
N VAL D 143 -19.64 -31.73 -1.62
CA VAL D 143 -18.94 -32.99 -1.92
C VAL D 143 -19.62 -33.81 -3.05
N GLU D 144 -20.93 -33.68 -3.20
CA GLU D 144 -21.62 -34.22 -4.37
C GLU D 144 -21.74 -33.17 -5.47
N ALA D 145 -22.09 -31.95 -5.08
CA ALA D 145 -22.19 -30.79 -5.98
C ALA D 145 -20.97 -30.60 -6.89
N ARG D 146 -19.79 -30.92 -6.39
CA ARG D 146 -18.55 -30.79 -7.16
C ARG D 146 -18.30 -31.96 -8.14
N GLU D 147 -18.92 -33.11 -7.88
CA GLU D 147 -18.68 -34.34 -8.65
C GLU D 147 -19.56 -34.55 -9.88
N LEU D 148 -20.88 -34.37 -9.73
CA LEU D 148 -21.78 -34.44 -10.91
C LEU D 148 -21.50 -33.25 -11.82
N LEU D 149 -21.24 -32.11 -11.21
CA LEU D 149 -20.84 -30.91 -11.93
C LEU D 149 -19.63 -31.19 -12.82
N ASP D 150 -18.66 -31.90 -12.24
CA ASP D 150 -17.45 -32.33 -12.94
C ASP D 150 -17.81 -33.07 -14.24
N VAL D 151 -18.66 -34.09 -14.16
CA VAL D 151 -19.03 -34.83 -15.36
C VAL D 151 -19.84 -33.99 -16.33
N GLN D 152 -20.67 -33.10 -15.82
CA GLN D 152 -21.43 -32.15 -16.65
C GLN D 152 -20.55 -31.18 -17.45
N LEU D 153 -19.47 -30.70 -16.84
CA LEU D 153 -18.54 -29.81 -17.53
C LEU D 153 -17.79 -30.54 -18.63
N GLN D 154 -17.44 -31.80 -18.35
CA GLN D 154 -16.76 -32.67 -19.31
C GLN D 154 -17.62 -32.82 -20.56
N ALA D 155 -18.90 -33.09 -20.34
CA ALA D 155 -19.84 -33.33 -21.43
C ALA D 155 -20.04 -32.08 -22.26
N ALA D 156 -20.06 -30.92 -21.62
CA ALA D 156 -20.22 -29.66 -22.34
C ALA D 156 -19.00 -29.36 -23.20
N TYR D 157 -17.81 -29.68 -22.67
CA TYR D 157 -16.55 -29.54 -23.43
C TYR D 157 -16.42 -30.58 -24.55
N ASN D 158 -16.69 -31.85 -24.23
CA ASN D 158 -16.53 -32.94 -25.23
C ASN D 158 -17.45 -32.76 -26.43
N ASP D 159 -18.68 -32.30 -26.17
CA ASP D 159 -19.70 -32.24 -27.20
C ASP D 159 -19.76 -30.92 -27.96
N TYR D 160 -19.46 -29.81 -27.28
CA TYR D 160 -19.67 -28.48 -27.87
C TYR D 160 -18.50 -27.52 -27.77
N GLY D 161 -17.37 -27.98 -27.24
CA GLY D 161 -16.16 -27.17 -27.12
C GLY D 161 -16.34 -25.92 -26.26
N VAL D 162 -17.22 -26.00 -25.27
CA VAL D 162 -17.37 -24.93 -24.28
C VAL D 162 -16.37 -25.15 -23.15
N SER D 163 -15.55 -24.14 -22.88
CA SER D 163 -14.51 -24.24 -21.84
C SER D 163 -14.49 -23.01 -20.92
N SER D 164 -15.61 -22.30 -20.86
CA SER D 164 -15.71 -21.16 -19.96
C SER D 164 -17.05 -21.16 -19.22
N VAL D 165 -17.00 -20.73 -17.96
CA VAL D 165 -18.17 -20.69 -17.10
C VAL D 165 -18.30 -19.33 -16.42
N MET D 167 -20.38 -16.78 -13.70
CA MET D 167 -21.22 -16.68 -12.51
C MET D 167 -21.38 -15.24 -12.00
N PHE D 168 -22.44 -15.01 -11.23
CA PHE D 168 -22.83 -13.66 -10.78
C PHE D 168 -22.83 -13.56 -9.24
N MET D 169 -22.33 -12.44 -8.71
CA MET D 169 -22.35 -12.19 -7.27
C MET D 169 -23.47 -11.22 -6.90
N THR D 170 -24.24 -10.78 -7.91
CA THR D 170 -25.39 -9.87 -7.76
C THR D 170 -26.53 -10.30 -8.70
N TYR D 171 -27.64 -9.54 -8.73
CA TYR D 171 -28.86 -9.86 -9.50
C TYR D 171 -29.70 -10.96 -8.85
N PRO D 172 -30.97 -10.65 -8.50
CA PRO D 172 -31.87 -11.70 -7.97
C PRO D 172 -32.14 -12.74 -9.05
N GLY D 173 -32.02 -14.02 -8.70
CA GLY D 173 -32.16 -15.11 -9.66
C GLY D 173 -30.83 -15.58 -10.23
N LEU D 174 -29.81 -14.74 -10.18
CA LEU D 174 -28.47 -15.10 -10.66
C LEU D 174 -27.40 -15.13 -9.56
N GLN D 175 -27.52 -14.26 -8.56
CA GLN D 175 -26.55 -14.23 -7.46
C GLN D 175 -26.42 -15.58 -6.77
N ILE D 176 -25.18 -16.06 -6.66
CA ILE D 176 -24.89 -17.29 -5.92
C ILE D 176 -23.96 -17.00 -4.75
N SER D 177 -24.13 -17.78 -3.67
CA SER D 177 -23.33 -17.64 -2.45
C SER D 177 -21.84 -17.94 -2.67
N ASP D 178 -21.02 -17.54 -1.72
CA ASP D 178 -19.59 -17.86 -1.74
C ASP D 178 -19.36 -19.36 -1.73
N TYR D 179 -20.17 -20.08 -0.93
CA TYR D 179 -20.08 -21.52 -0.82
C TYR D 179 -20.23 -22.16 -2.20
N ASP D 180 -21.26 -21.77 -2.94
CA ASP D 180 -21.51 -22.31 -4.28
C ASP D 180 -20.41 -21.98 -5.29
N ILE D 181 -19.85 -20.79 -5.19
CA ILE D 181 -18.76 -20.38 -6.04
C ILE D 181 -17.56 -21.33 -5.86
N MET D 182 -17.22 -21.62 -4.60
CA MET D 182 -16.14 -22.57 -4.28
C MET D 182 -16.40 -23.96 -4.90
N SER D 183 -17.64 -24.45 -4.81
CA SER D 183 -18.02 -25.72 -5.45
C SER D 183 -17.76 -25.70 -6.96
N ALA D 184 -18.15 -24.59 -7.59
CA ALA D 184 -17.93 -24.41 -9.03
C ALA D 184 -16.44 -24.31 -9.38
N MET D 185 -15.69 -23.54 -8.58
CA MET D 185 -14.25 -23.39 -8.75
C MET D 185 -13.54 -24.74 -8.66
N TYR D 186 -14.04 -25.62 -7.79
CA TYR D 186 -13.48 -26.95 -7.64
C TYR D 186 -13.56 -27.70 -8.97
N ALA D 187 -14.75 -27.65 -9.59
CA ALA D 187 -14.97 -28.34 -10.86
C ALA D 187 -14.21 -27.71 -12.02
N THR D 188 -14.22 -26.37 -12.10
CA THR D 188 -13.60 -25.68 -13.23
C THR D 188 -12.08 -25.83 -13.26
N ARG D 189 -11.44 -25.67 -12.11
CA ARG D 189 -9.98 -25.88 -12.00
C ARG D 189 -9.61 -27.28 -12.49
N LYS D 190 -10.32 -28.29 -11.99
CA LYS D 190 -10.10 -29.69 -12.36
C LYS D 190 -10.20 -29.93 -13.88
N ASN D 191 -11.06 -29.16 -14.55
CA ASN D 191 -11.27 -29.30 -15.99
C ASN D 191 -10.57 -28.24 -16.84
N GLY D 192 -9.76 -27.39 -16.20
CA GLY D 192 -9.03 -26.36 -16.90
C GLY D 192 -9.90 -25.34 -17.63
N PHE D 193 -11.09 -25.09 -17.08
CA PHE D 193 -12.03 -24.11 -17.65
C PHE D 193 -11.59 -22.68 -17.35
N THR D 194 -12.18 -21.72 -18.03
CA THR D 194 -11.95 -20.33 -17.72
C THR D 194 -13.11 -19.90 -16.84
N THR D 195 -12.81 -19.47 -15.61
CA THR D 195 -13.84 -19.07 -14.67
C THR D 195 -14.04 -17.55 -14.67
N MET D 196 -15.29 -17.12 -14.90
CA MET D 196 -15.64 -15.70 -15.05
C MET D 196 -16.57 -15.28 -13.93
N LEU D 197 -16.37 -14.06 -13.41
CA LEU D 197 -17.25 -13.52 -12.37
C LEU D 197 -17.69 -12.08 -12.63
N HIS D 198 -18.99 -11.85 -12.43
CA HIS D 198 -19.52 -10.49 -12.25
C HIS D 198 -19.48 -10.18 -10.75
N ALA D 199 -18.56 -9.29 -10.36
CA ALA D 199 -18.31 -9.05 -8.94
C ALA D 199 -18.88 -7.72 -8.41
N GLU D 200 -20.17 -7.74 -8.05
CA GLU D 200 -20.79 -6.67 -7.25
C GLU D 200 -21.45 -7.34 -6.06
N ASN D 201 -21.43 -6.69 -4.90
CA ASN D 201 -22.10 -7.24 -3.71
C ASN D 201 -23.62 -7.09 -3.82
N GLY D 202 -24.27 -8.20 -4.13
CA GLY D 202 -25.72 -8.26 -4.33
C GLY D 202 -26.56 -7.80 -3.16
N ASP D 203 -26.11 -8.12 -1.95
CA ASP D 203 -26.79 -7.72 -0.71
C ASP D 203 -26.79 -6.21 -0.51
N MET D 204 -25.64 -5.58 -0.74
CA MET D 204 -25.53 -4.14 -0.64
C MET D 204 -26.38 -3.40 -1.68
N VAL D 205 -26.37 -3.92 -2.91
CA VAL D 205 -27.19 -3.38 -4.01
C VAL D 205 -28.68 -3.44 -3.66
N LYS D 206 -29.14 -4.61 -3.24
CA LYS D 206 -30.52 -4.84 -2.85
C LYS D 206 -30.98 -3.89 -1.72
N TRP D 207 -30.17 -3.79 -0.66
CA TRP D 207 -30.50 -2.95 0.49
C TRP D 207 -30.61 -1.49 0.10
N MET D 208 -29.63 -1.00 -0.64
CA MET D 208 -29.58 0.42 -1.03
C MET D 208 -30.70 0.79 -2.03
N ILE D 209 -31.07 -0.12 -2.92
CA ILE D 209 -32.21 0.12 -3.84
C ILE D 209 -33.49 0.35 -3.04
N GLU D 210 -33.70 -0.47 -2.02
CA GLU D 210 -34.87 -0.37 -1.16
C GLU D 210 -34.89 0.93 -0.34
N ALA D 211 -33.70 1.36 0.10
CA ALA D 211 -33.57 2.62 0.85
C ALA D 211 -33.91 3.82 -0.02
N LEU D 212 -33.49 3.77 -1.28
CA LEU D 212 -33.74 4.84 -2.25
C LEU D 212 -35.20 4.94 -2.68
N GLU D 213 -35.82 3.79 -2.93
CA GLU D 213 -37.24 3.73 -3.27
C GLU D 213 -38.13 4.24 -2.13
N GLU D 214 -37.74 3.95 -0.89
CA GLU D 214 -38.42 4.46 0.30
C GLU D 214 -38.47 5.99 0.35
N GLN D 215 -37.44 6.64 -0.19
CA GLN D 215 -37.39 8.10 -0.28
C GLN D 215 -37.93 8.64 -1.62
N GLY D 216 -38.40 7.73 -2.47
CA GLY D 216 -38.97 8.09 -3.77
C GLY D 216 -37.94 8.45 -4.83
N LEU D 217 -36.68 8.07 -4.61
CA LEU D 217 -35.61 8.40 -5.53
C LEU D 217 -35.45 7.28 -6.58
N THR D 218 -36.28 7.34 -7.62
CA THR D 218 -36.43 6.23 -8.55
C THR D 218 -35.99 6.51 -9.99
N ASP D 219 -35.60 7.74 -10.28
CA ASP D 219 -35.12 8.12 -11.61
C ASP D 219 -33.86 7.36 -12.03
N ALA D 220 -33.67 7.23 -13.35
CA ALA D 220 -32.55 6.49 -13.93
C ALA D 220 -31.21 6.77 -13.26
N TYR D 221 -30.97 8.02 -12.89
CA TYR D 221 -29.70 8.45 -12.29
C TYR D 221 -29.38 7.73 -10.97
N TYR D 222 -30.41 7.36 -10.20
CA TYR D 222 -30.20 6.68 -8.92
C TYR D 222 -29.79 5.22 -9.03
N HIS D 223 -29.72 4.71 -10.26
CA HIS D 223 -29.13 3.39 -10.53
C HIS D 223 -27.66 3.37 -10.08
N GLY D 224 -26.91 4.40 -10.48
CA GLY D 224 -25.54 4.58 -10.04
C GLY D 224 -25.39 4.75 -8.53
N VAL D 225 -26.26 5.59 -7.94
CA VAL D 225 -26.23 5.88 -6.51
C VAL D 225 -26.47 4.62 -5.66
N SER D 226 -27.27 3.69 -6.18
CA SER D 226 -27.62 2.46 -5.50
C SER D 226 -26.45 1.48 -5.29
N ARG D 227 -25.39 1.66 -6.06
CA ARG D 227 -24.28 0.71 -6.10
C ARG D 227 -22.92 1.36 -6.44
N PRO D 228 -22.41 2.24 -5.54
CA PRO D 228 -21.16 2.97 -5.80
C PRO D 228 -19.95 2.02 -5.91
N SER D 229 -18.81 2.54 -6.37
CA SER D 229 -17.65 1.69 -6.72
C SER D 229 -17.09 0.80 -5.60
N ILE D 230 -17.27 1.23 -4.34
CA ILE D 230 -16.89 0.45 -3.16
C ILE D 230 -17.60 -0.92 -3.08
N VAL D 231 -18.77 -1.03 -3.71
CA VAL D 231 -19.56 -2.26 -3.76
C VAL D 231 -18.93 -3.28 -4.72
N GLU D 232 -18.50 -2.81 -5.89
CA GLU D 232 -17.76 -3.66 -6.84
C GLU D 232 -16.37 -4.03 -6.28
N GLY D 233 -15.73 -3.07 -5.61
CA GLY D 233 -14.44 -3.32 -4.96
C GLY D 233 -14.47 -4.42 -3.91
N GLU D 234 -15.44 -4.34 -2.98
CA GLU D 234 -15.61 -5.37 -1.95
C GLU D 234 -15.74 -6.77 -2.56
N ALA D 235 -16.69 -6.95 -3.48
CA ALA D 235 -17.00 -8.25 -4.07
C ALA D 235 -15.83 -8.83 -4.86
N THR D 236 -15.12 -7.95 -5.56
CA THR D 236 -13.94 -8.34 -6.31
C THR D 236 -12.84 -8.83 -5.37
N ASN D 237 -12.67 -8.16 -4.23
CA ASN D 237 -11.76 -8.61 -3.17
C ASN D 237 -12.17 -9.97 -2.59
N ARG D 238 -13.46 -10.15 -2.35
CA ARG D 238 -14.01 -11.42 -1.83
C ARG D 238 -13.77 -12.57 -2.82
N ALA D 239 -14.01 -12.29 -4.10
CA ALA D 239 -13.86 -13.28 -5.17
C ALA D 239 -12.40 -13.70 -5.41
N ILE D 240 -11.47 -12.73 -5.35
CA ILE D 240 -10.03 -13.02 -5.36
C ILE D 240 -9.68 -13.96 -4.19
N THR D 241 -10.14 -13.64 -2.98
CA THR D 241 -9.92 -14.48 -1.79
C THR D 241 -10.36 -15.93 -2.05
N LEU D 242 -11.53 -16.08 -2.65
CA LEU D 242 -12.05 -17.41 -2.99
C LEU D 242 -11.14 -18.15 -3.98
N ALA D 243 -10.77 -17.46 -5.05
CA ALA D 243 -9.88 -18.02 -6.08
C ALA D 243 -8.52 -18.42 -5.49
N THR D 244 -8.03 -17.67 -4.51
CA THR D 244 -6.76 -17.94 -3.84
C THR D 244 -6.84 -19.23 -3.02
N THR D 245 -7.87 -19.32 -2.17
CA THR D 245 -8.14 -20.53 -1.40
C THR D 245 -8.30 -21.77 -2.30
N MET D 246 -8.84 -21.57 -3.50
CA MET D 246 -9.16 -22.68 -4.38
C MET D 246 -8.15 -22.90 -5.51
N ASP D 247 -7.07 -22.12 -5.51
CA ASP D 247 -6.04 -22.13 -6.57
C ASP D 247 -6.65 -22.22 -7.98
N THR D 248 -7.59 -21.33 -8.24
CA THR D 248 -8.35 -21.38 -9.47
C THR D 248 -8.18 -20.06 -10.21
N PRO D 249 -7.69 -20.12 -11.46
CA PRO D 249 -7.60 -18.92 -12.29
C PRO D 249 -8.97 -18.26 -12.43
N ILE D 250 -9.00 -16.93 -12.46
CA ILE D 250 -10.26 -16.18 -12.47
C ILE D 250 -10.22 -14.94 -13.39
N LEU D 251 -11.31 -14.72 -14.13
CA LEU D 251 -11.48 -13.50 -14.93
C LEU D 251 -12.66 -12.68 -14.42
N PHE D 252 -12.43 -11.40 -14.16
CA PHE D 252 -13.50 -10.47 -13.81
C PHE D 252 -13.99 -9.76 -15.05
N VAL D 253 -15.30 -9.82 -15.30
CA VAL D 253 -15.91 -9.15 -16.45
C VAL D 253 -16.27 -7.69 -16.15
N HIS D 254 -16.30 -6.88 -17.20
CA HIS D 254 -16.63 -5.45 -17.13
C HIS D 254 -16.28 -4.75 -15.80
N VAL D 255 -14.97 -4.65 -15.52
CA VAL D 255 -14.49 -3.95 -14.34
C VAL D 255 -14.62 -2.46 -14.58
N SER D 256 -15.15 -1.75 -13.58
CA SER D 256 -15.40 -0.32 -13.70
C SER D 256 -14.97 0.47 -12.47
N SER D 257 -14.65 -0.25 -11.39
CA SER D 257 -14.36 0.39 -10.10
C SER D 257 -12.87 0.51 -9.82
N PRO D 258 -12.42 1.71 -9.40
CA PRO D 258 -11.00 1.90 -9.04
C PRO D 258 -10.54 0.96 -7.92
N GLN D 259 -11.43 0.70 -6.94
CA GLN D 259 -11.11 -0.19 -5.82
C GLN D 259 -10.98 -1.63 -6.27
N ALA D 260 -11.79 -2.02 -7.26
CA ALA D 260 -11.72 -3.35 -7.87
C ALA D 260 -10.41 -3.50 -8.64
N ALA D 261 -10.07 -2.52 -9.46
CA ALA D 261 -8.82 -2.49 -10.19
C ALA D 261 -7.60 -2.60 -9.26
N GLU D 262 -7.69 -1.97 -8.10
CA GLU D 262 -6.62 -1.93 -7.10
C GLU D 262 -6.30 -3.31 -6.51
N VAL D 263 -7.34 -4.03 -6.07
CA VAL D 263 -7.14 -5.37 -5.56
C VAL D 263 -6.77 -6.38 -6.64
N ILE D 264 -7.29 -6.18 -7.87
CA ILE D 264 -6.89 -6.98 -9.03
C ILE D 264 -5.38 -6.83 -9.31
N LYS D 265 -4.90 -5.58 -9.37
CA LYS D 265 -3.49 -5.27 -9.59
C LYS D 265 -2.60 -5.94 -8.53
N GLN D 266 -2.98 -5.77 -7.27
CA GLN D 266 -2.24 -6.36 -6.15
C GLN D 266 -2.07 -7.88 -6.27
N ALA D 267 -3.12 -8.56 -6.70
CA ALA D 267 -3.08 -10.00 -6.93
C ALA D 267 -2.16 -10.38 -8.10
N GLN D 268 -2.25 -9.62 -9.19
CA GLN D 268 -1.40 -9.85 -10.36
C GLN D 268 0.08 -9.66 -10.02
N THR D 269 0.37 -8.65 -9.18
CA THR D 269 1.72 -8.38 -8.70
C THR D 269 2.27 -9.57 -7.89
N LYS D 270 1.38 -10.20 -7.10
CA LYS D 270 1.72 -11.43 -6.37
C LYS D 270 1.91 -12.65 -7.28
N GLY D 271 1.45 -12.55 -8.52
CA GLY D 271 1.58 -13.65 -9.48
C GLY D 271 0.40 -14.59 -9.52
N LEU D 272 -0.66 -14.27 -8.78
CA LEU D 272 -1.90 -15.04 -8.84
C LEU D 272 -2.50 -14.91 -10.23
N LYS D 273 -3.18 -15.95 -10.70
CA LYS D 273 -3.75 -15.92 -12.04
C LYS D 273 -5.13 -15.25 -12.00
N VAL D 274 -5.11 -13.93 -12.03
CA VAL D 274 -6.29 -13.09 -11.94
C VAL D 274 -6.31 -12.24 -13.21
N TYR D 275 -7.30 -12.49 -14.06
CA TYR D 275 -7.46 -11.73 -15.30
C TYR D 275 -8.66 -10.80 -15.19
N ALA D 276 -8.69 -9.78 -16.04
CA ALA D 276 -9.77 -8.77 -15.99
C ALA D 276 -10.12 -8.22 -17.38
N GLU D 277 -11.39 -7.84 -17.49
CA GLU D 277 -11.97 -7.27 -18.69
C GLU D 277 -12.56 -5.91 -18.32
N THR D 278 -12.46 -4.95 -19.23
CA THR D 278 -13.21 -3.71 -19.12
C THR D 278 -13.87 -3.42 -20.46
N CYS D 279 -14.65 -2.35 -20.53
CA CYS D 279 -15.45 -2.01 -21.71
C CYS D 279 -15.29 -0.52 -22.05
N PRO D 280 -15.41 -0.18 -23.35
CA PRO D 280 -15.21 1.20 -23.79
C PRO D 280 -16.03 2.21 -22.98
N GLN D 281 -17.28 1.90 -22.69
CA GLN D 281 -18.17 2.79 -21.92
C GLN D 281 -17.65 3.22 -20.55
N TYR D 282 -16.78 2.41 -19.94
CA TYR D 282 -16.24 2.75 -18.63
C TYR D 282 -15.04 3.69 -18.70
N ALA D 283 -14.47 3.82 -19.89
CA ALA D 283 -13.41 4.79 -20.12
C ALA D 283 -13.90 6.09 -20.77
N LEU D 284 -15.07 6.05 -21.39
CA LEU D 284 -15.50 7.13 -22.27
C LEU D 284 -16.68 7.95 -21.76
N LEU D 285 -17.51 7.32 -20.93
CA LEU D 285 -18.71 7.98 -20.40
C LEU D 285 -18.67 8.13 -18.89
N SER D 286 -19.32 9.18 -18.39
CA SER D 286 -19.51 9.40 -16.95
C SER D 286 -21.00 9.51 -16.65
N ASP D 287 -21.38 9.34 -15.38
CA ASP D 287 -22.80 9.30 -15.01
C ASP D 287 -23.58 10.61 -15.17
N ALA D 288 -22.89 11.70 -15.51
CA ALA D 288 -23.53 12.96 -15.86
C ALA D 288 -24.51 12.81 -17.05
N ILE D 289 -24.23 11.83 -17.91
CA ILE D 289 -25.05 11.54 -19.08
C ILE D 289 -26.42 10.88 -18.74
N THR D 290 -26.62 10.48 -17.49
CA THR D 290 -27.86 9.80 -17.06
C THR D 290 -28.95 10.75 -16.54
N ARG D 291 -28.65 12.04 -16.48
CA ARG D 291 -29.66 13.07 -16.17
C ARG D 291 -29.15 14.43 -16.62
N CYS D 292 -29.80 15.53 -16.23
CA CYS D 292 -29.22 16.85 -16.52
C CYS D 292 -29.18 17.79 -15.32
N HIS D 293 -27.97 18.09 -14.86
CA HIS D 293 -27.75 19.09 -13.82
C HIS D 293 -26.44 19.85 -14.04
N VAL D 303 -10.41 13.16 -21.22
CA VAL D 303 -9.93 11.81 -21.55
C VAL D 303 -11.07 10.91 -22.08
N GLY D 304 -12.29 11.46 -22.05
CA GLY D 304 -13.45 10.77 -22.62
C GLY D 304 -14.10 11.51 -23.77
N ILE D 305 -15.33 11.12 -24.07
CA ILE D 305 -16.13 11.78 -25.09
C ILE D 305 -16.66 13.10 -24.55
N ASP D 306 -16.61 14.15 -25.36
CA ASP D 306 -17.32 15.38 -25.07
C ASP D 306 -18.81 15.03 -25.02
N LEU D 307 -19.36 14.99 -23.81
CA LEU D 307 -20.72 14.47 -23.58
C LEU D 307 -21.82 15.33 -24.21
N SER D 308 -21.53 16.61 -24.41
CA SER D 308 -22.50 17.53 -25.01
C SER D 308 -22.63 17.30 -26.52
N SER D 309 -21.71 16.51 -27.09
CA SER D 309 -21.72 16.22 -28.52
C SER D 309 -22.56 14.98 -28.85
N ILE D 310 -22.93 14.22 -27.82
CA ILE D 310 -23.84 13.08 -27.98
C ILE D 310 -25.24 13.61 -28.26
N SER D 311 -25.88 13.10 -29.31
CA SER D 311 -27.25 13.51 -29.61
C SER D 311 -28.28 12.57 -28.95
N GLU D 312 -29.47 13.12 -28.73
CA GLU D 312 -30.61 12.39 -28.15
C GLU D 312 -30.32 11.83 -26.75
N SER D 313 -29.88 12.73 -25.87
CA SER D 313 -29.55 12.42 -24.47
C SER D 313 -30.34 13.35 -23.56
N PRO D 314 -30.18 13.22 -22.22
CA PRO D 314 -30.81 14.16 -21.29
C PRO D 314 -30.42 15.63 -21.51
N PHE D 315 -29.22 15.84 -22.08
CA PHE D 315 -28.74 17.20 -22.43
C PHE D 315 -29.60 17.85 -23.52
N THR D 316 -29.89 17.10 -24.58
CA THR D 316 -30.62 17.61 -25.75
C THR D 316 -32.14 17.47 -25.60
N ASN D 317 -32.57 16.46 -24.85
CA ASN D 317 -33.99 16.20 -24.62
C ASN D 317 -34.35 16.20 -23.12
N PRO D 318 -34.30 17.39 -22.48
CA PRO D 318 -34.48 17.43 -21.02
C PRO D 318 -35.92 17.20 -20.59
N ASP D 319 -36.87 17.34 -21.51
CA ASP D 319 -38.28 17.05 -21.25
C ASP D 319 -38.55 15.54 -21.10
N ASP D 320 -37.73 14.72 -21.74
CA ASP D 320 -37.85 13.26 -21.66
C ASP D 320 -37.13 12.73 -20.41
N ARG D 321 -37.91 12.48 -19.37
CA ARG D 321 -37.39 12.07 -18.05
C ARG D 321 -36.77 10.68 -18.04
N PHE D 322 -37.13 9.86 -19.03
CA PHE D 322 -36.75 8.44 -19.05
C PHE D 322 -35.54 8.15 -19.97
N ILE D 323 -35.05 9.18 -20.65
CA ILE D 323 -34.01 9.01 -21.68
C ILE D 323 -32.65 8.56 -21.13
N GLY D 324 -32.42 8.78 -19.83
CA GLY D 324 -31.23 8.29 -19.14
C GLY D 324 -31.07 6.77 -19.20
N SER D 325 -32.19 6.08 -19.40
CA SER D 325 -32.23 4.62 -19.51
C SER D 325 -31.34 4.08 -20.64
N LYS D 326 -31.14 4.90 -21.68
CA LYS D 326 -30.25 4.57 -22.79
C LYS D 326 -28.85 4.15 -22.32
N TYR D 327 -28.45 4.66 -21.15
CA TYR D 327 -27.09 4.49 -20.64
C TYR D 327 -27.03 3.71 -19.34
N ILE D 328 -28.11 3.00 -19.00
CA ILE D 328 -28.14 2.19 -17.79
C ILE D 328 -27.60 0.79 -18.07
N CYS D 329 -26.54 0.43 -17.35
CA CYS D 329 -25.93 -0.90 -17.44
C CYS D 329 -25.37 -1.30 -16.08
N SER D 330 -24.89 -2.55 -15.98
CA SER D 330 -24.30 -3.05 -14.74
C SER D 330 -22.92 -3.67 -14.96
N PRO D 331 -21.90 -3.18 -14.22
CA PRO D 331 -22.03 -2.13 -13.20
C PRO D 331 -22.31 -0.77 -13.86
N PRO D 332 -22.80 0.22 -13.07
CA PRO D 332 -23.19 1.50 -13.67
C PRO D 332 -22.01 2.28 -14.23
N ILE D 333 -22.27 3.10 -15.25
CA ILE D 333 -21.33 4.12 -15.68
C ILE D 333 -21.05 5.04 -14.48
N ARG D 334 -19.77 5.28 -14.24
CA ARG D 334 -19.29 5.82 -12.96
C ARG D 334 -19.21 7.34 -12.93
N PRO D 335 -19.09 7.94 -11.72
CA PRO D 335 -19.01 9.41 -11.64
C PRO D 335 -17.77 9.99 -12.32
N GLU D 336 -17.82 11.29 -12.60
CA GLU D 336 -16.70 12.02 -13.19
C GLU D 336 -15.41 11.84 -12.37
N GLY D 337 -14.30 11.62 -13.06
CA GLY D 337 -12.99 11.50 -12.41
C GLY D 337 -12.49 10.07 -12.31
N THR D 338 -13.37 9.11 -12.60
CA THR D 338 -13.08 7.68 -12.53
C THR D 338 -12.49 7.12 -13.83
N GLN D 339 -12.89 7.70 -14.97
CA GLN D 339 -12.61 7.10 -16.27
C GLN D 339 -11.11 7.01 -16.64
N LYS D 340 -10.31 7.96 -16.15
CA LYS D 340 -8.86 7.95 -16.35
C LYS D 340 -8.18 6.69 -15.83
N SER D 341 -8.61 6.21 -14.66
CA SER D 341 -8.05 4.98 -14.09
C SER D 341 -8.34 3.72 -14.92
N ILE D 342 -9.40 3.77 -15.74
CA ILE D 342 -9.71 2.66 -16.65
C ILE D 342 -8.70 2.61 -17.80
N TRP D 343 -8.35 3.76 -18.35
CA TRP D 343 -7.31 3.85 -19.40
C TRP D 343 -5.97 3.34 -18.87
N LYS D 344 -5.60 3.81 -17.68
CA LYS D 344 -4.36 3.39 -17.02
C LYS D 344 -4.32 1.87 -16.83
N GLY D 345 -5.48 1.30 -16.49
CA GLY D 345 -5.63 -0.13 -16.34
C GLY D 345 -5.40 -0.89 -17.62
N MET D 346 -5.88 -0.35 -18.74
CA MET D 346 -5.65 -0.95 -20.05
C MET D 346 -4.17 -0.94 -20.41
N ASN D 347 -3.48 0.13 -20.03
CA ASN D 347 -2.07 0.31 -20.37
C ASN D 347 -1.10 -0.49 -19.49
N ASN D 348 -1.37 -0.54 -18.19
CA ASN D 348 -0.43 -1.13 -17.23
C ASN D 348 -0.56 -2.64 -16.99
N GLY D 349 -1.49 -3.28 -17.70
CA GLY D 349 -1.67 -4.72 -17.58
C GLY D 349 -2.79 -5.21 -16.65
N THR D 350 -3.54 -4.27 -16.06
CA THR D 350 -4.66 -4.66 -15.22
C THR D 350 -5.73 -5.37 -16.05
N PHE D 351 -6.04 -4.84 -17.22
CA PHE D 351 -7.04 -5.46 -18.06
C PHE D 351 -6.40 -6.29 -19.18
N THR D 352 -6.71 -7.57 -19.14
CA THR D 352 -6.20 -8.54 -20.10
C THR D 352 -6.89 -8.34 -21.46
N ILE D 353 -8.20 -8.09 -21.40
CA ILE D 353 -9.03 -7.99 -22.60
C ILE D 353 -10.01 -6.82 -22.47
N VAL D 354 -10.58 -6.40 -23.61
CA VAL D 354 -11.66 -5.44 -23.63
C VAL D 354 -12.82 -6.01 -24.43
N GLY D 355 -14.00 -6.05 -23.82
CA GLY D 355 -15.23 -6.51 -24.48
C GLY D 355 -16.24 -5.39 -24.50
N SER D 356 -17.42 -5.63 -25.06
CA SER D 356 -18.42 -4.56 -25.19
C SER D 356 -19.54 -4.63 -24.15
N ASP D 357 -19.86 -5.84 -23.71
CA ASP D 357 -21.06 -6.11 -22.89
C ASP D 357 -22.27 -5.65 -23.69
N HIS D 358 -22.23 -5.95 -24.99
CA HIS D 358 -23.27 -5.65 -25.96
C HIS D 358 -24.60 -6.25 -25.50
N CYS D 359 -25.58 -5.39 -25.22
CA CYS D 359 -26.90 -5.85 -24.78
C CYS D 359 -27.95 -4.82 -25.16
N SER D 360 -28.79 -5.19 -26.13
CA SER D 360 -29.60 -4.21 -26.86
C SER D 360 -31.12 -4.26 -26.62
N TYR D 361 -31.66 -3.10 -26.25
CA TYR D 361 -33.09 -2.90 -26.07
C TYR D 361 -33.47 -1.57 -26.70
N ASN D 362 -34.56 -1.58 -27.48
CA ASN D 362 -35.03 -0.38 -28.18
C ASN D 362 -35.44 0.77 -27.26
N TYR D 363 -35.26 1.99 -27.75
CA TYR D 363 -35.77 3.18 -27.06
C TYR D 363 -36.94 3.87 -27.76
N TYR D 364 -36.92 3.85 -29.10
CA TYR D 364 -37.91 4.61 -29.87
C TYR D 364 -39.18 3.84 -30.27
N GLU D 365 -39.28 2.59 -29.84
CA GLU D 365 -40.58 1.92 -29.77
C GLU D 365 -40.78 1.46 -28.32
N LYS D 366 -42.02 1.54 -27.84
CA LYS D 366 -42.29 1.42 -26.40
C LYS D 366 -43.11 0.19 -26.01
N THR D 367 -43.68 -0.49 -27.02
CA THR D 367 -44.69 -1.52 -26.79
C THR D 367 -44.13 -2.96 -26.69
N SER D 368 -43.02 -3.23 -27.38
CA SER D 368 -42.50 -4.60 -27.47
C SER D 368 -41.81 -5.08 -26.19
N THR D 369 -41.65 -6.40 -26.09
CA THR D 369 -41.03 -7.06 -24.95
C THR D 369 -39.52 -6.80 -24.88
N ALA D 370 -38.99 -6.16 -25.93
CA ALA D 370 -37.56 -5.88 -26.06
C ALA D 370 -37.27 -4.38 -25.99
N SER D 371 -38.21 -3.62 -25.46
CA SER D 371 -38.06 -2.17 -25.29
C SER D 371 -37.59 -1.81 -23.88
N LYS D 372 -36.80 -0.74 -23.79
CA LYS D 372 -36.45 -0.15 -22.50
C LYS D 372 -37.67 0.26 -21.69
N HIS D 373 -38.74 0.64 -22.40
CA HIS D 373 -39.99 1.10 -21.77
C HIS D 373 -40.79 -0.05 -21.16
N ARG D 374 -40.28 -1.25 -21.31
CA ARG D 374 -40.72 -2.43 -20.59
C ARG D 374 -40.77 -2.16 -19.06
N ALA D 375 -40.05 -1.13 -18.61
CA ALA D 375 -40.04 -0.67 -17.22
C ALA D 375 -41.37 -0.04 -16.80
N PHE D 376 -42.18 0.32 -17.78
CA PHE D 376 -43.54 0.83 -17.57
C PHE D 376 -44.53 -0.31 -17.82
N ASP D 377 -45.08 -0.86 -16.74
CA ASP D 377 -46.07 -1.93 -16.80
C ASP D 377 -46.98 -1.83 -15.58
N PRO D 378 -47.94 -0.90 -15.62
CA PRO D 378 -48.72 -0.52 -14.43
C PRO D 378 -49.46 -1.72 -13.81
N GLU D 379 -49.81 -2.68 -14.67
CA GLU D 379 -50.48 -3.92 -14.27
C GLU D 379 -49.62 -4.82 -13.40
N ASN D 380 -48.30 -4.73 -13.58
CA ASN D 380 -47.36 -5.52 -12.79
C ASN D 380 -46.55 -4.66 -11.81
N ASN D 381 -47.19 -3.62 -11.28
CA ASN D 381 -46.59 -2.68 -10.33
C ASN D 381 -45.21 -2.14 -10.77
N LYS D 382 -45.13 -1.76 -12.05
CA LYS D 382 -43.92 -1.21 -12.65
C LYS D 382 -44.26 0.15 -13.24
N ASN D 383 -43.63 1.21 -12.75
CA ASN D 383 -43.95 2.55 -13.21
C ASN D 383 -42.71 3.39 -13.59
N GLY D 384 -41.72 2.73 -14.19
CA GLY D 384 -40.53 3.39 -14.70
C GLY D 384 -39.34 3.51 -13.75
N GLU D 385 -39.47 2.93 -12.55
CA GLU D 385 -38.40 2.96 -11.54
C GLU D 385 -37.14 2.30 -12.09
N PHE D 386 -35.98 2.82 -11.70
CA PHE D 386 -34.72 2.35 -12.30
C PHE D 386 -34.53 0.84 -12.15
N ARG D 387 -35.07 0.28 -11.07
CA ARG D 387 -34.94 -1.15 -10.82
C ARG D 387 -35.52 -2.01 -11.96
N TYR D 388 -36.49 -1.46 -12.69
CA TYR D 388 -37.14 -2.20 -13.77
C TYR D 388 -36.56 -1.90 -15.17
N ILE D 389 -35.59 -1.00 -15.26
CA ILE D 389 -34.94 -0.68 -16.53
C ILE D 389 -34.04 -1.85 -16.96
N PRO D 390 -34.29 -2.41 -18.17
CA PRO D 390 -33.37 -3.43 -18.69
C PRO D 390 -31.97 -2.88 -18.87
N ASN D 391 -31.00 -3.52 -18.24
CA ASN D 391 -29.61 -3.08 -18.24
C ASN D 391 -28.87 -3.47 -19.50
N GLY D 392 -28.12 -2.53 -20.07
CA GLY D 392 -27.30 -2.82 -21.24
C GLY D 392 -27.20 -1.70 -22.27
N LEU D 393 -26.09 -1.68 -22.99
CA LEU D 393 -25.91 -0.80 -24.16
C LEU D 393 -25.52 -1.62 -25.40
N PRO D 394 -25.93 -1.17 -26.60
CA PRO D 394 -25.35 -1.72 -27.81
C PRO D 394 -23.93 -1.23 -27.92
N GLY D 395 -23.01 -2.11 -28.29
CA GLY D 395 -21.60 -1.76 -28.33
C GLY D 395 -20.69 -2.61 -29.22
N VAL D 396 -21.20 -3.72 -29.75
CA VAL D 396 -20.36 -4.65 -30.52
C VAL D 396 -19.76 -4.03 -31.80
N CYS D 397 -20.50 -3.13 -32.44
CA CYS D 397 -20.00 -2.43 -33.60
C CYS D 397 -18.94 -1.36 -33.26
N THR D 398 -19.21 -0.57 -32.22
CA THR D 398 -18.37 0.59 -31.88
C THR D 398 -17.08 0.29 -31.12
N ARG D 399 -16.95 -0.92 -30.58
CA ARG D 399 -15.79 -1.27 -29.72
C ARG D 399 -14.43 -1.00 -30.37
N MET D 400 -14.20 -1.56 -31.55
CA MET D 400 -12.91 -1.40 -32.24
C MET D 400 -12.61 0.05 -32.69
N PRO D 401 -13.54 0.70 -33.40
CA PRO D 401 -13.31 2.08 -33.79
C PRO D 401 -13.13 3.05 -32.63
N LEU D 402 -13.90 2.89 -31.55
CA LEU D 402 -13.72 3.76 -30.37
C LEU D 402 -12.32 3.68 -29.75
N LEU D 403 -11.75 2.48 -29.67
CA LEU D 403 -10.39 2.36 -29.13
C LEU D 403 -9.32 2.82 -30.12
N TYR D 404 -9.54 2.58 -31.41
CA TYR D 404 -8.66 3.11 -32.45
C TYR D 404 -8.56 4.63 -32.29
N ASP D 405 -9.71 5.29 -32.27
CA ASP D 405 -9.79 6.75 -32.15
C ASP D 405 -9.37 7.23 -30.75
N TYR D 406 -10.26 7.07 -29.76
CA TYR D 406 -10.03 7.63 -28.42
C TYR D 406 -8.86 6.99 -27.67
N GLY D 407 -8.46 5.78 -28.08
CA GLY D 407 -7.32 5.10 -27.48
C GLY D 407 -6.01 5.39 -28.19
N TYR D 408 -5.85 4.84 -29.40
CA TYR D 408 -4.59 5.01 -30.12
C TYR D 408 -4.35 6.45 -30.64
N LEU D 409 -5.24 6.98 -31.47
CA LEU D 409 -5.06 8.31 -32.10
C LEU D 409 -5.00 9.44 -31.08
N ARG D 410 -5.88 9.40 -30.09
CA ARG D 410 -5.92 10.47 -29.08
C ARG D 410 -4.94 10.25 -27.93
N GLY D 411 -4.31 9.08 -27.90
CA GLY D 411 -3.16 8.85 -27.03
C GLY D 411 -3.45 8.31 -25.65
N ASN D 412 -4.66 7.82 -25.43
CA ASN D 412 -5.01 7.21 -24.15
C ASN D 412 -4.50 5.76 -24.02
N LEU D 413 -4.33 5.07 -25.15
CA LEU D 413 -3.57 3.82 -25.20
C LEU D 413 -2.14 4.08 -25.67
N THR D 414 -1.22 3.24 -25.20
CA THR D 414 0.21 3.44 -25.46
C THR D 414 0.61 3.23 -26.94
N SER D 415 -0.04 2.29 -27.62
CA SER D 415 0.29 1.94 -29.01
C SER D 415 -0.79 1.08 -29.67
N MET D 416 -0.66 0.88 -30.97
CA MET D 416 -1.50 -0.04 -31.75
C MET D 416 -1.31 -1.49 -31.32
N MET D 417 -0.11 -1.81 -30.85
CA MET D 417 0.20 -3.17 -30.37
C MET D 417 -0.61 -3.54 -29.13
N LYS D 418 -0.73 -2.59 -28.20
CA LYS D 418 -1.57 -2.73 -27.00
C LYS D 418 -3.04 -2.86 -27.38
N LEU D 419 -3.45 -2.10 -28.39
CA LEU D 419 -4.80 -2.22 -28.92
C LEU D 419 -5.08 -3.64 -29.42
N VAL D 420 -4.18 -4.18 -30.26
CA VAL D 420 -4.37 -5.53 -30.79
C VAL D 420 -4.38 -6.55 -29.66
N GLU D 421 -3.43 -6.42 -28.75
CA GLU D 421 -3.27 -7.30 -27.59
C GLU D 421 -4.59 -7.52 -26.85
N ILE D 422 -5.23 -6.44 -26.46
CA ILE D 422 -6.43 -6.51 -25.63
C ILE D 422 -7.75 -6.71 -26.40
N GLN D 423 -7.77 -6.32 -27.67
CA GLN D 423 -8.97 -6.40 -28.51
C GLN D 423 -9.05 -7.71 -29.32
N CYS D 424 -7.89 -8.30 -29.61
CA CYS D 424 -7.84 -9.43 -30.55
C CYS D 424 -7.13 -10.67 -29.99
N THR D 425 -5.84 -10.53 -29.65
CA THR D 425 -5.01 -11.68 -29.33
C THR D 425 -5.30 -12.28 -27.96
N ASN D 426 -5.31 -11.44 -26.92
CA ASN D 426 -5.60 -11.90 -25.55
C ASN D 426 -6.97 -12.57 -25.39
N PRO D 427 -8.04 -11.98 -25.98
CA PRO D 427 -9.32 -12.70 -25.98
C PRO D 427 -9.26 -14.13 -26.58
N ALA D 428 -8.56 -14.31 -27.71
CA ALA D 428 -8.41 -15.65 -28.28
C ALA D 428 -7.66 -16.61 -27.34
N LYS D 429 -6.61 -16.10 -26.70
CA LYS D 429 -5.77 -16.91 -25.82
C LYS D 429 -6.51 -17.32 -24.55
N VAL D 430 -7.23 -16.38 -23.94
CA VAL D 430 -7.88 -16.62 -22.66
C VAL D 430 -9.13 -17.50 -22.79
N TYR D 431 -9.74 -17.51 -23.97
CA TYR D 431 -10.91 -18.36 -24.22
C TYR D 431 -10.71 -19.53 -25.19
N GLY D 432 -9.46 -19.96 -25.37
CA GLY D 432 -9.14 -21.19 -26.09
C GLY D 432 -9.44 -21.23 -27.58
N MET D 433 -9.33 -20.07 -28.24
CA MET D 433 -9.53 -19.97 -29.69
C MET D 433 -8.19 -19.69 -30.39
N TYR D 434 -7.10 -19.74 -29.63
CA TYR D 434 -5.77 -19.46 -30.14
C TYR D 434 -5.08 -20.80 -30.52
N PRO D 435 -4.35 -20.85 -31.66
CA PRO D 435 -4.00 -19.82 -32.64
C PRO D 435 -4.91 -19.71 -33.86
N GLN D 436 -6.00 -20.47 -33.92
CA GLN D 436 -6.95 -20.37 -35.02
C GLN D 436 -7.40 -18.92 -35.23
N LYS D 437 -7.58 -18.21 -34.12
CA LYS D 437 -8.09 -16.85 -34.11
C LYS D 437 -7.14 -15.94 -33.34
N GLY D 438 -7.19 -14.64 -33.61
CA GLY D 438 -6.47 -13.65 -32.83
C GLY D 438 -5.23 -12.99 -33.42
N SER D 439 -4.58 -13.67 -34.36
CA SER D 439 -3.33 -13.18 -34.93
C SER D 439 -3.30 -13.29 -36.45
N ILE D 440 -2.11 -13.09 -37.03
CA ILE D 440 -1.90 -13.19 -38.48
C ILE D 440 -0.72 -14.15 -38.73
N LEU D 441 -1.02 -15.45 -38.66
CA LEU D 441 0.00 -16.49 -38.69
C LEU D 441 -0.15 -17.38 -39.91
N PRO D 442 0.82 -17.33 -40.83
CA PRO D 442 0.73 -18.07 -42.10
C PRO D 442 0.56 -19.57 -41.90
N GLY D 443 -0.41 -20.14 -42.60
CA GLY D 443 -0.70 -21.57 -42.53
C GLY D 443 -1.53 -21.97 -41.31
N VAL D 444 -1.71 -21.06 -40.36
CA VAL D 444 -2.39 -21.35 -39.09
C VAL D 444 -3.67 -20.50 -38.84
N SER D 445 -3.56 -19.19 -39.03
CA SER D 445 -4.67 -18.26 -38.74
C SER D 445 -5.80 -18.34 -39.76
N ASP D 446 -7.04 -18.36 -39.28
CA ASP D 446 -8.18 -18.04 -40.13
C ASP D 446 -7.90 -16.63 -40.67
N ALA D 447 -8.20 -16.39 -41.94
CA ALA D 447 -7.96 -15.09 -42.54
C ALA D 447 -9.00 -14.07 -42.09
N ASP D 448 -8.92 -13.69 -40.82
CA ASP D 448 -9.83 -12.72 -40.20
C ASP D 448 -9.08 -11.40 -39.99
N LEU D 449 -9.33 -10.43 -40.87
CA LEU D 449 -8.51 -9.25 -40.96
C LEU D 449 -9.31 -7.96 -41.15
N VAL D 450 -8.76 -6.86 -40.67
CA VAL D 450 -9.36 -5.53 -40.86
C VAL D 450 -8.32 -4.62 -41.52
N ILE D 451 -8.74 -3.95 -42.59
CA ILE D 451 -7.92 -2.93 -43.21
C ILE D 451 -8.61 -1.59 -42.92
N TRP D 452 -7.90 -0.70 -42.23
CA TRP D 452 -8.41 0.60 -41.87
C TRP D 452 -8.20 1.60 -43.01
N TYR D 453 -8.61 2.84 -42.80
CA TYR D 453 -8.31 3.93 -43.73
C TYR D 453 -6.96 4.52 -43.32
N PRO D 454 -6.21 5.11 -44.28
CA PRO D 454 -4.94 5.73 -43.86
C PRO D 454 -5.18 6.98 -43.01
N ASP D 455 -4.42 7.12 -41.93
CA ASP D 455 -4.59 8.23 -41.00
C ASP D 455 -4.09 9.57 -41.52
N ASP D 456 -2.94 9.57 -42.19
CA ASP D 456 -2.30 10.85 -42.57
C ASP D 456 -2.55 11.29 -44.00
N SER D 457 -3.69 10.89 -44.56
CA SER D 457 -3.97 11.13 -45.96
C SER D 457 -4.74 12.43 -46.22
N LYS D 458 -4.41 13.06 -47.33
CA LYS D 458 -5.13 14.24 -47.81
C LYS D 458 -6.27 13.84 -48.75
N LYS D 459 -6.22 12.59 -49.22
CA LYS D 459 -7.20 12.02 -50.15
C LYS D 459 -8.56 11.87 -49.46
N GLU D 460 -9.62 12.20 -50.20
CA GLU D 460 -10.99 12.07 -49.68
C GLU D 460 -11.51 10.66 -49.88
N TYR D 461 -12.17 10.13 -48.86
CA TYR D 461 -12.87 8.86 -48.95
C TYR D 461 -14.35 9.06 -48.63
N ASN D 462 -15.17 9.08 -49.68
CA ASN D 462 -16.61 9.25 -49.56
C ASN D 462 -17.25 8.26 -48.59
N SER D 463 -16.66 7.07 -48.51
CA SER D 463 -17.25 5.99 -47.72
C SER D 463 -16.81 6.02 -46.25
N LYS D 464 -15.80 6.81 -45.94
CA LYS D 464 -15.34 6.93 -44.55
C LYS D 464 -16.28 7.82 -43.74
N PRO D 465 -16.88 7.28 -42.67
CA PRO D 465 -17.84 8.06 -41.88
C PRO D 465 -17.12 9.05 -40.96
N LYS D 466 -17.78 10.17 -40.69
CA LYS D 466 -17.24 11.19 -39.79
C LYS D 466 -17.86 11.10 -38.41
N LEU D 467 -19.11 10.65 -38.35
CA LEU D 467 -19.86 10.53 -37.11
C LEU D 467 -20.39 9.12 -36.96
N ILE D 468 -20.64 8.72 -35.72
CA ILE D 468 -21.38 7.50 -35.41
C ILE D 468 -22.89 7.78 -35.50
N THR D 469 -23.57 6.94 -36.28
CA THR D 469 -25.02 7.04 -36.47
C THR D 469 -25.60 5.65 -36.24
N ASN D 470 -26.90 5.57 -36.01
CA ASN D 470 -27.57 4.26 -35.87
C ASN D 470 -27.52 3.39 -37.14
N LYS D 471 -27.74 4.01 -38.29
CA LYS D 471 -27.68 3.32 -39.59
C LYS D 471 -26.33 2.62 -39.82
N LEU D 472 -25.24 3.29 -39.42
CA LEU D 472 -23.89 2.74 -39.53
C LEU D 472 -23.64 1.49 -38.68
N MET D 473 -24.50 1.24 -37.68
CA MET D 473 -24.30 0.11 -36.77
C MET D 473 -24.64 -1.24 -37.41
N GLU D 474 -25.51 -1.23 -38.43
CA GLU D 474 -25.97 -2.45 -39.12
C GLU D 474 -26.58 -3.46 -38.16
N HIS D 475 -27.22 -2.96 -37.11
CA HIS D 475 -27.81 -3.83 -36.09
C HIS D 475 -29.34 -3.77 -36.14
N ASN D 476 -29.99 -4.41 -35.16
CA ASN D 476 -31.45 -4.44 -35.10
C ASN D 476 -32.03 -3.47 -34.06
N CYS D 477 -31.16 -2.73 -33.39
CA CYS D 477 -31.56 -1.79 -32.37
C CYS D 477 -31.88 -0.43 -33.01
N ASP D 478 -32.72 0.38 -32.35
CA ASP D 478 -33.08 1.68 -32.92
C ASP D 478 -32.25 2.86 -32.37
N TYR D 479 -31.22 2.56 -31.59
CA TYR D 479 -30.31 3.58 -31.08
C TYR D 479 -28.93 3.01 -30.78
N THR D 480 -27.93 3.90 -30.78
CA THR D 480 -26.62 3.67 -30.19
C THR D 480 -26.31 4.83 -29.22
N PRO D 481 -25.77 4.51 -28.03
CA PRO D 481 -25.49 5.58 -27.05
C PRO D 481 -24.45 6.59 -27.52
N PHE D 482 -23.68 6.23 -28.54
CA PHE D 482 -22.61 7.09 -29.06
C PHE D 482 -23.06 7.91 -30.30
N GLU D 483 -24.36 7.90 -30.56
CA GLU D 483 -24.97 8.66 -31.66
C GLU D 483 -24.43 10.09 -31.70
N GLY D 484 -24.01 10.52 -32.88
CA GLY D 484 -23.63 11.92 -33.10
C GLY D 484 -22.18 12.30 -32.84
N ILE D 485 -21.40 11.44 -32.20
CA ILE D 485 -20.02 11.78 -31.88
C ILE D 485 -19.07 11.58 -33.06
N GLU D 486 -18.04 12.42 -33.13
CA GLU D 486 -16.97 12.30 -34.12
C GLU D 486 -16.21 10.99 -33.96
N ILE D 487 -15.91 10.35 -35.09
CA ILE D 487 -15.10 9.14 -35.13
C ILE D 487 -14.07 9.26 -36.24
N LYS D 488 -12.80 9.07 -35.90
CA LYS D 488 -11.70 9.49 -36.77
C LYS D 488 -11.14 8.40 -37.70
N ASN D 489 -11.59 7.18 -37.50
CA ASN D 489 -11.31 6.06 -38.39
C ASN D 489 -12.37 4.97 -38.26
N TRP D 490 -12.43 4.11 -39.27
CA TRP D 490 -13.42 3.04 -39.35
C TRP D 490 -12.87 1.96 -40.28
N PRO D 491 -13.24 0.69 -40.05
CA PRO D 491 -13.00 -0.41 -41.00
C PRO D 491 -13.32 -0.08 -42.45
N ARG D 492 -12.31 -0.17 -43.32
CA ARG D 492 -12.52 0.02 -44.76
C ARG D 492 -12.83 -1.33 -45.41
N TYR D 493 -12.16 -2.38 -44.92
CA TYR D 493 -12.45 -3.75 -45.29
C TYR D 493 -12.50 -4.59 -44.02
N THR D 494 -13.50 -5.46 -43.92
CA THR D 494 -13.49 -6.50 -42.91
C THR D 494 -13.50 -7.84 -43.63
N ILE D 495 -12.42 -8.59 -43.46
CA ILE D 495 -12.25 -9.89 -44.09
C ILE D 495 -12.51 -11.00 -43.08
N VAL D 496 -13.43 -11.90 -43.41
CA VAL D 496 -13.79 -13.00 -42.52
C VAL D 496 -13.51 -14.32 -43.25
N LYS D 497 -12.58 -15.10 -42.70
CA LYS D 497 -12.14 -16.37 -43.32
C LYS D 497 -11.81 -16.23 -44.81
N GLY D 498 -11.00 -15.23 -45.13
CA GLY D 498 -10.50 -15.02 -46.49
C GLY D 498 -11.47 -14.39 -47.48
N LYS D 499 -12.65 -14.01 -47.00
CA LYS D 499 -13.67 -13.41 -47.85
C LYS D 499 -14.02 -12.00 -47.37
N ILE D 500 -14.25 -11.09 -48.31
CA ILE D 500 -14.62 -9.72 -47.99
C ILE D 500 -16.10 -9.66 -47.64
N VAL D 501 -16.40 -9.31 -46.38
CA VAL D 501 -17.77 -9.27 -45.87
C VAL D 501 -18.24 -7.83 -45.62
N TYR D 502 -17.30 -6.93 -45.44
CA TYR D 502 -17.60 -5.50 -45.30
C TYR D 502 -16.63 -4.72 -46.17
N LYS D 503 -17.17 -3.92 -47.08
CA LYS D 503 -16.36 -3.11 -47.98
C LYS D 503 -16.94 -1.69 -48.06
N GLU D 504 -16.21 -0.73 -47.48
CA GLU D 504 -16.50 0.70 -47.67
C GLU D 504 -17.97 1.08 -47.37
N GLY D 505 -18.45 0.64 -46.21
CA GLY D 505 -19.82 0.95 -45.76
C GLY D 505 -20.88 -0.08 -46.14
N GLU D 506 -20.51 -1.04 -47.00
CA GLU D 506 -21.45 -2.03 -47.50
C GLU D 506 -21.17 -3.44 -46.98
N ILE D 507 -22.23 -4.09 -46.52
CA ILE D 507 -22.18 -5.49 -46.12
C ILE D 507 -22.37 -6.34 -47.37
N LEU D 508 -21.55 -7.38 -47.53
CA LEU D 508 -21.72 -8.31 -48.65
C LEU D 508 -22.25 -9.66 -48.15
N LYS D 509 -23.58 -9.75 -48.08
CA LYS D 509 -24.27 -10.92 -47.52
C LYS D 509 -23.90 -12.25 -48.20
N GLU D 510 -23.57 -12.22 -49.50
CA GLU D 510 -23.23 -13.46 -50.21
C GLU D 510 -21.91 -14.09 -49.74
N ASN D 511 -21.09 -13.33 -49.00
CA ASN D 511 -19.85 -13.87 -48.42
C ASN D 511 -19.97 -14.21 -46.94
N ALA D 512 -21.20 -14.18 -46.42
CA ALA D 512 -21.45 -14.54 -45.02
C ALA D 512 -21.48 -16.05 -44.85
N ASP D 513 -20.48 -16.59 -44.16
CA ASP D 513 -20.35 -18.05 -43.97
C ASP D 513 -19.91 -18.43 -42.55
N GLY D 514 -20.37 -17.66 -41.56
CA GLY D 514 -19.99 -17.88 -40.17
C GLY D 514 -20.49 -19.21 -39.60
N LYS D 515 -19.71 -19.75 -38.66
CA LYS D 515 -20.06 -21.03 -38.03
C LYS D 515 -19.84 -21.02 -36.52
N TYR D 516 -20.53 -21.93 -35.83
CA TYR D 516 -20.28 -22.16 -34.42
C TYR D 516 -18.85 -22.64 -34.20
N LEU D 517 -18.22 -22.11 -33.15
CA LEU D 517 -16.83 -22.39 -32.89
C LEU D 517 -16.65 -23.31 -31.68
N LYS D 518 -16.10 -24.50 -31.89
CA LYS D 518 -15.65 -25.35 -30.78
C LYS D 518 -14.30 -24.85 -30.27
N ARG D 519 -14.22 -24.58 -28.97
CA ARG D 519 -13.04 -23.97 -28.38
C ARG D 519 -12.25 -24.98 -27.55
N GLY D 520 -10.94 -24.75 -27.41
CA GLY D 520 -10.09 -25.62 -26.60
C GLY D 520 -9.92 -25.13 -25.16
N LYS D 521 -9.00 -25.75 -24.45
CA LYS D 521 -8.65 -25.32 -23.10
C LYS D 521 -7.62 -24.21 -23.22
N SER D 522 -7.79 -23.15 -22.42
CA SER D 522 -6.85 -22.03 -22.44
C SER D 522 -5.53 -22.39 -21.75
N PHE D 523 -4.41 -22.09 -22.38
CA PHE D 523 -3.13 -22.31 -21.77
C PHE D 523 -2.87 -21.30 -20.62
N MET D 524 -3.69 -20.25 -20.55
CA MET D 524 -3.57 -19.24 -19.49
C MET D 524 -4.28 -19.65 -18.22
N CYS D 525 -5.14 -20.66 -18.30
CA CYS D 525 -5.97 -21.08 -17.17
C CYS D 525 -5.59 -22.43 -16.55
N THR D 526 -4.39 -22.93 -16.84
CA THR D 526 -3.80 -24.00 -16.04
C THR D 526 -3.51 -23.43 -14.63
N PRO D 527 -3.60 -24.25 -13.58
CA PRO D 527 -3.49 -23.68 -12.22
C PRO D 527 -2.06 -23.34 -11.83
N LYS D 528 -1.90 -22.42 -10.87
CA LYS D 528 -0.59 -22.05 -10.35
C LYS D 528 0.02 -23.13 -9.44
N ASN D 529 -0.82 -23.99 -8.88
CA ASN D 529 -0.37 -25.01 -7.92
C ASN D 529 0.14 -24.40 -6.61
N GLU D 530 -0.57 -23.39 -6.13
CA GLU D 530 -0.15 -22.63 -4.96
C GLU D 530 -1.33 -22.57 -4.02
N TRP D 531 -1.06 -22.82 -2.73
CA TRP D 531 -2.13 -22.98 -1.76
C TRP D 531 -1.87 -22.19 -0.48
N VAL D 532 -2.95 -21.87 0.22
CA VAL D 532 -2.87 -21.15 1.49
C VAL D 532 -2.56 -22.07 2.66
N THR D 533 -3.06 -23.31 2.61
CA THR D 533 -2.82 -24.31 3.68
C THR D 533 -2.29 -25.63 3.09
N GLU D 534 -2.12 -26.64 3.93
CA GLU D 534 -1.68 -27.96 3.47
C GLU D 534 -2.74 -28.75 2.72
N TRP D 535 -3.99 -28.29 2.73
CA TRP D 535 -5.07 -28.97 2.01
C TRP D 535 -4.84 -28.99 0.50
N ARG D 536 -5.17 -30.13 -0.11
CA ARG D 536 -5.19 -30.32 -1.56
C ARG D 536 -6.48 -31.04 -1.97
N PRO D 537 -7.04 -30.70 -3.16
CA PRO D 537 -8.18 -31.44 -3.71
C PRO D 537 -7.86 -32.93 -3.85
N LYS D 538 -8.87 -33.77 -3.61
CA LYS D 538 -8.70 -35.21 -3.66
C LYS D 538 -8.00 -35.73 -4.92
N TYR D 539 -8.32 -35.18 -6.09
CA TYR D 539 -7.81 -35.70 -7.37
C TYR D 539 -6.33 -35.42 -7.61
N GLU D 540 -5.73 -34.59 -6.76
CA GLU D 540 -4.33 -34.19 -6.86
C GLU D 540 -3.38 -35.36 -6.58
N SER D 541 -3.82 -36.28 -5.71
CA SER D 541 -3.02 -37.46 -5.35
C SER D 541 -3.67 -38.74 -5.83
#